data_2ZYC
# 
_entry.id   2ZYC 
# 
_audit_conform.dict_name       mmcif_pdbx.dic 
_audit_conform.dict_version    5.392 
_audit_conform.dict_location   http://mmcif.pdb.org/dictionaries/ascii/mmcif_pdbx.dic 
# 
loop_
_database_2.database_id 
_database_2.database_code 
_database_2.pdbx_database_accession 
_database_2.pdbx_DOI 
PDB   2ZYC         pdb_00002zyc 10.2210/pdb2zyc/pdb 
RCSB  RCSB028579   ?            ?                   
WWPDB D_1000028579 ?            ?                   
# 
loop_
_pdbx_audit_revision_history.ordinal 
_pdbx_audit_revision_history.data_content_type 
_pdbx_audit_revision_history.major_revision 
_pdbx_audit_revision_history.minor_revision 
_pdbx_audit_revision_history.revision_date 
1 'Structure model' 1 0 2009-02-03 
2 'Structure model' 1 1 2011-07-13 
3 'Structure model' 1 2 2021-11-10 
4 'Structure model' 1 3 2024-05-29 
# 
_pdbx_audit_revision_details.ordinal             1 
_pdbx_audit_revision_details.revision_ordinal    1 
_pdbx_audit_revision_details.data_content_type   'Structure model' 
_pdbx_audit_revision_details.provider            repository 
_pdbx_audit_revision_details.type                'Initial release' 
_pdbx_audit_revision_details.description         ? 
_pdbx_audit_revision_details.details             ? 
# 
loop_
_pdbx_audit_revision_group.ordinal 
_pdbx_audit_revision_group.revision_ordinal 
_pdbx_audit_revision_group.data_content_type 
_pdbx_audit_revision_group.group 
1 2 'Structure model' 'Version format compliance' 
2 3 'Structure model' 'Database references'       
3 3 'Structure model' 'Derived calculations'      
4 4 'Structure model' 'Data collection'           
# 
loop_
_pdbx_audit_revision_category.ordinal 
_pdbx_audit_revision_category.revision_ordinal 
_pdbx_audit_revision_category.data_content_type 
_pdbx_audit_revision_category.category 
1 3 'Structure model' database_2         
2 3 'Structure model' struct_ref_seq_dif 
3 3 'Structure model' struct_site        
4 4 'Structure model' chem_comp_atom     
5 4 'Structure model' chem_comp_bond     
# 
loop_
_pdbx_audit_revision_item.ordinal 
_pdbx_audit_revision_item.revision_ordinal 
_pdbx_audit_revision_item.data_content_type 
_pdbx_audit_revision_item.item 
1 3 'Structure model' '_database_2.pdbx_DOI'                
2 3 'Structure model' '_database_2.pdbx_database_accession' 
3 3 'Structure model' '_struct_ref_seq_dif.details'         
4 3 'Structure model' '_struct_site.pdbx_auth_asym_id'      
5 3 'Structure model' '_struct_site.pdbx_auth_comp_id'      
6 3 'Structure model' '_struct_site.pdbx_auth_seq_id'       
# 
_pdbx_database_status.status_code                     REL 
_pdbx_database_status.entry_id                        2ZYC 
_pdbx_database_status.recvd_initial_deposition_date   2009-01-19 
_pdbx_database_status.deposit_site                    PDBJ 
_pdbx_database_status.process_site                    PDBJ 
_pdbx_database_status.status_code_sf                  REL 
_pdbx_database_status.status_code_mr                  ? 
_pdbx_database_status.SG_entry                        ? 
_pdbx_database_status.pdb_format_compatible           Y 
_pdbx_database_status.status_code_cs                  ? 
_pdbx_database_status.status_code_nmr_data            ? 
_pdbx_database_status.methods_development_category    ? 
# 
loop_
_audit_author.name 
_audit_author.pdbx_ordinal 
'Ochiai, A.'    1 
'Mikami, B.'    2 
'Hashimoto, W.' 3 
'Murata, K.'    4 
# 
_citation.id                        primary 
_citation.title                     'Crystal structure of the glycosidase family 73 peptidoglycan hydrolase FlgJ' 
_citation.journal_abbrev            Biochem.Biophys.Res.Commun. 
_citation.journal_volume            381 
_citation.page_first                16 
_citation.page_last                 21 
_citation.year                      2009 
_citation.journal_id_ASTM           BBRCA9 
_citation.country                   US 
_citation.journal_id_ISSN           0006-291X 
_citation.journal_id_CSD            0146 
_citation.book_publisher            ? 
_citation.pdbx_database_id_PubMed   19351587 
_citation.pdbx_database_id_DOI      10.1016/j.bbrc.2009.01.186 
# 
loop_
_citation_author.citation_id 
_citation_author.name 
_citation_author.ordinal 
_citation_author.identifier_ORCID 
primary 'Hashimoto, W.' 1 ? 
primary 'Ochiai, A.'    2 ? 
primary 'Momma, K.'     3 ? 
primary 'Itoh, T.'      4 ? 
primary 'Mikami, B.'    5 ? 
primary 'Maruyama, Y.'  6 ? 
primary 'Murata, K.'    7 ? 
# 
loop_
_entity.id 
_entity.type 
_entity.src_method 
_entity.pdbx_description 
_entity.formula_weight 
_entity.pdbx_number_of_molecules 
_entity.pdbx_ec 
_entity.pdbx_mutation 
_entity.pdbx_fragment 
_entity.details 
1 polymer     man 'Peptidoglycan hydrolase FlgJ' 18727.799 1   3.2.1.- 'T152M, P153A' 'Residues 152-313' ? 
2 non-polymer syn 'PHOSPHATE ION'                94.971    1   ?       ?              ?                  ? 
3 water       nat water                          18.015    184 ?       ?              ?                  ? 
# 
_entity_poly.entity_id                      1 
_entity_poly.type                           'polypeptide(L)' 
_entity_poly.nstd_linkage                   no 
_entity_poly.nstd_monomer                   no 
_entity_poly.pdbx_seq_one_letter_code       
;MAQAFVDATWPQAAKAAQSLGVPAHFLVAQAALETGWGKSQIRNKDGTPSYNLFNIKAGSNWTGKVVEARTVEYENGQRK
VRVERFRAYDSYEQAFQDYADLVGNSPRYAKVAGKTDGHAFARALQEGGYATDPSYADKLARVINGNALRQRLMASAASA
RGLEHHHHHH
;
_entity_poly.pdbx_seq_one_letter_code_can   
;MAQAFVDATWPQAAKAAQSLGVPAHFLVAQAALETGWGKSQIRNKDGTPSYNLFNIKAGSNWTGKVVEARTVEYENGQRK
VRVERFRAYDSYEQAFQDYADLVGNSPRYAKVAGKTDGHAFARALQEGGYATDPSYADKLARVINGNALRQRLMASAASA
RGLEHHHHHH
;
_entity_poly.pdbx_strand_id                 A 
_entity_poly.pdbx_target_identifier         ? 
# 
loop_
_pdbx_entity_nonpoly.entity_id 
_pdbx_entity_nonpoly.name 
_pdbx_entity_nonpoly.comp_id 
2 'PHOSPHATE ION' PO4 
3 water           HOH 
# 
loop_
_entity_poly_seq.entity_id 
_entity_poly_seq.num 
_entity_poly_seq.mon_id 
_entity_poly_seq.hetero 
1 1   MET n 
1 2   ALA n 
1 3   GLN n 
1 4   ALA n 
1 5   PHE n 
1 6   VAL n 
1 7   ASP n 
1 8   ALA n 
1 9   THR n 
1 10  TRP n 
1 11  PRO n 
1 12  GLN n 
1 13  ALA n 
1 14  ALA n 
1 15  LYS n 
1 16  ALA n 
1 17  ALA n 
1 18  GLN n 
1 19  SER n 
1 20  LEU n 
1 21  GLY n 
1 22  VAL n 
1 23  PRO n 
1 24  ALA n 
1 25  HIS n 
1 26  PHE n 
1 27  LEU n 
1 28  VAL n 
1 29  ALA n 
1 30  GLN n 
1 31  ALA n 
1 32  ALA n 
1 33  LEU n 
1 34  GLU n 
1 35  THR n 
1 36  GLY n 
1 37  TRP n 
1 38  GLY n 
1 39  LYS n 
1 40  SER n 
1 41  GLN n 
1 42  ILE n 
1 43  ARG n 
1 44  ASN n 
1 45  LYS n 
1 46  ASP n 
1 47  GLY n 
1 48  THR n 
1 49  PRO n 
1 50  SER n 
1 51  TYR n 
1 52  ASN n 
1 53  LEU n 
1 54  PHE n 
1 55  ASN n 
1 56  ILE n 
1 57  LYS n 
1 58  ALA n 
1 59  GLY n 
1 60  SER n 
1 61  ASN n 
1 62  TRP n 
1 63  THR n 
1 64  GLY n 
1 65  LYS n 
1 66  VAL n 
1 67  VAL n 
1 68  GLU n 
1 69  ALA n 
1 70  ARG n 
1 71  THR n 
1 72  VAL n 
1 73  GLU n 
1 74  TYR n 
1 75  GLU n 
1 76  ASN n 
1 77  GLY n 
1 78  GLN n 
1 79  ARG n 
1 80  LYS n 
1 81  VAL n 
1 82  ARG n 
1 83  VAL n 
1 84  GLU n 
1 85  ARG n 
1 86  PHE n 
1 87  ARG n 
1 88  ALA n 
1 89  TYR n 
1 90  ASP n 
1 91  SER n 
1 92  TYR n 
1 93  GLU n 
1 94  GLN n 
1 95  ALA n 
1 96  PHE n 
1 97  GLN n 
1 98  ASP n 
1 99  TYR n 
1 100 ALA n 
1 101 ASP n 
1 102 LEU n 
1 103 VAL n 
1 104 GLY n 
1 105 ASN n 
1 106 SER n 
1 107 PRO n 
1 108 ARG n 
1 109 TYR n 
1 110 ALA n 
1 111 LYS n 
1 112 VAL n 
1 113 ALA n 
1 114 GLY n 
1 115 LYS n 
1 116 THR n 
1 117 ASP n 
1 118 GLY n 
1 119 HIS n 
1 120 ALA n 
1 121 PHE n 
1 122 ALA n 
1 123 ARG n 
1 124 ALA n 
1 125 LEU n 
1 126 GLN n 
1 127 GLU n 
1 128 GLY n 
1 129 GLY n 
1 130 TYR n 
1 131 ALA n 
1 132 THR n 
1 133 ASP n 
1 134 PRO n 
1 135 SER n 
1 136 TYR n 
1 137 ALA n 
1 138 ASP n 
1 139 LYS n 
1 140 LEU n 
1 141 ALA n 
1 142 ARG n 
1 143 VAL n 
1 144 ILE n 
1 145 ASN n 
1 146 GLY n 
1 147 ASN n 
1 148 ALA n 
1 149 LEU n 
1 150 ARG n 
1 151 GLN n 
1 152 ARG n 
1 153 LEU n 
1 154 MET n 
1 155 ALA n 
1 156 SER n 
1 157 ALA n 
1 158 ALA n 
1 159 SER n 
1 160 ALA n 
1 161 ARG n 
1 162 GLY n 
1 163 LEU n 
1 164 GLU n 
1 165 HIS n 
1 166 HIS n 
1 167 HIS n 
1 168 HIS n 
1 169 HIS n 
1 170 HIS n 
# 
_entity_src_gen.entity_id                          1 
_entity_src_gen.pdbx_src_id                        1 
_entity_src_gen.pdbx_alt_source_flag               sample 
_entity_src_gen.pdbx_seq_type                      ? 
_entity_src_gen.pdbx_beg_seq_num                   ? 
_entity_src_gen.pdbx_end_seq_num                   ? 
_entity_src_gen.gene_src_common_name               ? 
_entity_src_gen.gene_src_genus                     ? 
_entity_src_gen.pdbx_gene_src_gene                 flgJ 
_entity_src_gen.gene_src_species                   ? 
_entity_src_gen.gene_src_strain                    ? 
_entity_src_gen.gene_src_tissue                    ? 
_entity_src_gen.gene_src_tissue_fraction           ? 
_entity_src_gen.gene_src_details                   ? 
_entity_src_gen.pdbx_gene_src_fragment             ? 
_entity_src_gen.pdbx_gene_src_scientific_name      'Sphingomonas sp. A1' 
_entity_src_gen.pdbx_gene_src_ncbi_taxonomy_id     90322 
_entity_src_gen.pdbx_gene_src_variant              ? 
_entity_src_gen.pdbx_gene_src_cell_line            ? 
_entity_src_gen.pdbx_gene_src_atcc                 ? 
_entity_src_gen.pdbx_gene_src_organ                ? 
_entity_src_gen.pdbx_gene_src_organelle            ? 
_entity_src_gen.pdbx_gene_src_cell                 ? 
_entity_src_gen.pdbx_gene_src_cellular_location    ? 
_entity_src_gen.host_org_common_name               ? 
_entity_src_gen.pdbx_host_org_scientific_name      'Escherichia coli' 
_entity_src_gen.pdbx_host_org_ncbi_taxonomy_id     469008 
_entity_src_gen.host_org_genus                     ? 
_entity_src_gen.pdbx_host_org_gene                 ? 
_entity_src_gen.pdbx_host_org_organ                ? 
_entity_src_gen.host_org_species                   ? 
_entity_src_gen.pdbx_host_org_tissue               ? 
_entity_src_gen.pdbx_host_org_tissue_fraction      ? 
_entity_src_gen.pdbx_host_org_strain               'BL21(DE3)' 
_entity_src_gen.pdbx_host_org_variant              ? 
_entity_src_gen.pdbx_host_org_cell_line            ? 
_entity_src_gen.pdbx_host_org_atcc                 ? 
_entity_src_gen.pdbx_host_org_culture_collection   ? 
_entity_src_gen.pdbx_host_org_cell                 ? 
_entity_src_gen.pdbx_host_org_organelle            ? 
_entity_src_gen.pdbx_host_org_cellular_location    ? 
_entity_src_gen.pdbx_host_org_vector_type          PLASMID 
_entity_src_gen.pdbx_host_org_vector               ? 
_entity_src_gen.host_org_details                   ? 
_entity_src_gen.expression_system_id               ? 
_entity_src_gen.plasmid_name                       pET21d 
_entity_src_gen.plasmid_details                    ? 
_entity_src_gen.pdbx_description                   ? 
# 
loop_
_chem_comp.id 
_chem_comp.type 
_chem_comp.mon_nstd_flag 
_chem_comp.name 
_chem_comp.pdbx_synonyms 
_chem_comp.formula 
_chem_comp.formula_weight 
ALA 'L-peptide linking' y ALANINE         ? 'C3 H7 N O2'     89.093  
ARG 'L-peptide linking' y ARGININE        ? 'C6 H15 N4 O2 1' 175.209 
ASN 'L-peptide linking' y ASPARAGINE      ? 'C4 H8 N2 O3'    132.118 
ASP 'L-peptide linking' y 'ASPARTIC ACID' ? 'C4 H7 N O4'     133.103 
GLN 'L-peptide linking' y GLUTAMINE       ? 'C5 H10 N2 O3'   146.144 
GLU 'L-peptide linking' y 'GLUTAMIC ACID' ? 'C5 H9 N O4'     147.129 
GLY 'peptide linking'   y GLYCINE         ? 'C2 H5 N O2'     75.067  
HIS 'L-peptide linking' y HISTIDINE       ? 'C6 H10 N3 O2 1' 156.162 
HOH non-polymer         . WATER           ? 'H2 O'           18.015  
ILE 'L-peptide linking' y ISOLEUCINE      ? 'C6 H13 N O2'    131.173 
LEU 'L-peptide linking' y LEUCINE         ? 'C6 H13 N O2'    131.173 
LYS 'L-peptide linking' y LYSINE          ? 'C6 H15 N2 O2 1' 147.195 
MET 'L-peptide linking' y METHIONINE      ? 'C5 H11 N O2 S'  149.211 
PHE 'L-peptide linking' y PHENYLALANINE   ? 'C9 H11 N O2'    165.189 
PO4 non-polymer         . 'PHOSPHATE ION' ? 'O4 P -3'        94.971  
PRO 'L-peptide linking' y PROLINE         ? 'C5 H9 N O2'     115.130 
SER 'L-peptide linking' y SERINE          ? 'C3 H7 N O3'     105.093 
THR 'L-peptide linking' y THREONINE       ? 'C4 H9 N O3'     119.119 
TRP 'L-peptide linking' y TRYPTOPHAN      ? 'C11 H12 N2 O2'  204.225 
TYR 'L-peptide linking' y TYROSINE        ? 'C9 H11 N O3'    181.189 
VAL 'L-peptide linking' y VALINE          ? 'C5 H11 N O2'    117.146 
# 
loop_
_pdbx_poly_seq_scheme.asym_id 
_pdbx_poly_seq_scheme.entity_id 
_pdbx_poly_seq_scheme.seq_id 
_pdbx_poly_seq_scheme.mon_id 
_pdbx_poly_seq_scheme.ndb_seq_num 
_pdbx_poly_seq_scheme.pdb_seq_num 
_pdbx_poly_seq_scheme.auth_seq_num 
_pdbx_poly_seq_scheme.pdb_mon_id 
_pdbx_poly_seq_scheme.auth_mon_id 
_pdbx_poly_seq_scheme.pdb_strand_id 
_pdbx_poly_seq_scheme.pdb_ins_code 
_pdbx_poly_seq_scheme.hetero 
A 1 1   MET 1   152 ?   ?   ?   A . n 
A 1 2   ALA 2   153 153 ALA ALA A . n 
A 1 3   GLN 3   154 154 GLN GLN A . n 
A 1 4   ALA 4   155 155 ALA ALA A . n 
A 1 5   PHE 5   156 156 PHE PHE A . n 
A 1 6   VAL 6   157 157 VAL VAL A . n 
A 1 7   ASP 7   158 158 ASP ASP A . n 
A 1 8   ALA 8   159 159 ALA ALA A . n 
A 1 9   THR 9   160 160 THR THR A . n 
A 1 10  TRP 10  161 161 TRP TRP A . n 
A 1 11  PRO 11  162 162 PRO PRO A . n 
A 1 12  GLN 12  163 163 GLN GLN A . n 
A 1 13  ALA 13  164 164 ALA ALA A . n 
A 1 14  ALA 14  165 165 ALA ALA A . n 
A 1 15  LYS 15  166 166 LYS LYS A . n 
A 1 16  ALA 16  167 167 ALA ALA A . n 
A 1 17  ALA 17  168 168 ALA ALA A . n 
A 1 18  GLN 18  169 169 GLN GLN A . n 
A 1 19  SER 19  170 170 SER SER A . n 
A 1 20  LEU 20  171 171 LEU LEU A . n 
A 1 21  GLY 21  172 172 GLY GLY A . n 
A 1 22  VAL 22  173 173 VAL VAL A . n 
A 1 23  PRO 23  174 174 PRO PRO A . n 
A 1 24  ALA 24  175 175 ALA ALA A . n 
A 1 25  HIS 25  176 176 HIS HIS A . n 
A 1 26  PHE 26  177 177 PHE PHE A . n 
A 1 27  LEU 27  178 178 LEU LEU A . n 
A 1 28  VAL 28  179 179 VAL VAL A . n 
A 1 29  ALA 29  180 180 ALA ALA A . n 
A 1 30  GLN 30  181 181 GLN GLN A . n 
A 1 31  ALA 31  182 182 ALA ALA A . n 
A 1 32  ALA 32  183 183 ALA ALA A . n 
A 1 33  LEU 33  184 184 LEU LEU A . n 
A 1 34  GLU 34  185 185 GLU GLU A . n 
A 1 35  THR 35  186 186 THR THR A . n 
A 1 36  GLY 36  187 187 GLY GLY A . n 
A 1 37  TRP 37  188 188 TRP TRP A . n 
A 1 38  GLY 38  189 189 GLY GLY A . n 
A 1 39  LYS 39  190 190 LYS LYS A . n 
A 1 40  SER 40  191 191 SER SER A . n 
A 1 41  GLN 41  192 192 GLN GLN A . n 
A 1 42  ILE 42  193 193 ILE ILE A . n 
A 1 43  ARG 43  194 194 ARG ARG A . n 
A 1 44  ASN 44  195 195 ASN ASN A . n 
A 1 45  LYS 45  196 196 LYS LYS A . n 
A 1 46  ASP 46  197 197 ASP ASP A . n 
A 1 47  GLY 47  198 198 GLY GLY A . n 
A 1 48  THR 48  199 199 THR THR A . n 
A 1 49  PRO 49  200 200 PRO PRO A . n 
A 1 50  SER 50  201 201 SER SER A . n 
A 1 51  TYR 51  202 202 TYR TYR A . n 
A 1 52  ASN 52  203 203 ASN ASN A . n 
A 1 53  LEU 53  204 204 LEU LEU A . n 
A 1 54  PHE 54  205 205 PHE PHE A . n 
A 1 55  ASN 55  206 206 ASN ASN A . n 
A 1 56  ILE 56  207 207 ILE ILE A . n 
A 1 57  LYS 57  208 208 LYS LYS A . n 
A 1 58  ALA 58  209 209 ALA ALA A . n 
A 1 59  GLY 59  210 210 GLY GLY A . n 
A 1 60  SER 60  211 211 SER SER A . n 
A 1 61  ASN 61  212 212 ASN ASN A . n 
A 1 62  TRP 62  213 213 TRP TRP A . n 
A 1 63  THR 63  214 214 THR THR A . n 
A 1 64  GLY 64  215 215 GLY GLY A . n 
A 1 65  LYS 65  216 216 LYS LYS A . n 
A 1 66  VAL 66  217 217 VAL VAL A . n 
A 1 67  VAL 67  218 218 VAL VAL A . n 
A 1 68  GLU 68  219 219 GLU GLU A . n 
A 1 69  ALA 69  220 220 ALA ALA A . n 
A 1 70  ARG 70  221 221 ARG ARG A . n 
A 1 71  THR 71  222 222 THR THR A . n 
A 1 72  VAL 72  223 223 VAL VAL A . n 
A 1 73  GLU 73  224 ?   ?   ?   A . n 
A 1 74  TYR 74  225 ?   ?   ?   A . n 
A 1 75  GLU 75  226 ?   ?   ?   A . n 
A 1 76  ASN 76  227 ?   ?   ?   A . n 
A 1 77  GLY 77  228 ?   ?   ?   A . n 
A 1 78  GLN 78  229 ?   ?   ?   A . n 
A 1 79  ARG 79  230 ?   ?   ?   A . n 
A 1 80  LYS 80  231 231 LYS LYS A . n 
A 1 81  VAL 81  232 232 VAL VAL A . n 
A 1 82  ARG 82  233 233 ARG ARG A . n 
A 1 83  VAL 83  234 234 VAL VAL A . n 
A 1 84  GLU 84  235 235 GLU GLU A . n 
A 1 85  ARG 85  236 236 ARG ARG A . n 
A 1 86  PHE 86  237 237 PHE PHE A . n 
A 1 87  ARG 87  238 238 ARG ARG A . n 
A 1 88  ALA 88  239 239 ALA ALA A . n 
A 1 89  TYR 89  240 240 TYR TYR A . n 
A 1 90  ASP 90  241 241 ASP ASP A . n 
A 1 91  SER 91  242 242 SER SER A . n 
A 1 92  TYR 92  243 243 TYR TYR A . n 
A 1 93  GLU 93  244 244 GLU GLU A . n 
A 1 94  GLN 94  245 245 GLN GLN A . n 
A 1 95  ALA 95  246 246 ALA ALA A . n 
A 1 96  PHE 96  247 247 PHE PHE A . n 
A 1 97  GLN 97  248 248 GLN GLN A . n 
A 1 98  ASP 98  249 249 ASP ASP A . n 
A 1 99  TYR 99  250 250 TYR TYR A . n 
A 1 100 ALA 100 251 251 ALA ALA A . n 
A 1 101 ASP 101 252 252 ASP ASP A . n 
A 1 102 LEU 102 253 253 LEU LEU A . n 
A 1 103 VAL 103 254 254 VAL VAL A . n 
A 1 104 GLY 104 255 255 GLY GLY A . n 
A 1 105 ASN 105 256 256 ASN ASN A . n 
A 1 106 SER 106 257 257 SER SER A . n 
A 1 107 PRO 107 258 258 PRO PRO A . n 
A 1 108 ARG 108 259 259 ARG ARG A . n 
A 1 109 TYR 109 260 260 TYR TYR A . n 
A 1 110 ALA 110 261 261 ALA ALA A . n 
A 1 111 LYS 111 262 262 LYS LYS A . n 
A 1 112 VAL 112 263 263 VAL VAL A . n 
A 1 113 ALA 113 264 264 ALA ALA A . n 
A 1 114 GLY 114 265 265 GLY GLY A . n 
A 1 115 LYS 115 266 266 LYS LYS A . n 
A 1 116 THR 116 267 267 THR THR A . n 
A 1 117 ASP 117 268 268 ASP ASP A . n 
A 1 118 GLY 118 269 269 GLY GLY A . n 
A 1 119 HIS 119 270 270 HIS HIS A . n 
A 1 120 ALA 120 271 271 ALA ALA A . n 
A 1 121 PHE 121 272 272 PHE PHE A . n 
A 1 122 ALA 122 273 273 ALA ALA A . n 
A 1 123 ARG 123 274 274 ARG ARG A . n 
A 1 124 ALA 124 275 275 ALA ALA A . n 
A 1 125 LEU 125 276 276 LEU LEU A . n 
A 1 126 GLN 126 277 277 GLN GLN A . n 
A 1 127 GLU 127 278 278 GLU GLU A . n 
A 1 128 GLY 128 279 279 GLY GLY A . n 
A 1 129 GLY 129 280 280 GLY GLY A . n 
A 1 130 TYR 130 281 281 TYR TYR A . n 
A 1 131 ALA 131 282 282 ALA ALA A . n 
A 1 132 THR 132 283 283 THR THR A . n 
A 1 133 ASP 133 284 284 ASP ASP A . n 
A 1 134 PRO 134 285 285 PRO PRO A . n 
A 1 135 SER 135 286 286 SER SER A . n 
A 1 136 TYR 136 287 287 TYR TYR A . n 
A 1 137 ALA 137 288 288 ALA ALA A . n 
A 1 138 ASP 138 289 289 ASP ASP A . n 
A 1 139 LYS 139 290 290 LYS LYS A . n 
A 1 140 LEU 140 291 291 LEU LEU A . n 
A 1 141 ALA 141 292 292 ALA ALA A . n 
A 1 142 ARG 142 293 293 ARG ARG A . n 
A 1 143 VAL 143 294 294 VAL VAL A . n 
A 1 144 ILE 144 295 295 ILE ILE A . n 
A 1 145 ASN 145 296 296 ASN ASN A . n 
A 1 146 GLY 146 297 297 GLY GLY A . n 
A 1 147 ASN 147 298 298 ASN ASN A . n 
A 1 148 ALA 148 299 299 ALA ALA A . n 
A 1 149 LEU 149 300 300 LEU LEU A . n 
A 1 150 ARG 150 301 301 ARG ARG A . n 
A 1 151 GLN 151 302 302 GLN GLN A . n 
A 1 152 ARG 152 303 303 ARG ARG A . n 
A 1 153 LEU 153 304 304 LEU LEU A . n 
A 1 154 MET 154 305 305 MET MET A . n 
A 1 155 ALA 155 306 306 ALA ALA A . n 
A 1 156 SER 156 307 307 SER SER A . n 
A 1 157 ALA 157 308 308 ALA ALA A . n 
A 1 158 ALA 158 309 309 ALA ALA A . n 
A 1 159 SER 159 310 310 SER SER A . n 
A 1 160 ALA 160 311 311 ALA ALA A . n 
A 1 161 ARG 161 312 312 ARG ARG A . n 
A 1 162 GLY 162 313 313 GLY GLY A . n 
A 1 163 LEU 163 314 314 LEU LEU A . n 
A 1 164 GLU 164 315 315 GLU GLU A . n 
A 1 165 HIS 165 316 ?   ?   ?   A . n 
A 1 166 HIS 166 317 ?   ?   ?   A . n 
A 1 167 HIS 167 318 ?   ?   ?   A . n 
A 1 168 HIS 168 319 ?   ?   ?   A . n 
A 1 169 HIS 169 320 ?   ?   ?   A . n 
A 1 170 HIS 170 321 ?   ?   ?   A . n 
# 
loop_
_pdbx_nonpoly_scheme.asym_id 
_pdbx_nonpoly_scheme.entity_id 
_pdbx_nonpoly_scheme.mon_id 
_pdbx_nonpoly_scheme.ndb_seq_num 
_pdbx_nonpoly_scheme.pdb_seq_num 
_pdbx_nonpoly_scheme.auth_seq_num 
_pdbx_nonpoly_scheme.pdb_mon_id 
_pdbx_nonpoly_scheme.auth_mon_id 
_pdbx_nonpoly_scheme.pdb_strand_id 
_pdbx_nonpoly_scheme.pdb_ins_code 
B 2 PO4 1   401 401 PO4 PO4 A . 
C 3 HOH 1   501 501 HOH HOH A . 
C 3 HOH 2   502 502 HOH HOH A . 
C 3 HOH 3   503 503 HOH HOH A . 
C 3 HOH 4   504 504 HOH HOH A . 
C 3 HOH 5   505 505 HOH HOH A . 
C 3 HOH 6   506 506 HOH HOH A . 
C 3 HOH 7   507 507 HOH HOH A . 
C 3 HOH 8   508 508 HOH HOH A . 
C 3 HOH 9   509 509 HOH HOH A . 
C 3 HOH 10  510 510 HOH HOH A . 
C 3 HOH 11  511 511 HOH HOH A . 
C 3 HOH 12  512 512 HOH HOH A . 
C 3 HOH 13  513 513 HOH HOH A . 
C 3 HOH 14  514 514 HOH HOH A . 
C 3 HOH 15  515 515 HOH HOH A . 
C 3 HOH 16  516 516 HOH HOH A . 
C 3 HOH 17  517 517 HOH HOH A . 
C 3 HOH 18  518 518 HOH HOH A . 
C 3 HOH 19  519 519 HOH HOH A . 
C 3 HOH 20  520 520 HOH HOH A . 
C 3 HOH 21  521 521 HOH HOH A . 
C 3 HOH 22  522 522 HOH HOH A . 
C 3 HOH 23  523 523 HOH HOH A . 
C 3 HOH 24  524 524 HOH HOH A . 
C 3 HOH 25  525 525 HOH HOH A . 
C 3 HOH 26  526 526 HOH HOH A . 
C 3 HOH 27  527 527 HOH HOH A . 
C 3 HOH 28  528 528 HOH HOH A . 
C 3 HOH 29  529 529 HOH HOH A . 
C 3 HOH 30  530 530 HOH HOH A . 
C 3 HOH 31  531 531 HOH HOH A . 
C 3 HOH 32  532 532 HOH HOH A . 
C 3 HOH 33  533 533 HOH HOH A . 
C 3 HOH 34  534 534 HOH HOH A . 
C 3 HOH 35  535 535 HOH HOH A . 
C 3 HOH 36  536 536 HOH HOH A . 
C 3 HOH 37  537 537 HOH HOH A . 
C 3 HOH 38  538 538 HOH HOH A . 
C 3 HOH 39  539 539 HOH HOH A . 
C 3 HOH 40  540 540 HOH HOH A . 
C 3 HOH 41  541 541 HOH HOH A . 
C 3 HOH 42  542 542 HOH HOH A . 
C 3 HOH 43  543 543 HOH HOH A . 
C 3 HOH 44  544 544 HOH HOH A . 
C 3 HOH 45  545 545 HOH HOH A . 
C 3 HOH 46  546 546 HOH HOH A . 
C 3 HOH 47  547 547 HOH HOH A . 
C 3 HOH 48  548 548 HOH HOH A . 
C 3 HOH 49  549 549 HOH HOH A . 
C 3 HOH 50  550 550 HOH HOH A . 
C 3 HOH 51  551 551 HOH HOH A . 
C 3 HOH 52  552 552 HOH HOH A . 
C 3 HOH 53  553 553 HOH HOH A . 
C 3 HOH 54  554 554 HOH HOH A . 
C 3 HOH 55  555 555 HOH HOH A . 
C 3 HOH 56  556 556 HOH HOH A . 
C 3 HOH 57  557 557 HOH HOH A . 
C 3 HOH 58  558 558 HOH HOH A . 
C 3 HOH 59  559 559 HOH HOH A . 
C 3 HOH 60  560 560 HOH HOH A . 
C 3 HOH 61  561 561 HOH HOH A . 
C 3 HOH 62  562 562 HOH HOH A . 
C 3 HOH 63  563 563 HOH HOH A . 
C 3 HOH 64  564 564 HOH HOH A . 
C 3 HOH 65  565 565 HOH HOH A . 
C 3 HOH 66  566 566 HOH HOH A . 
C 3 HOH 67  567 567 HOH HOH A . 
C 3 HOH 68  568 568 HOH HOH A . 
C 3 HOH 69  569 569 HOH HOH A . 
C 3 HOH 70  570 570 HOH HOH A . 
C 3 HOH 71  571 571 HOH HOH A . 
C 3 HOH 72  572 572 HOH HOH A . 
C 3 HOH 73  573 573 HOH HOH A . 
C 3 HOH 74  574 574 HOH HOH A . 
C 3 HOH 75  575 575 HOH HOH A . 
C 3 HOH 76  576 576 HOH HOH A . 
C 3 HOH 77  577 577 HOH HOH A . 
C 3 HOH 78  578 578 HOH HOH A . 
C 3 HOH 79  579 579 HOH HOH A . 
C 3 HOH 80  580 580 HOH HOH A . 
C 3 HOH 81  581 581 HOH HOH A . 
C 3 HOH 82  582 582 HOH HOH A . 
C 3 HOH 83  583 583 HOH HOH A . 
C 3 HOH 84  584 584 HOH HOH A . 
C 3 HOH 85  585 585 HOH HOH A . 
C 3 HOH 86  586 586 HOH HOH A . 
C 3 HOH 87  587 587 HOH HOH A . 
C 3 HOH 88  588 588 HOH HOH A . 
C 3 HOH 89  589 589 HOH HOH A . 
C 3 HOH 90  590 590 HOH HOH A . 
C 3 HOH 91  591 591 HOH HOH A . 
C 3 HOH 92  592 592 HOH HOH A . 
C 3 HOH 93  593 593 HOH HOH A . 
C 3 HOH 94  594 594 HOH HOH A . 
C 3 HOH 95  595 595 HOH HOH A . 
C 3 HOH 96  596 596 HOH HOH A . 
C 3 HOH 97  597 597 HOH HOH A . 
C 3 HOH 98  598 598 HOH HOH A . 
C 3 HOH 99  599 599 HOH HOH A . 
C 3 HOH 100 600 600 HOH HOH A . 
C 3 HOH 101 601 601 HOH HOH A . 
C 3 HOH 102 602 602 HOH HOH A . 
C 3 HOH 103 603 603 HOH HOH A . 
C 3 HOH 104 604 604 HOH HOH A . 
C 3 HOH 105 605 605 HOH HOH A . 
C 3 HOH 106 606 606 HOH HOH A . 
C 3 HOH 107 607 607 HOH HOH A . 
C 3 HOH 108 608 608 HOH HOH A . 
C 3 HOH 109 609 609 HOH HOH A . 
C 3 HOH 110 610 610 HOH HOH A . 
C 3 HOH 111 611 611 HOH HOH A . 
C 3 HOH 112 612 612 HOH HOH A . 
C 3 HOH 113 613 613 HOH HOH A . 
C 3 HOH 114 614 614 HOH HOH A . 
C 3 HOH 115 615 615 HOH HOH A . 
C 3 HOH 116 616 616 HOH HOH A . 
C 3 HOH 117 617 617 HOH HOH A . 
C 3 HOH 118 618 618 HOH HOH A . 
C 3 HOH 119 619 619 HOH HOH A . 
C 3 HOH 120 620 620 HOH HOH A . 
C 3 HOH 121 621 621 HOH HOH A . 
C 3 HOH 122 622 622 HOH HOH A . 
C 3 HOH 123 623 623 HOH HOH A . 
C 3 HOH 124 624 624 HOH HOH A . 
C 3 HOH 125 625 625 HOH HOH A . 
C 3 HOH 126 626 626 HOH HOH A . 
C 3 HOH 127 627 627 HOH HOH A . 
C 3 HOH 128 628 628 HOH HOH A . 
C 3 HOH 129 629 629 HOH HOH A . 
C 3 HOH 130 630 630 HOH HOH A . 
C 3 HOH 131 631 631 HOH HOH A . 
C 3 HOH 132 632 632 HOH HOH A . 
C 3 HOH 133 633 633 HOH HOH A . 
C 3 HOH 134 634 634 HOH HOH A . 
C 3 HOH 135 635 635 HOH HOH A . 
C 3 HOH 136 636 636 HOH HOH A . 
C 3 HOH 137 637 637 HOH HOH A . 
C 3 HOH 138 638 638 HOH HOH A . 
C 3 HOH 139 639 639 HOH HOH A . 
C 3 HOH 140 640 640 HOH HOH A . 
C 3 HOH 141 641 641 HOH HOH A . 
C 3 HOH 142 642 642 HOH HOH A . 
C 3 HOH 143 643 643 HOH HOH A . 
C 3 HOH 144 644 644 HOH HOH A . 
C 3 HOH 145 645 645 HOH HOH A . 
C 3 HOH 146 646 646 HOH HOH A . 
C 3 HOH 147 647 647 HOH HOH A . 
C 3 HOH 148 648 648 HOH HOH A . 
C 3 HOH 149 649 649 HOH HOH A . 
C 3 HOH 150 650 650 HOH HOH A . 
C 3 HOH 151 651 651 HOH HOH A . 
C 3 HOH 152 652 652 HOH HOH A . 
C 3 HOH 153 653 653 HOH HOH A . 
C 3 HOH 154 654 654 HOH HOH A . 
C 3 HOH 155 655 655 HOH HOH A . 
C 3 HOH 156 656 656 HOH HOH A . 
C 3 HOH 157 657 657 HOH HOH A . 
C 3 HOH 158 658 658 HOH HOH A . 
C 3 HOH 159 659 659 HOH HOH A . 
C 3 HOH 160 660 660 HOH HOH A . 
C 3 HOH 161 661 661 HOH HOH A . 
C 3 HOH 162 662 662 HOH HOH A . 
C 3 HOH 163 663 663 HOH HOH A . 
C 3 HOH 164 664 664 HOH HOH A . 
C 3 HOH 165 665 665 HOH HOH A . 
C 3 HOH 166 666 666 HOH HOH A . 
C 3 HOH 167 667 667 HOH HOH A . 
C 3 HOH 168 668 668 HOH HOH A . 
C 3 HOH 169 669 669 HOH HOH A . 
C 3 HOH 170 670 670 HOH HOH A . 
C 3 HOH 171 671 671 HOH HOH A . 
C 3 HOH 172 672 672 HOH HOH A . 
C 3 HOH 173 673 673 HOH HOH A . 
C 3 HOH 174 674 674 HOH HOH A . 
C 3 HOH 175 675 675 HOH HOH A . 
C 3 HOH 176 676 676 HOH HOH A . 
C 3 HOH 177 677 677 HOH HOH A . 
C 3 HOH 178 678 678 HOH HOH A . 
C 3 HOH 179 679 679 HOH HOH A . 
C 3 HOH 180 680 680 HOH HOH A . 
C 3 HOH 181 681 681 HOH HOH A . 
C 3 HOH 182 682 682 HOH HOH A . 
C 3 HOH 183 683 683 HOH HOH A . 
C 3 HOH 184 684 684 HOH HOH A . 
# 
loop_
_software.name 
_software.classification 
_software.version 
_software.citation_id 
_software.pdbx_ordinal 
REFMAC   refinement        5.2.0019 ? 1 
HKL-2000 'data collection' .        ? 2 
HKL-2000 'data reduction'  .        ? 3 
HKL-2000 'data scaling'    .        ? 4 
SHELXDE  phasing           .        ? 5 
# 
_cell.entry_id           2ZYC 
_cell.length_a           54.280 
_cell.length_b           54.280 
_cell.length_c           102.750 
_cell.angle_alpha        90.00 
_cell.angle_beta         90.00 
_cell.angle_gamma        90.00 
_cell.Z_PDB              8 
_cell.pdbx_unique_axis   ? 
_cell.length_a_esd       ? 
_cell.length_b_esd       ? 
_cell.length_c_esd       ? 
_cell.angle_alpha_esd    ? 
_cell.angle_beta_esd     ? 
_cell.angle_gamma_esd    ? 
# 
_symmetry.entry_id                         2ZYC 
_symmetry.space_group_name_H-M             'P 43 21 2' 
_symmetry.pdbx_full_space_group_name_H-M   ? 
_symmetry.cell_setting                     ? 
_symmetry.Int_Tables_number                96 
_symmetry.space_group_name_Hall            ? 
# 
_exptl.entry_id          2ZYC 
_exptl.method            'X-RAY DIFFRACTION' 
_exptl.crystals_number   2 
# 
_exptl_crystal.id                    1 
_exptl_crystal.density_meas          ? 
_exptl_crystal.density_Matthews      2.02 
_exptl_crystal.density_percent_sol   39.13 
_exptl_crystal.description           ? 
_exptl_crystal.F_000                 ? 
_exptl_crystal.preparation           ? 
# 
_exptl_crystal_grow.crystal_id      1 
_exptl_crystal_grow.method          'VAPOR DIFFUSION, SITTING DROP' 
_exptl_crystal_grow.temp            293.0 
_exptl_crystal_grow.temp_details    ? 
_exptl_crystal_grow.pH              8.5 
_exptl_crystal_grow.pdbx_details    
'1.0M Ammonium phosphate, 0.1M Tris-HCl, pH 8.5, VAPOR DIFFUSION, SITTING DROP, temperature 293.0K' 
_exptl_crystal_grow.pdbx_pH_range   . 
# 
loop_
_diffrn.id 
_diffrn.ambient_temp 
_diffrn.ambient_temp_details 
_diffrn.crystal_id 
1 100 ? 1 
2 100 ? 1 
# 
loop_
_diffrn_detector.diffrn_id 
_diffrn_detector.detector 
_diffrn_detector.type 
_diffrn_detector.pdbx_collection_date 
_diffrn_detector.details 
1 CCD 'RIGAKU JUPITER 210' 2008-05-20 mirror 
2 CCD 'RIGAKU JUPITER 210' 2008-05-20 mirror 
# 
loop_
_diffrn_radiation.diffrn_id 
_diffrn_radiation.wavelength_id 
_diffrn_radiation.pdbx_monochromatic_or_laue_m_l 
_diffrn_radiation.monochromator 
_diffrn_radiation.pdbx_diffrn_protocol 
_diffrn_radiation.pdbx_scattering_type 
1 1 M 'Si 111 CHANNEL' 'SINGLE WAVELENGTH' x-ray 
2 1 M 'Si 111 CHANNEL' 'SINGLE WAVELENGTH' x-ray 
# 
loop_
_diffrn_radiation_wavelength.id 
_diffrn_radiation_wavelength.wavelength 
_diffrn_radiation_wavelength.wt 
1 1.0000 1.0 
2 1.0395 1.0 
# 
loop_
_diffrn_source.diffrn_id 
_diffrn_source.source 
_diffrn_source.type 
_diffrn_source.pdbx_synchrotron_site 
_diffrn_source.pdbx_synchrotron_beamline 
_diffrn_source.pdbx_wavelength 
_diffrn_source.pdbx_wavelength_list 
1 SYNCHROTRON 'SPRING-8 BEAMLINE BL38B1' SPring-8 BL38B1 ? 1.0000 
2 SYNCHROTRON 'SPRING-8 BEAMLINE BL38B1' SPring-8 BL38B1 ? 1.0395 
# 
_reflns.entry_id                     2ZYC 
_reflns.observed_criterion_sigma_F   ? 
_reflns.observed_criterion_sigma_I   ? 
_reflns.d_resolution_high            1.74 
_reflns.d_resolution_low             30 
_reflns.number_all                   ? 
_reflns.number_obs                   16510 
_reflns.percent_possible_obs         100.0 
_reflns.pdbx_Rmerge_I_obs            0.055 
_reflns.pdbx_Rsym_value              ? 
_reflns.pdbx_netI_over_sigmaI        14.6 
_reflns.B_iso_Wilson_estimate        ? 
_reflns.pdbx_redundancy              10.8 
_reflns.R_free_details               ? 
_reflns.limit_h_max                  ? 
_reflns.limit_h_min                  ? 
_reflns.limit_k_max                  ? 
_reflns.limit_k_min                  ? 
_reflns.limit_l_max                  ? 
_reflns.limit_l_min                  ? 
_reflns.observed_criterion_F_max     ? 
_reflns.observed_criterion_F_min     ? 
_reflns.pdbx_chi_squared             ? 
_reflns.pdbx_scaling_rejects         ? 
_reflns.pdbx_diffrn_id               1,2 
_reflns.pdbx_ordinal                 1 
# 
_reflns_shell.d_res_high             1.74 
_reflns_shell.d_res_low              1.80 
_reflns_shell.percent_possible_all   99.9 
_reflns_shell.Rmerge_I_obs           0.396 
_reflns_shell.pdbx_Rsym_value        ? 
_reflns_shell.meanI_over_sigI_obs    4.28 
_reflns_shell.pdbx_redundancy        9.9 
_reflns_shell.percent_possible_obs   ? 
_reflns_shell.number_unique_all      ? 
_reflns_shell.number_measured_all    ? 
_reflns_shell.number_measured_obs    ? 
_reflns_shell.number_unique_obs      ? 
_reflns_shell.pdbx_chi_squared       ? 
_reflns_shell.pdbx_diffrn_id         ? 
_reflns_shell.pdbx_ordinal           1 
# 
_refine.entry_id                                 2ZYC 
_refine.ls_number_reflns_obs                     15603 
_refine.ls_number_reflns_all                     ? 
_refine.pdbx_ls_sigma_I                          ? 
_refine.pdbx_ls_sigma_F                          ? 
_refine.pdbx_data_cutoff_high_absF               ? 
_refine.pdbx_data_cutoff_low_absF                ? 
_refine.pdbx_data_cutoff_high_rms_absF           ? 
_refine.ls_d_res_low                             28.97 
_refine.ls_d_res_high                            1.74 
_refine.ls_percent_reflns_obs                    99.99 
_refine.ls_R_factor_obs                          0.201 
_refine.ls_R_factor_all                          ? 
_refine.ls_R_factor_R_work                       0.19901 
_refine.ls_R_factor_R_free                       0.23777 
_refine.ls_R_factor_R_free_error                 ? 
_refine.ls_R_factor_R_free_error_details         ? 
_refine.ls_percent_reflns_R_free                 5.1 
_refine.ls_number_reflns_R_free                  832 
_refine.ls_number_parameters                     ? 
_refine.ls_number_restraints                     ? 
_refine.occupancy_min                            ? 
_refine.occupancy_max                            ? 
_refine.correlation_coeff_Fo_to_Fc               0.948 
_refine.correlation_coeff_Fo_to_Fc_free          0.927 
_refine.B_iso_mean                               20.107 
_refine.aniso_B[1][1]                            -0.67 
_refine.aniso_B[2][2]                            -0.67 
_refine.aniso_B[3][3]                            1.34 
_refine.aniso_B[1][2]                            0.00 
_refine.aniso_B[1][3]                            0.00 
_refine.aniso_B[2][3]                            0.00 
_refine.solvent_model_details                    MASK 
_refine.solvent_model_param_ksol                 ? 
_refine.solvent_model_param_bsol                 ? 
_refine.pdbx_solvent_vdw_probe_radii             1.20 
_refine.pdbx_solvent_ion_probe_radii             0.80 
_refine.pdbx_solvent_shrinkage_radii             0.80 
_refine.pdbx_ls_cross_valid_method               THROUGHOUT 
_refine.details                                  'HYDROGENS HAVE BEEN ADDED IN THE RIDING POSITIONS' 
_refine.pdbx_starting_model                      ? 
_refine.pdbx_method_to_determine_struct          SAD 
_refine.pdbx_isotropic_thermal_model             ? 
_refine.pdbx_stereochemistry_target_values       'MAXIMUM LIKELIHOOD' 
_refine.pdbx_stereochem_target_val_spec_case     ? 
_refine.pdbx_R_Free_selection_details            RANDOM 
_refine.pdbx_overall_ESU_R                       0.139 
_refine.pdbx_overall_ESU_R_Free                  0.130 
_refine.overall_SU_ML                            0.090 
_refine.overall_SU_B                             2.746 
_refine.ls_redundancy_reflns_obs                 ? 
_refine.B_iso_min                                ? 
_refine.B_iso_max                                ? 
_refine.overall_SU_R_Cruickshank_DPI             ? 
_refine.overall_SU_R_free                        ? 
_refine.ls_wR_factor_R_free                      ? 
_refine.ls_wR_factor_R_work                      ? 
_refine.overall_FOM_free_R_set                   ? 
_refine.overall_FOM_work_R_set                   ? 
_refine.pdbx_refine_id                           'X-RAY DIFFRACTION' 
_refine.pdbx_overall_phase_error                 ? 
_refine.pdbx_diffrn_id                           1 
_refine.pdbx_TLS_residual_ADP_flag               ? 
_refine.pdbx_overall_SU_R_free_Cruickshank_DPI   ? 
_refine.pdbx_overall_SU_R_Blow_DPI               ? 
_refine.pdbx_overall_SU_R_free_Blow_DPI          ? 
# 
_refine_hist.pdbx_refine_id                   'X-RAY DIFFRACTION' 
_refine_hist.cycle_id                         LAST 
_refine_hist.pdbx_number_atoms_protein        1309 
_refine_hist.pdbx_number_atoms_nucleic_acid   0 
_refine_hist.pdbx_number_atoms_ligand         5 
_refine_hist.number_atoms_solvent             184 
_refine_hist.number_atoms_total               1498 
_refine_hist.d_res_high                       1.74 
_refine_hist.d_res_low                        28.97 
# 
loop_
_refine_ls_restr.type 
_refine_ls_restr.dev_ideal 
_refine_ls_restr.dev_ideal_target 
_refine_ls_restr.weight 
_refine_ls_restr.number 
_refine_ls_restr.pdbx_refine_id 
_refine_ls_restr.pdbx_restraint_function 
r_bond_refined_d         0.008  0.022  ? 1356 'X-RAY DIFFRACTION' ? 
r_angle_refined_deg      1.019  1.933  ? 1861 'X-RAY DIFFRACTION' ? 
r_dihedral_angle_1_deg   3.931  5.000  ? 189  'X-RAY DIFFRACTION' ? 
r_dihedral_angle_2_deg   32.651 23.676 ? 68   'X-RAY DIFFRACTION' ? 
r_dihedral_angle_3_deg   12.909 15.000 ? 220  'X-RAY DIFFRACTION' ? 
r_dihedral_angle_4_deg   20.573 15.000 ? 12   'X-RAY DIFFRACTION' ? 
r_chiral_restr           0.068  0.200  ? 194  'X-RAY DIFFRACTION' ? 
r_gen_planes_refined     0.003  0.020  ? 1092 'X-RAY DIFFRACTION' ? 
r_nbd_refined            0.195  0.200  ? 680  'X-RAY DIFFRACTION' ? 
r_nbtor_refined          0.301  0.200  ? 942  'X-RAY DIFFRACTION' ? 
r_xyhbond_nbd_refined    0.133  0.200  ? 169  'X-RAY DIFFRACTION' ? 
r_symmetry_vdw_refined   0.170  0.200  ? 58   'X-RAY DIFFRACTION' ? 
r_symmetry_hbond_refined 0.118  0.200  ? 27   'X-RAY DIFFRACTION' ? 
r_mcbond_it              0.646  1.500  ? 867  'X-RAY DIFFRACTION' ? 
r_mcangle_it             1.065  2.000  ? 1353 'X-RAY DIFFRACTION' ? 
r_scbond_it              1.404  3.000  ? 563  'X-RAY DIFFRACTION' ? 
r_scangle_it             2.306  4.500  ? 497  'X-RAY DIFFRACTION' ? 
# 
_refine_ls_shell.pdbx_total_number_of_bins_used   20 
_refine_ls_shell.d_res_high                       1.740 
_refine_ls_shell.d_res_low                        1.785 
_refine_ls_shell.number_reflns_R_work             1114 
_refine_ls_shell.R_factor_R_work                  0.247 
_refine_ls_shell.percent_reflns_obs               99.92 
_refine_ls_shell.R_factor_R_free                  0.361 
_refine_ls_shell.R_factor_R_free_error            ? 
_refine_ls_shell.percent_reflns_R_free            ? 
_refine_ls_shell.number_reflns_R_free             71 
_refine_ls_shell.number_reflns_all                ? 
_refine_ls_shell.R_factor_all                     ? 
_refine_ls_shell.number_reflns_obs                ? 
_refine_ls_shell.redundancy_reflns_obs            ? 
_refine_ls_shell.pdbx_refine_id                   'X-RAY DIFFRACTION' 
# 
_struct.entry_id                  2ZYC 
_struct.title                     'Crystal structure of peptidoglycan hydrolase from Sphingomonas sp. A1' 
_struct.pdbx_model_details        ? 
_struct.pdbx_CASP_flag            ? 
_struct.pdbx_model_type_details   ? 
# 
_struct_keywords.entry_id        2ZYC 
_struct_keywords.pdbx_keywords   HYDROLASE 
_struct_keywords.text            HYDROLASE 
# 
loop_
_struct_asym.id 
_struct_asym.pdbx_blank_PDB_chainid_flag 
_struct_asym.pdbx_modified 
_struct_asym.entity_id 
_struct_asym.details 
A N N 1 ? 
B N N 2 ? 
C N N 3 ? 
# 
_struct_ref.id                         1 
_struct_ref.db_name                    UNP 
_struct_ref.db_code                    B7XH69_9SPHN 
_struct_ref.pdbx_db_accession          B7XH69 
_struct_ref.entity_id                  1 
_struct_ref.pdbx_seq_one_letter_code   
;TPQAFVDATWPQAAKAAQSLGVPAHFLVAQAALETGWGKSQIRNKDGTPSYNLFNIKAGSNWTGKVVEARTVEYENGQRK
VRVERFRAYDSYEQAFQDYADLVGNSPRYAKVAGKTDGHAFARALQEGGYATDPSYADKLARVINGNALRQRLMASAASA
RG
;
_struct_ref.pdbx_align_begin           152 
_struct_ref.pdbx_db_isoform            ? 
# 
_struct_ref_seq.align_id                      1 
_struct_ref_seq.ref_id                        1 
_struct_ref_seq.pdbx_PDB_id_code              2ZYC 
_struct_ref_seq.pdbx_strand_id                A 
_struct_ref_seq.seq_align_beg                 1 
_struct_ref_seq.pdbx_seq_align_beg_ins_code   ? 
_struct_ref_seq.seq_align_end                 162 
_struct_ref_seq.pdbx_seq_align_end_ins_code   ? 
_struct_ref_seq.pdbx_db_accession             B7XH69 
_struct_ref_seq.db_align_beg                  152 
_struct_ref_seq.pdbx_db_align_beg_ins_code    ? 
_struct_ref_seq.db_align_end                  313 
_struct_ref_seq.pdbx_db_align_end_ins_code    ? 
_struct_ref_seq.pdbx_auth_seq_align_beg       152 
_struct_ref_seq.pdbx_auth_seq_align_end       313 
# 
loop_
_struct_ref_seq_dif.align_id 
_struct_ref_seq_dif.pdbx_pdb_id_code 
_struct_ref_seq_dif.mon_id 
_struct_ref_seq_dif.pdbx_pdb_strand_id 
_struct_ref_seq_dif.seq_num 
_struct_ref_seq_dif.pdbx_pdb_ins_code 
_struct_ref_seq_dif.pdbx_seq_db_name 
_struct_ref_seq_dif.pdbx_seq_db_accession_code 
_struct_ref_seq_dif.db_mon_id 
_struct_ref_seq_dif.pdbx_seq_db_seq_num 
_struct_ref_seq_dif.details 
_struct_ref_seq_dif.pdbx_auth_seq_num 
_struct_ref_seq_dif.pdbx_ordinal 
1 2ZYC MET A 1   ? UNP B7XH69 THR 152 'engineered mutation' 152 1  
1 2ZYC ALA A 2   ? UNP B7XH69 PRO 153 'engineered mutation' 153 2  
1 2ZYC LEU A 163 ? UNP B7XH69 ?   ?   'expression tag'      314 3  
1 2ZYC GLU A 164 ? UNP B7XH69 ?   ?   'expression tag'      315 4  
1 2ZYC HIS A 165 ? UNP B7XH69 ?   ?   'expression tag'      316 5  
1 2ZYC HIS A 166 ? UNP B7XH69 ?   ?   'expression tag'      317 6  
1 2ZYC HIS A 167 ? UNP B7XH69 ?   ?   'expression tag'      318 7  
1 2ZYC HIS A 168 ? UNP B7XH69 ?   ?   'expression tag'      319 8  
1 2ZYC HIS A 169 ? UNP B7XH69 ?   ?   'expression tag'      320 9  
1 2ZYC HIS A 170 ? UNP B7XH69 ?   ?   'expression tag'      321 10 
# 
_pdbx_struct_assembly.id                   1 
_pdbx_struct_assembly.details              author_and_software_defined_assembly 
_pdbx_struct_assembly.method_details       PISA 
_pdbx_struct_assembly.oligomeric_details   monomeric 
_pdbx_struct_assembly.oligomeric_count     1 
# 
_pdbx_struct_assembly_gen.assembly_id       1 
_pdbx_struct_assembly_gen.oper_expression   1 
_pdbx_struct_assembly_gen.asym_id_list      A,B,C 
# 
_pdbx_struct_oper_list.id                   1 
_pdbx_struct_oper_list.type                 'identity operation' 
_pdbx_struct_oper_list.name                 1_555 
_pdbx_struct_oper_list.symmetry_operation   x,y,z 
_pdbx_struct_oper_list.matrix[1][1]         1.0000000000 
_pdbx_struct_oper_list.matrix[1][2]         0.0000000000 
_pdbx_struct_oper_list.matrix[1][3]         0.0000000000 
_pdbx_struct_oper_list.vector[1]            0.0000000000 
_pdbx_struct_oper_list.matrix[2][1]         0.0000000000 
_pdbx_struct_oper_list.matrix[2][2]         1.0000000000 
_pdbx_struct_oper_list.matrix[2][3]         0.0000000000 
_pdbx_struct_oper_list.vector[2]            0.0000000000 
_pdbx_struct_oper_list.matrix[3][1]         0.0000000000 
_pdbx_struct_oper_list.matrix[3][2]         0.0000000000 
_pdbx_struct_oper_list.matrix[3][3]         1.0000000000 
_pdbx_struct_oper_list.vector[3]            0.0000000000 
# 
_struct_biol.id        1 
_struct_biol.details   ? 
# 
loop_
_struct_conf.conf_type_id 
_struct_conf.id 
_struct_conf.pdbx_PDB_helix_id 
_struct_conf.beg_label_comp_id 
_struct_conf.beg_label_asym_id 
_struct_conf.beg_label_seq_id 
_struct_conf.pdbx_beg_PDB_ins_code 
_struct_conf.end_label_comp_id 
_struct_conf.end_label_asym_id 
_struct_conf.end_label_seq_id 
_struct_conf.pdbx_end_PDB_ins_code 
_struct_conf.beg_auth_comp_id 
_struct_conf.beg_auth_asym_id 
_struct_conf.beg_auth_seq_id 
_struct_conf.end_auth_comp_id 
_struct_conf.end_auth_asym_id 
_struct_conf.end_auth_seq_id 
_struct_conf.pdbx_PDB_helix_class 
_struct_conf.details 
_struct_conf.pdbx_PDB_helix_length 
HELX_P HELX_P1 1 ALA A 2   ? GLY A 21  ? ALA A 153 GLY A 172 1 ? 20 
HELX_P HELX_P2 2 PRO A 23  ? GLY A 36  ? PRO A 174 GLY A 187 1 ? 14 
HELX_P HELX_P3 3 SER A 91  ? SER A 106 ? SER A 242 SER A 257 1 ? 16 
HELX_P HELX_P4 4 PRO A 107 ? ALA A 110 ? PRO A 258 ALA A 261 5 ? 4  
HELX_P HELX_P5 5 ASP A 117 ? GLY A 128 ? ASP A 268 GLY A 279 1 ? 12 
HELX_P HELX_P6 6 SER A 135 ? GLY A 146 ? SER A 286 GLY A 297 1 ? 12 
HELX_P HELX_P7 7 GLY A 146 ? ALA A 157 ? GLY A 297 ALA A 308 1 ? 12 
# 
_struct_conf_type.id          HELX_P 
_struct_conf_type.criteria    ? 
_struct_conf_type.reference   ? 
# 
_struct_sheet.id               A 
_struct_sheet.type             ? 
_struct_sheet.number_strands   2 
_struct_sheet.details          ? 
# 
_struct_sheet_order.sheet_id     A 
_struct_sheet_order.range_id_1   1 
_struct_sheet_order.range_id_2   2 
_struct_sheet_order.offset       ? 
_struct_sheet_order.sense        anti-parallel 
# 
loop_
_struct_sheet_range.sheet_id 
_struct_sheet_range.id 
_struct_sheet_range.beg_label_comp_id 
_struct_sheet_range.beg_label_asym_id 
_struct_sheet_range.beg_label_seq_id 
_struct_sheet_range.pdbx_beg_PDB_ins_code 
_struct_sheet_range.end_label_comp_id 
_struct_sheet_range.end_label_asym_id 
_struct_sheet_range.end_label_seq_id 
_struct_sheet_range.pdbx_end_PDB_ins_code 
_struct_sheet_range.beg_auth_comp_id 
_struct_sheet_range.beg_auth_asym_id 
_struct_sheet_range.beg_auth_seq_id 
_struct_sheet_range.end_auth_comp_id 
_struct_sheet_range.end_auth_asym_id 
_struct_sheet_range.end_auth_seq_id 
A 1 LYS A 65 ? THR A 71 ? LYS A 216 THR A 222 
A 2 ARG A 82 ? ALA A 88 ? ARG A 233 ALA A 239 
# 
_pdbx_struct_sheet_hbond.sheet_id                A 
_pdbx_struct_sheet_hbond.range_id_1              1 
_pdbx_struct_sheet_hbond.range_id_2              2 
_pdbx_struct_sheet_hbond.range_1_label_atom_id   N 
_pdbx_struct_sheet_hbond.range_1_label_comp_id   VAL 
_pdbx_struct_sheet_hbond.range_1_label_asym_id   A 
_pdbx_struct_sheet_hbond.range_1_label_seq_id    67 
_pdbx_struct_sheet_hbond.range_1_PDB_ins_code    ? 
_pdbx_struct_sheet_hbond.range_1_auth_atom_id    N 
_pdbx_struct_sheet_hbond.range_1_auth_comp_id    VAL 
_pdbx_struct_sheet_hbond.range_1_auth_asym_id    A 
_pdbx_struct_sheet_hbond.range_1_auth_seq_id     218 
_pdbx_struct_sheet_hbond.range_2_label_atom_id   O 
_pdbx_struct_sheet_hbond.range_2_label_comp_id   PHE 
_pdbx_struct_sheet_hbond.range_2_label_asym_id   A 
_pdbx_struct_sheet_hbond.range_2_label_seq_id    86 
_pdbx_struct_sheet_hbond.range_2_PDB_ins_code    ? 
_pdbx_struct_sheet_hbond.range_2_auth_atom_id    O 
_pdbx_struct_sheet_hbond.range_2_auth_comp_id    PHE 
_pdbx_struct_sheet_hbond.range_2_auth_asym_id    A 
_pdbx_struct_sheet_hbond.range_2_auth_seq_id     237 
# 
_struct_site.id                   AC1 
_struct_site.pdbx_evidence_code   Software 
_struct_site.pdbx_auth_asym_id    A 
_struct_site.pdbx_auth_comp_id    PO4 
_struct_site.pdbx_auth_seq_id     401 
_struct_site.pdbx_auth_ins_code   ? 
_struct_site.pdbx_num_residues    6 
_struct_site.details              'BINDING SITE FOR RESIDUE PO4 A 401' 
# 
loop_
_struct_site_gen.id 
_struct_site_gen.site_id 
_struct_site_gen.pdbx_num_res 
_struct_site_gen.label_comp_id 
_struct_site_gen.label_asym_id 
_struct_site_gen.label_seq_id 
_struct_site_gen.pdbx_auth_ins_code 
_struct_site_gen.auth_comp_id 
_struct_site_gen.auth_asym_id 
_struct_site_gen.auth_seq_id 
_struct_site_gen.label_atom_id 
_struct_site_gen.label_alt_id 
_struct_site_gen.symmetry 
_struct_site_gen.details 
1 AC1 6 ALA A 2   ? ALA A 153 . ? 1_555 ? 
2 AC1 6 GLN A 3   ? GLN A 154 . ? 1_555 ? 
3 AC1 6 ARG A 152 ? ARG A 303 . ? 1_555 ? 
4 AC1 6 HOH C .   ? HOH A 522 . ? 1_555 ? 
5 AC1 6 HOH C .   ? HOH A 532 . ? 6_455 ? 
6 AC1 6 HOH C .   ? HOH A 576 . ? 6_455 ? 
# 
_pdbx_struct_special_symmetry.id              1 
_pdbx_struct_special_symmetry.PDB_model_num   1 
_pdbx_struct_special_symmetry.auth_asym_id    A 
_pdbx_struct_special_symmetry.auth_comp_id    HOH 
_pdbx_struct_special_symmetry.auth_seq_id     504 
_pdbx_struct_special_symmetry.PDB_ins_code    ? 
_pdbx_struct_special_symmetry.label_asym_id   C 
_pdbx_struct_special_symmetry.label_comp_id   HOH 
_pdbx_struct_special_symmetry.label_seq_id    . 
# 
loop_
_pdbx_unobs_or_zero_occ_residues.id 
_pdbx_unobs_or_zero_occ_residues.PDB_model_num 
_pdbx_unobs_or_zero_occ_residues.polymer_flag 
_pdbx_unobs_or_zero_occ_residues.occupancy_flag 
_pdbx_unobs_or_zero_occ_residues.auth_asym_id 
_pdbx_unobs_or_zero_occ_residues.auth_comp_id 
_pdbx_unobs_or_zero_occ_residues.auth_seq_id 
_pdbx_unobs_or_zero_occ_residues.PDB_ins_code 
_pdbx_unobs_or_zero_occ_residues.label_asym_id 
_pdbx_unobs_or_zero_occ_residues.label_comp_id 
_pdbx_unobs_or_zero_occ_residues.label_seq_id 
1  1 Y 1 A MET 152 ? A MET 1   
2  1 Y 1 A GLU 224 ? A GLU 73  
3  1 Y 1 A TYR 225 ? A TYR 74  
4  1 Y 1 A GLU 226 ? A GLU 75  
5  1 Y 1 A ASN 227 ? A ASN 76  
6  1 Y 1 A GLY 228 ? A GLY 77  
7  1 Y 1 A GLN 229 ? A GLN 78  
8  1 Y 1 A ARG 230 ? A ARG 79  
9  1 Y 1 A HIS 316 ? A HIS 165 
10 1 Y 1 A HIS 317 ? A HIS 166 
11 1 Y 1 A HIS 318 ? A HIS 167 
12 1 Y 1 A HIS 319 ? A HIS 168 
13 1 Y 1 A HIS 320 ? A HIS 169 
14 1 Y 1 A HIS 321 ? A HIS 170 
# 
loop_
_chem_comp_atom.comp_id 
_chem_comp_atom.atom_id 
_chem_comp_atom.type_symbol 
_chem_comp_atom.pdbx_aromatic_flag 
_chem_comp_atom.pdbx_stereo_config 
_chem_comp_atom.pdbx_ordinal 
ALA N    N N N 1   
ALA CA   C N S 2   
ALA C    C N N 3   
ALA O    O N N 4   
ALA CB   C N N 5   
ALA OXT  O N N 6   
ALA H    H N N 7   
ALA H2   H N N 8   
ALA HA   H N N 9   
ALA HB1  H N N 10  
ALA HB2  H N N 11  
ALA HB3  H N N 12  
ALA HXT  H N N 13  
ARG N    N N N 14  
ARG CA   C N S 15  
ARG C    C N N 16  
ARG O    O N N 17  
ARG CB   C N N 18  
ARG CG   C N N 19  
ARG CD   C N N 20  
ARG NE   N N N 21  
ARG CZ   C N N 22  
ARG NH1  N N N 23  
ARG NH2  N N N 24  
ARG OXT  O N N 25  
ARG H    H N N 26  
ARG H2   H N N 27  
ARG HA   H N N 28  
ARG HB2  H N N 29  
ARG HB3  H N N 30  
ARG HG2  H N N 31  
ARG HG3  H N N 32  
ARG HD2  H N N 33  
ARG HD3  H N N 34  
ARG HE   H N N 35  
ARG HH11 H N N 36  
ARG HH12 H N N 37  
ARG HH21 H N N 38  
ARG HH22 H N N 39  
ARG HXT  H N N 40  
ASN N    N N N 41  
ASN CA   C N S 42  
ASN C    C N N 43  
ASN O    O N N 44  
ASN CB   C N N 45  
ASN CG   C N N 46  
ASN OD1  O N N 47  
ASN ND2  N N N 48  
ASN OXT  O N N 49  
ASN H    H N N 50  
ASN H2   H N N 51  
ASN HA   H N N 52  
ASN HB2  H N N 53  
ASN HB3  H N N 54  
ASN HD21 H N N 55  
ASN HD22 H N N 56  
ASN HXT  H N N 57  
ASP N    N N N 58  
ASP CA   C N S 59  
ASP C    C N N 60  
ASP O    O N N 61  
ASP CB   C N N 62  
ASP CG   C N N 63  
ASP OD1  O N N 64  
ASP OD2  O N N 65  
ASP OXT  O N N 66  
ASP H    H N N 67  
ASP H2   H N N 68  
ASP HA   H N N 69  
ASP HB2  H N N 70  
ASP HB3  H N N 71  
ASP HD2  H N N 72  
ASP HXT  H N N 73  
GLN N    N N N 74  
GLN CA   C N S 75  
GLN C    C N N 76  
GLN O    O N N 77  
GLN CB   C N N 78  
GLN CG   C N N 79  
GLN CD   C N N 80  
GLN OE1  O N N 81  
GLN NE2  N N N 82  
GLN OXT  O N N 83  
GLN H    H N N 84  
GLN H2   H N N 85  
GLN HA   H N N 86  
GLN HB2  H N N 87  
GLN HB3  H N N 88  
GLN HG2  H N N 89  
GLN HG3  H N N 90  
GLN HE21 H N N 91  
GLN HE22 H N N 92  
GLN HXT  H N N 93  
GLU N    N N N 94  
GLU CA   C N S 95  
GLU C    C N N 96  
GLU O    O N N 97  
GLU CB   C N N 98  
GLU CG   C N N 99  
GLU CD   C N N 100 
GLU OE1  O N N 101 
GLU OE2  O N N 102 
GLU OXT  O N N 103 
GLU H    H N N 104 
GLU H2   H N N 105 
GLU HA   H N N 106 
GLU HB2  H N N 107 
GLU HB3  H N N 108 
GLU HG2  H N N 109 
GLU HG3  H N N 110 
GLU HE2  H N N 111 
GLU HXT  H N N 112 
GLY N    N N N 113 
GLY CA   C N N 114 
GLY C    C N N 115 
GLY O    O N N 116 
GLY OXT  O N N 117 
GLY H    H N N 118 
GLY H2   H N N 119 
GLY HA2  H N N 120 
GLY HA3  H N N 121 
GLY HXT  H N N 122 
HIS N    N N N 123 
HIS CA   C N S 124 
HIS C    C N N 125 
HIS O    O N N 126 
HIS CB   C N N 127 
HIS CG   C Y N 128 
HIS ND1  N Y N 129 
HIS CD2  C Y N 130 
HIS CE1  C Y N 131 
HIS NE2  N Y N 132 
HIS OXT  O N N 133 
HIS H    H N N 134 
HIS H2   H N N 135 
HIS HA   H N N 136 
HIS HB2  H N N 137 
HIS HB3  H N N 138 
HIS HD1  H N N 139 
HIS HD2  H N N 140 
HIS HE1  H N N 141 
HIS HE2  H N N 142 
HIS HXT  H N N 143 
HOH O    O N N 144 
HOH H1   H N N 145 
HOH H2   H N N 146 
ILE N    N N N 147 
ILE CA   C N S 148 
ILE C    C N N 149 
ILE O    O N N 150 
ILE CB   C N S 151 
ILE CG1  C N N 152 
ILE CG2  C N N 153 
ILE CD1  C N N 154 
ILE OXT  O N N 155 
ILE H    H N N 156 
ILE H2   H N N 157 
ILE HA   H N N 158 
ILE HB   H N N 159 
ILE HG12 H N N 160 
ILE HG13 H N N 161 
ILE HG21 H N N 162 
ILE HG22 H N N 163 
ILE HG23 H N N 164 
ILE HD11 H N N 165 
ILE HD12 H N N 166 
ILE HD13 H N N 167 
ILE HXT  H N N 168 
LEU N    N N N 169 
LEU CA   C N S 170 
LEU C    C N N 171 
LEU O    O N N 172 
LEU CB   C N N 173 
LEU CG   C N N 174 
LEU CD1  C N N 175 
LEU CD2  C N N 176 
LEU OXT  O N N 177 
LEU H    H N N 178 
LEU H2   H N N 179 
LEU HA   H N N 180 
LEU HB2  H N N 181 
LEU HB3  H N N 182 
LEU HG   H N N 183 
LEU HD11 H N N 184 
LEU HD12 H N N 185 
LEU HD13 H N N 186 
LEU HD21 H N N 187 
LEU HD22 H N N 188 
LEU HD23 H N N 189 
LEU HXT  H N N 190 
LYS N    N N N 191 
LYS CA   C N S 192 
LYS C    C N N 193 
LYS O    O N N 194 
LYS CB   C N N 195 
LYS CG   C N N 196 
LYS CD   C N N 197 
LYS CE   C N N 198 
LYS NZ   N N N 199 
LYS OXT  O N N 200 
LYS H    H N N 201 
LYS H2   H N N 202 
LYS HA   H N N 203 
LYS HB2  H N N 204 
LYS HB3  H N N 205 
LYS HG2  H N N 206 
LYS HG3  H N N 207 
LYS HD2  H N N 208 
LYS HD3  H N N 209 
LYS HE2  H N N 210 
LYS HE3  H N N 211 
LYS HZ1  H N N 212 
LYS HZ2  H N N 213 
LYS HZ3  H N N 214 
LYS HXT  H N N 215 
MET N    N N N 216 
MET CA   C N S 217 
MET C    C N N 218 
MET O    O N N 219 
MET CB   C N N 220 
MET CG   C N N 221 
MET SD   S N N 222 
MET CE   C N N 223 
MET OXT  O N N 224 
MET H    H N N 225 
MET H2   H N N 226 
MET HA   H N N 227 
MET HB2  H N N 228 
MET HB3  H N N 229 
MET HG2  H N N 230 
MET HG3  H N N 231 
MET HE1  H N N 232 
MET HE2  H N N 233 
MET HE3  H N N 234 
MET HXT  H N N 235 
PHE N    N N N 236 
PHE CA   C N S 237 
PHE C    C N N 238 
PHE O    O N N 239 
PHE CB   C N N 240 
PHE CG   C Y N 241 
PHE CD1  C Y N 242 
PHE CD2  C Y N 243 
PHE CE1  C Y N 244 
PHE CE2  C Y N 245 
PHE CZ   C Y N 246 
PHE OXT  O N N 247 
PHE H    H N N 248 
PHE H2   H N N 249 
PHE HA   H N N 250 
PHE HB2  H N N 251 
PHE HB3  H N N 252 
PHE HD1  H N N 253 
PHE HD2  H N N 254 
PHE HE1  H N N 255 
PHE HE2  H N N 256 
PHE HZ   H N N 257 
PHE HXT  H N N 258 
PO4 P    P N N 259 
PO4 O1   O N N 260 
PO4 O2   O N N 261 
PO4 O3   O N N 262 
PO4 O4   O N N 263 
PRO N    N N N 264 
PRO CA   C N S 265 
PRO C    C N N 266 
PRO O    O N N 267 
PRO CB   C N N 268 
PRO CG   C N N 269 
PRO CD   C N N 270 
PRO OXT  O N N 271 
PRO H    H N N 272 
PRO HA   H N N 273 
PRO HB2  H N N 274 
PRO HB3  H N N 275 
PRO HG2  H N N 276 
PRO HG3  H N N 277 
PRO HD2  H N N 278 
PRO HD3  H N N 279 
PRO HXT  H N N 280 
SER N    N N N 281 
SER CA   C N S 282 
SER C    C N N 283 
SER O    O N N 284 
SER CB   C N N 285 
SER OG   O N N 286 
SER OXT  O N N 287 
SER H    H N N 288 
SER H2   H N N 289 
SER HA   H N N 290 
SER HB2  H N N 291 
SER HB3  H N N 292 
SER HG   H N N 293 
SER HXT  H N N 294 
THR N    N N N 295 
THR CA   C N S 296 
THR C    C N N 297 
THR O    O N N 298 
THR CB   C N R 299 
THR OG1  O N N 300 
THR CG2  C N N 301 
THR OXT  O N N 302 
THR H    H N N 303 
THR H2   H N N 304 
THR HA   H N N 305 
THR HB   H N N 306 
THR HG1  H N N 307 
THR HG21 H N N 308 
THR HG22 H N N 309 
THR HG23 H N N 310 
THR HXT  H N N 311 
TRP N    N N N 312 
TRP CA   C N S 313 
TRP C    C N N 314 
TRP O    O N N 315 
TRP CB   C N N 316 
TRP CG   C Y N 317 
TRP CD1  C Y N 318 
TRP CD2  C Y N 319 
TRP NE1  N Y N 320 
TRP CE2  C Y N 321 
TRP CE3  C Y N 322 
TRP CZ2  C Y N 323 
TRP CZ3  C Y N 324 
TRP CH2  C Y N 325 
TRP OXT  O N N 326 
TRP H    H N N 327 
TRP H2   H N N 328 
TRP HA   H N N 329 
TRP HB2  H N N 330 
TRP HB3  H N N 331 
TRP HD1  H N N 332 
TRP HE1  H N N 333 
TRP HE3  H N N 334 
TRP HZ2  H N N 335 
TRP HZ3  H N N 336 
TRP HH2  H N N 337 
TRP HXT  H N N 338 
TYR N    N N N 339 
TYR CA   C N S 340 
TYR C    C N N 341 
TYR O    O N N 342 
TYR CB   C N N 343 
TYR CG   C Y N 344 
TYR CD1  C Y N 345 
TYR CD2  C Y N 346 
TYR CE1  C Y N 347 
TYR CE2  C Y N 348 
TYR CZ   C Y N 349 
TYR OH   O N N 350 
TYR OXT  O N N 351 
TYR H    H N N 352 
TYR H2   H N N 353 
TYR HA   H N N 354 
TYR HB2  H N N 355 
TYR HB3  H N N 356 
TYR HD1  H N N 357 
TYR HD2  H N N 358 
TYR HE1  H N N 359 
TYR HE2  H N N 360 
TYR HH   H N N 361 
TYR HXT  H N N 362 
VAL N    N N N 363 
VAL CA   C N S 364 
VAL C    C N N 365 
VAL O    O N N 366 
VAL CB   C N N 367 
VAL CG1  C N N 368 
VAL CG2  C N N 369 
VAL OXT  O N N 370 
VAL H    H N N 371 
VAL H2   H N N 372 
VAL HA   H N N 373 
VAL HB   H N N 374 
VAL HG11 H N N 375 
VAL HG12 H N N 376 
VAL HG13 H N N 377 
VAL HG21 H N N 378 
VAL HG22 H N N 379 
VAL HG23 H N N 380 
VAL HXT  H N N 381 
# 
loop_
_chem_comp_bond.comp_id 
_chem_comp_bond.atom_id_1 
_chem_comp_bond.atom_id_2 
_chem_comp_bond.value_order 
_chem_comp_bond.pdbx_aromatic_flag 
_chem_comp_bond.pdbx_stereo_config 
_chem_comp_bond.pdbx_ordinal 
ALA N   CA   sing N N 1   
ALA N   H    sing N N 2   
ALA N   H2   sing N N 3   
ALA CA  C    sing N N 4   
ALA CA  CB   sing N N 5   
ALA CA  HA   sing N N 6   
ALA C   O    doub N N 7   
ALA C   OXT  sing N N 8   
ALA CB  HB1  sing N N 9   
ALA CB  HB2  sing N N 10  
ALA CB  HB3  sing N N 11  
ALA OXT HXT  sing N N 12  
ARG N   CA   sing N N 13  
ARG N   H    sing N N 14  
ARG N   H2   sing N N 15  
ARG CA  C    sing N N 16  
ARG CA  CB   sing N N 17  
ARG CA  HA   sing N N 18  
ARG C   O    doub N N 19  
ARG C   OXT  sing N N 20  
ARG CB  CG   sing N N 21  
ARG CB  HB2  sing N N 22  
ARG CB  HB3  sing N N 23  
ARG CG  CD   sing N N 24  
ARG CG  HG2  sing N N 25  
ARG CG  HG3  sing N N 26  
ARG CD  NE   sing N N 27  
ARG CD  HD2  sing N N 28  
ARG CD  HD3  sing N N 29  
ARG NE  CZ   sing N N 30  
ARG NE  HE   sing N N 31  
ARG CZ  NH1  sing N N 32  
ARG CZ  NH2  doub N N 33  
ARG NH1 HH11 sing N N 34  
ARG NH1 HH12 sing N N 35  
ARG NH2 HH21 sing N N 36  
ARG NH2 HH22 sing N N 37  
ARG OXT HXT  sing N N 38  
ASN N   CA   sing N N 39  
ASN N   H    sing N N 40  
ASN N   H2   sing N N 41  
ASN CA  C    sing N N 42  
ASN CA  CB   sing N N 43  
ASN CA  HA   sing N N 44  
ASN C   O    doub N N 45  
ASN C   OXT  sing N N 46  
ASN CB  CG   sing N N 47  
ASN CB  HB2  sing N N 48  
ASN CB  HB3  sing N N 49  
ASN CG  OD1  doub N N 50  
ASN CG  ND2  sing N N 51  
ASN ND2 HD21 sing N N 52  
ASN ND2 HD22 sing N N 53  
ASN OXT HXT  sing N N 54  
ASP N   CA   sing N N 55  
ASP N   H    sing N N 56  
ASP N   H2   sing N N 57  
ASP CA  C    sing N N 58  
ASP CA  CB   sing N N 59  
ASP CA  HA   sing N N 60  
ASP C   O    doub N N 61  
ASP C   OXT  sing N N 62  
ASP CB  CG   sing N N 63  
ASP CB  HB2  sing N N 64  
ASP CB  HB3  sing N N 65  
ASP CG  OD1  doub N N 66  
ASP CG  OD2  sing N N 67  
ASP OD2 HD2  sing N N 68  
ASP OXT HXT  sing N N 69  
GLN N   CA   sing N N 70  
GLN N   H    sing N N 71  
GLN N   H2   sing N N 72  
GLN CA  C    sing N N 73  
GLN CA  CB   sing N N 74  
GLN CA  HA   sing N N 75  
GLN C   O    doub N N 76  
GLN C   OXT  sing N N 77  
GLN CB  CG   sing N N 78  
GLN CB  HB2  sing N N 79  
GLN CB  HB3  sing N N 80  
GLN CG  CD   sing N N 81  
GLN CG  HG2  sing N N 82  
GLN CG  HG3  sing N N 83  
GLN CD  OE1  doub N N 84  
GLN CD  NE2  sing N N 85  
GLN NE2 HE21 sing N N 86  
GLN NE2 HE22 sing N N 87  
GLN OXT HXT  sing N N 88  
GLU N   CA   sing N N 89  
GLU N   H    sing N N 90  
GLU N   H2   sing N N 91  
GLU CA  C    sing N N 92  
GLU CA  CB   sing N N 93  
GLU CA  HA   sing N N 94  
GLU C   O    doub N N 95  
GLU C   OXT  sing N N 96  
GLU CB  CG   sing N N 97  
GLU CB  HB2  sing N N 98  
GLU CB  HB3  sing N N 99  
GLU CG  CD   sing N N 100 
GLU CG  HG2  sing N N 101 
GLU CG  HG3  sing N N 102 
GLU CD  OE1  doub N N 103 
GLU CD  OE2  sing N N 104 
GLU OE2 HE2  sing N N 105 
GLU OXT HXT  sing N N 106 
GLY N   CA   sing N N 107 
GLY N   H    sing N N 108 
GLY N   H2   sing N N 109 
GLY CA  C    sing N N 110 
GLY CA  HA2  sing N N 111 
GLY CA  HA3  sing N N 112 
GLY C   O    doub N N 113 
GLY C   OXT  sing N N 114 
GLY OXT HXT  sing N N 115 
HIS N   CA   sing N N 116 
HIS N   H    sing N N 117 
HIS N   H2   sing N N 118 
HIS CA  C    sing N N 119 
HIS CA  CB   sing N N 120 
HIS CA  HA   sing N N 121 
HIS C   O    doub N N 122 
HIS C   OXT  sing N N 123 
HIS CB  CG   sing N N 124 
HIS CB  HB2  sing N N 125 
HIS CB  HB3  sing N N 126 
HIS CG  ND1  sing Y N 127 
HIS CG  CD2  doub Y N 128 
HIS ND1 CE1  doub Y N 129 
HIS ND1 HD1  sing N N 130 
HIS CD2 NE2  sing Y N 131 
HIS CD2 HD2  sing N N 132 
HIS CE1 NE2  sing Y N 133 
HIS CE1 HE1  sing N N 134 
HIS NE2 HE2  sing N N 135 
HIS OXT HXT  sing N N 136 
HOH O   H1   sing N N 137 
HOH O   H2   sing N N 138 
ILE N   CA   sing N N 139 
ILE N   H    sing N N 140 
ILE N   H2   sing N N 141 
ILE CA  C    sing N N 142 
ILE CA  CB   sing N N 143 
ILE CA  HA   sing N N 144 
ILE C   O    doub N N 145 
ILE C   OXT  sing N N 146 
ILE CB  CG1  sing N N 147 
ILE CB  CG2  sing N N 148 
ILE CB  HB   sing N N 149 
ILE CG1 CD1  sing N N 150 
ILE CG1 HG12 sing N N 151 
ILE CG1 HG13 sing N N 152 
ILE CG2 HG21 sing N N 153 
ILE CG2 HG22 sing N N 154 
ILE CG2 HG23 sing N N 155 
ILE CD1 HD11 sing N N 156 
ILE CD1 HD12 sing N N 157 
ILE CD1 HD13 sing N N 158 
ILE OXT HXT  sing N N 159 
LEU N   CA   sing N N 160 
LEU N   H    sing N N 161 
LEU N   H2   sing N N 162 
LEU CA  C    sing N N 163 
LEU CA  CB   sing N N 164 
LEU CA  HA   sing N N 165 
LEU C   O    doub N N 166 
LEU C   OXT  sing N N 167 
LEU CB  CG   sing N N 168 
LEU CB  HB2  sing N N 169 
LEU CB  HB3  sing N N 170 
LEU CG  CD1  sing N N 171 
LEU CG  CD2  sing N N 172 
LEU CG  HG   sing N N 173 
LEU CD1 HD11 sing N N 174 
LEU CD1 HD12 sing N N 175 
LEU CD1 HD13 sing N N 176 
LEU CD2 HD21 sing N N 177 
LEU CD2 HD22 sing N N 178 
LEU CD2 HD23 sing N N 179 
LEU OXT HXT  sing N N 180 
LYS N   CA   sing N N 181 
LYS N   H    sing N N 182 
LYS N   H2   sing N N 183 
LYS CA  C    sing N N 184 
LYS CA  CB   sing N N 185 
LYS CA  HA   sing N N 186 
LYS C   O    doub N N 187 
LYS C   OXT  sing N N 188 
LYS CB  CG   sing N N 189 
LYS CB  HB2  sing N N 190 
LYS CB  HB3  sing N N 191 
LYS CG  CD   sing N N 192 
LYS CG  HG2  sing N N 193 
LYS CG  HG3  sing N N 194 
LYS CD  CE   sing N N 195 
LYS CD  HD2  sing N N 196 
LYS CD  HD3  sing N N 197 
LYS CE  NZ   sing N N 198 
LYS CE  HE2  sing N N 199 
LYS CE  HE3  sing N N 200 
LYS NZ  HZ1  sing N N 201 
LYS NZ  HZ2  sing N N 202 
LYS NZ  HZ3  sing N N 203 
LYS OXT HXT  sing N N 204 
MET N   CA   sing N N 205 
MET N   H    sing N N 206 
MET N   H2   sing N N 207 
MET CA  C    sing N N 208 
MET CA  CB   sing N N 209 
MET CA  HA   sing N N 210 
MET C   O    doub N N 211 
MET C   OXT  sing N N 212 
MET CB  CG   sing N N 213 
MET CB  HB2  sing N N 214 
MET CB  HB3  sing N N 215 
MET CG  SD   sing N N 216 
MET CG  HG2  sing N N 217 
MET CG  HG3  sing N N 218 
MET SD  CE   sing N N 219 
MET CE  HE1  sing N N 220 
MET CE  HE2  sing N N 221 
MET CE  HE3  sing N N 222 
MET OXT HXT  sing N N 223 
PHE N   CA   sing N N 224 
PHE N   H    sing N N 225 
PHE N   H2   sing N N 226 
PHE CA  C    sing N N 227 
PHE CA  CB   sing N N 228 
PHE CA  HA   sing N N 229 
PHE C   O    doub N N 230 
PHE C   OXT  sing N N 231 
PHE CB  CG   sing N N 232 
PHE CB  HB2  sing N N 233 
PHE CB  HB3  sing N N 234 
PHE CG  CD1  doub Y N 235 
PHE CG  CD2  sing Y N 236 
PHE CD1 CE1  sing Y N 237 
PHE CD1 HD1  sing N N 238 
PHE CD2 CE2  doub Y N 239 
PHE CD2 HD2  sing N N 240 
PHE CE1 CZ   doub Y N 241 
PHE CE1 HE1  sing N N 242 
PHE CE2 CZ   sing Y N 243 
PHE CE2 HE2  sing N N 244 
PHE CZ  HZ   sing N N 245 
PHE OXT HXT  sing N N 246 
PO4 P   O1   doub N N 247 
PO4 P   O2   sing N N 248 
PO4 P   O3   sing N N 249 
PO4 P   O4   sing N N 250 
PRO N   CA   sing N N 251 
PRO N   CD   sing N N 252 
PRO N   H    sing N N 253 
PRO CA  C    sing N N 254 
PRO CA  CB   sing N N 255 
PRO CA  HA   sing N N 256 
PRO C   O    doub N N 257 
PRO C   OXT  sing N N 258 
PRO CB  CG   sing N N 259 
PRO CB  HB2  sing N N 260 
PRO CB  HB3  sing N N 261 
PRO CG  CD   sing N N 262 
PRO CG  HG2  sing N N 263 
PRO CG  HG3  sing N N 264 
PRO CD  HD2  sing N N 265 
PRO CD  HD3  sing N N 266 
PRO OXT HXT  sing N N 267 
SER N   CA   sing N N 268 
SER N   H    sing N N 269 
SER N   H2   sing N N 270 
SER CA  C    sing N N 271 
SER CA  CB   sing N N 272 
SER CA  HA   sing N N 273 
SER C   O    doub N N 274 
SER C   OXT  sing N N 275 
SER CB  OG   sing N N 276 
SER CB  HB2  sing N N 277 
SER CB  HB3  sing N N 278 
SER OG  HG   sing N N 279 
SER OXT HXT  sing N N 280 
THR N   CA   sing N N 281 
THR N   H    sing N N 282 
THR N   H2   sing N N 283 
THR CA  C    sing N N 284 
THR CA  CB   sing N N 285 
THR CA  HA   sing N N 286 
THR C   O    doub N N 287 
THR C   OXT  sing N N 288 
THR CB  OG1  sing N N 289 
THR CB  CG2  sing N N 290 
THR CB  HB   sing N N 291 
THR OG1 HG1  sing N N 292 
THR CG2 HG21 sing N N 293 
THR CG2 HG22 sing N N 294 
THR CG2 HG23 sing N N 295 
THR OXT HXT  sing N N 296 
TRP N   CA   sing N N 297 
TRP N   H    sing N N 298 
TRP N   H2   sing N N 299 
TRP CA  C    sing N N 300 
TRP CA  CB   sing N N 301 
TRP CA  HA   sing N N 302 
TRP C   O    doub N N 303 
TRP C   OXT  sing N N 304 
TRP CB  CG   sing N N 305 
TRP CB  HB2  sing N N 306 
TRP CB  HB3  sing N N 307 
TRP CG  CD1  doub Y N 308 
TRP CG  CD2  sing Y N 309 
TRP CD1 NE1  sing Y N 310 
TRP CD1 HD1  sing N N 311 
TRP CD2 CE2  doub Y N 312 
TRP CD2 CE3  sing Y N 313 
TRP NE1 CE2  sing Y N 314 
TRP NE1 HE1  sing N N 315 
TRP CE2 CZ2  sing Y N 316 
TRP CE3 CZ3  doub Y N 317 
TRP CE3 HE3  sing N N 318 
TRP CZ2 CH2  doub Y N 319 
TRP CZ2 HZ2  sing N N 320 
TRP CZ3 CH2  sing Y N 321 
TRP CZ3 HZ3  sing N N 322 
TRP CH2 HH2  sing N N 323 
TRP OXT HXT  sing N N 324 
TYR N   CA   sing N N 325 
TYR N   H    sing N N 326 
TYR N   H2   sing N N 327 
TYR CA  C    sing N N 328 
TYR CA  CB   sing N N 329 
TYR CA  HA   sing N N 330 
TYR C   O    doub N N 331 
TYR C   OXT  sing N N 332 
TYR CB  CG   sing N N 333 
TYR CB  HB2  sing N N 334 
TYR CB  HB3  sing N N 335 
TYR CG  CD1  doub Y N 336 
TYR CG  CD2  sing Y N 337 
TYR CD1 CE1  sing Y N 338 
TYR CD1 HD1  sing N N 339 
TYR CD2 CE2  doub Y N 340 
TYR CD2 HD2  sing N N 341 
TYR CE1 CZ   doub Y N 342 
TYR CE1 HE1  sing N N 343 
TYR CE2 CZ   sing Y N 344 
TYR CE2 HE2  sing N N 345 
TYR CZ  OH   sing N N 346 
TYR OH  HH   sing N N 347 
TYR OXT HXT  sing N N 348 
VAL N   CA   sing N N 349 
VAL N   H    sing N N 350 
VAL N   H2   sing N N 351 
VAL CA  C    sing N N 352 
VAL CA  CB   sing N N 353 
VAL CA  HA   sing N N 354 
VAL C   O    doub N N 355 
VAL C   OXT  sing N N 356 
VAL CB  CG1  sing N N 357 
VAL CB  CG2  sing N N 358 
VAL CB  HB   sing N N 359 
VAL CG1 HG11 sing N N 360 
VAL CG1 HG12 sing N N 361 
VAL CG1 HG13 sing N N 362 
VAL CG2 HG21 sing N N 363 
VAL CG2 HG22 sing N N 364 
VAL CG2 HG23 sing N N 365 
VAL OXT HXT  sing N N 366 
# 
_atom_sites.entry_id                    2ZYC 
_atom_sites.fract_transf_matrix[1][1]   0.00439072 
_atom_sites.fract_transf_matrix[1][2]   -0.00516791 
_atom_sites.fract_transf_matrix[1][3]   0.01712954 
_atom_sites.fract_transf_matrix[2][1]   0.01552540 
_atom_sites.fract_transf_matrix[2][2]   -0.00766640 
_atom_sites.fract_transf_matrix[2][3]   -0.00629246 
_atom_sites.fract_transf_matrix[3][1]   0.00469790 
_atom_sites.fract_transf_matrix[3][2]   0.00841773 
_atom_sites.fract_transf_matrix[3][3]   0.00133541 
_atom_sites.fract_transf_vector[1]      -0.149508 
_atom_sites.fract_transf_vector[2]      0.313885 
_atom_sites.fract_transf_vector[3]      0.079814 
# 
loop_
_atom_type.symbol 
C 
N 
O 
P 
S 
# 
loop_
_atom_site.group_PDB 
_atom_site.id 
_atom_site.type_symbol 
_atom_site.label_atom_id 
_atom_site.label_alt_id 
_atom_site.label_comp_id 
_atom_site.label_asym_id 
_atom_site.label_entity_id 
_atom_site.label_seq_id 
_atom_site.pdbx_PDB_ins_code 
_atom_site.Cartn_x 
_atom_site.Cartn_y 
_atom_site.Cartn_z 
_atom_site.occupancy 
_atom_site.B_iso_or_equiv 
_atom_site.pdbx_formal_charge 
_atom_site.auth_seq_id 
_atom_site.auth_comp_id 
_atom_site.auth_asym_id 
_atom_site.auth_atom_id 
_atom_site.pdbx_PDB_model_num 
ATOM   1    N N   . ALA A 1 2   ? 0.481   5.158   -14.804 1.00 15.67 ? 153 ALA A N   1 
ATOM   2    C CA  . ALA A 1 2   ? 0.996   4.625   -13.509 1.00 15.76 ? 153 ALA A CA  1 
ATOM   3    C C   . ALA A 1 2   ? 2.198   5.399   -12.958 1.00 15.63 ? 153 ALA A C   1 
ATOM   4    O O   . ALA A 1 2   ? 2.463   5.334   -11.761 1.00 15.63 ? 153 ALA A O   1 
ATOM   5    C CB  . ALA A 1 2   ? 1.323   3.141   -13.639 1.00 15.78 ? 153 ALA A CB  1 
ATOM   6    N N   . GLN A 1 3   ? 2.918   6.139   -13.809 1.00 15.28 ? 154 GLN A N   1 
ATOM   7    C CA  . GLN A 1 3   ? 4.107   6.863   -13.329 1.00 14.98 ? 154 GLN A CA  1 
ATOM   8    C C   . GLN A 1 3   ? 3.805   7.882   -12.235 1.00 15.38 ? 154 GLN A C   1 
ATOM   9    O O   . GLN A 1 3   ? 4.543   7.979   -11.241 1.00 15.49 ? 154 GLN A O   1 
ATOM   10   C CB  . GLN A 1 3   ? 4.901   7.514   -14.477 1.00 14.91 ? 154 GLN A CB  1 
ATOM   11   C CG  . GLN A 1 3   ? 6.254   8.115   -14.024 1.00 14.36 ? 154 GLN A CG  1 
ATOM   12   C CD  . GLN A 1 3   ? 7.232   7.058   -13.543 1.00 14.36 ? 154 GLN A CD  1 
ATOM   13   O OE1 . GLN A 1 3   ? 7.421   6.036   -14.203 1.00 13.31 ? 154 GLN A OE1 1 
ATOM   14   N NE2 . GLN A 1 3   ? 7.861   7.299   -12.391 1.00 13.42 ? 154 GLN A NE2 1 
ATOM   15   N N   . ALA A 1 4   ? 2.718   8.636   -12.407 1.00 14.69 ? 155 ALA A N   1 
ATOM   16   C CA  . ALA A 1 4   ? 2.339   9.649   -11.426 1.00 14.93 ? 155 ALA A CA  1 
ATOM   17   C C   . ALA A 1 4   ? 1.957   9.010   -10.101 1.00 14.61 ? 155 ALA A C   1 
ATOM   18   O O   . ALA A 1 4   ? 2.206   9.591   -9.043  1.00 15.36 ? 155 ALA A O   1 
ATOM   19   C CB  . ALA A 1 4   ? 1.200   10.511  -11.944 1.00 15.39 ? 155 ALA A CB  1 
ATOM   20   N N   . PHE A 1 5   ? 1.363   7.820   -10.168 1.00 14.41 ? 156 PHE A N   1 
ATOM   21   C CA  . PHE A 1 5   ? 1.038   7.053   -8.953  1.00 14.44 ? 156 PHE A CA  1 
ATOM   22   C C   . PHE A 1 5   ? 2.297   6.752   -8.146  1.00 14.07 ? 156 PHE A C   1 
ATOM   23   O O   . PHE A 1 5   ? 2.353   7.029   -6.941  1.00 14.17 ? 156 PHE A O   1 
ATOM   24   C CB  . PHE A 1 5   ? 0.316   5.751   -9.292  1.00 14.92 ? 156 PHE A CB  1 
ATOM   25   C CG  . PHE A 1 5   ? -0.033  4.931   -8.082  1.00 15.15 ? 156 PHE A CG  1 
ATOM   26   C CD1 . PHE A 1 5   ? -1.117  5.280   -7.282  1.00 15.84 ? 156 PHE A CD1 1 
ATOM   27   C CD2 . PHE A 1 5   ? 0.734   3.830   -7.733  1.00 15.10 ? 156 PHE A CD2 1 
ATOM   28   C CE1 . PHE A 1 5   ? -1.445  4.520   -6.146  1.00 16.22 ? 156 PHE A CE1 1 
ATOM   29   C CE2 . PHE A 1 5   ? 0.417   3.067   -6.609  1.00 15.93 ? 156 PHE A CE2 1 
ATOM   30   C CZ  . PHE A 1 5   ? -0.680  3.418   -5.817  1.00 16.00 ? 156 PHE A CZ  1 
ATOM   31   N N   . VAL A 1 6   ? 3.300   6.193   -8.824  1.00 13.59 ? 157 VAL A N   1 
ATOM   32   C CA  . VAL A 1 6   ? 4.618   5.915   -8.239  1.00 13.25 ? 157 VAL A CA  1 
ATOM   33   C C   . VAL A 1 6   ? 5.277   7.193   -7.698  1.00 13.27 ? 157 VAL A C   1 
ATOM   34   O O   . VAL A 1 6   ? 5.727   7.219   -6.551  1.00 12.82 ? 157 VAL A O   1 
ATOM   35   C CB  . VAL A 1 6   ? 5.538   5.206   -9.264  1.00 12.61 ? 157 VAL A CB  1 
ATOM   36   C CG1 . VAL A 1 6   ? 6.966   5.096   -8.737  1.00 13.32 ? 157 VAL A CG1 1 
ATOM   37   C CG2 . VAL A 1 6   ? 4.986   3.823   -9.603  1.00 13.09 ? 157 VAL A CG2 1 
ATOM   38   N N   . ASP A 1 7   ? 5.319   8.248   -8.517  1.00 13.53 ? 158 ASP A N   1 
ATOM   39   C CA  . ASP A 1 7   ? 5.916   9.524   -8.111  1.00 14.91 ? 158 ASP A CA  1 
ATOM   40   C C   . ASP A 1 7   ? 5.259   10.081  -6.845  1.00 14.84 ? 158 ASP A C   1 
ATOM   41   O O   . ASP A 1 7   ? 5.947   10.578  -5.947  1.00 16.21 ? 158 ASP A O   1 
ATOM   42   C CB  . ASP A 1 7   ? 5.815   10.570  -9.235  1.00 14.75 ? 158 ASP A CB  1 
ATOM   43   C CG  . ASP A 1 7   ? 6.620   10.200  -10.482 1.00 18.14 ? 158 ASP A CG  1 
ATOM   44   O OD1 . ASP A 1 7   ? 7.501   9.312   -10.418 1.00 15.81 ? 158 ASP A OD1 1 
ATOM   45   O OD2 . ASP A 1 7   ? 6.340   10.784  -11.556 1.00 20.61 ? 158 ASP A OD2 1 
ATOM   46   N N   . ALA A 1 8   ? 3.934   9.978   -6.782  1.00 15.24 ? 159 ALA A N   1 
ATOM   47   C CA  . ALA A 1 8   ? 3.130   10.490  -5.670  1.00 15.53 ? 159 ALA A CA  1 
ATOM   48   C C   . ALA A 1 8   ? 3.309   9.678   -4.389  1.00 15.54 ? 159 ALA A C   1 
ATOM   49   O O   . ALA A 1 8   ? 3.428   10.230  -3.296  1.00 15.86 ? 159 ALA A O   1 
ATOM   50   C CB  . ALA A 1 8   ? 1.659   10.512  -6.068  1.00 16.23 ? 159 ALA A CB  1 
ATOM   51   N N   . THR A 1 9   ? 3.336   8.362   -4.522  1.00 14.45 ? 160 THR A N   1 
ATOM   52   C CA  . THR A 1 9   ? 3.363   7.497   -3.353  1.00 14.35 ? 160 THR A CA  1 
ATOM   53   C C   . THR A 1 9   ? 4.770   7.326   -2.782  1.00 13.68 ? 160 THR A C   1 
ATOM   54   O O   . THR A 1 9   ? 4.918   7.062   -1.595  1.00 13.15 ? 160 THR A O   1 
ATOM   55   C CB  . THR A 1 9   ? 2.745   6.117   -3.655  1.00 14.35 ? 160 THR A CB  1 
ATOM   56   O OG1 . THR A 1 9   ? 3.457   5.499   -4.727  1.00 15.40 ? 160 THR A OG1 1 
ATOM   57   C CG2 . THR A 1 9   ? 1.281   6.266   -4.040  1.00 14.62 ? 160 THR A CG2 1 
ATOM   58   N N   . TRP A 1 10  ? 5.793   7.487   -3.626  1.00 13.42 ? 161 TRP A N   1 
ATOM   59   C CA  . TRP A 1 10  ? 7.165   7.220   -3.198  1.00 13.23 ? 161 TRP A CA  1 
ATOM   60   C C   . TRP A 1 10  ? 7.579   7.863   -1.841  1.00 13.11 ? 161 TRP A C   1 
ATOM   61   O O   . TRP A 1 10  ? 8.025   7.136   -0.950  1.00 13.37 ? 161 TRP A O   1 
ATOM   62   C CB  . TRP A 1 10  ? 8.207   7.549   -4.289  1.00 13.60 ? 161 TRP A CB  1 
ATOM   63   C CG  . TRP A 1 10  ? 9.596   7.408   -3.726  1.00 13.67 ? 161 TRP A CG  1 
ATOM   64   C CD1 . TRP A 1 10  ? 10.366  8.402   -3.182  1.00 14.05 ? 161 TRP A CD1 1 
ATOM   65   C CD2 . TRP A 1 10  ? 10.338  6.189   -3.570  1.00 14.35 ? 161 TRP A CD2 1 
ATOM   66   N NE1 . TRP A 1 10  ? 11.551  7.880   -2.723  1.00 13.08 ? 161 TRP A NE1 1 
ATOM   67   C CE2 . TRP A 1 10  ? 11.563  6.525   -2.951  1.00 13.81 ? 161 TRP A CE2 1 
ATOM   68   C CE3 . TRP A 1 10  ? 10.093  4.843   -3.915  1.00 13.30 ? 161 TRP A CE3 1 
ATOM   69   C CZ2 . TRP A 1 10  ? 12.548  5.563   -2.663  1.00 14.44 ? 161 TRP A CZ2 1 
ATOM   70   C CZ3 . TRP A 1 10  ? 11.064  3.890   -3.629  1.00 13.90 ? 161 TRP A CZ3 1 
ATOM   71   C CH2 . TRP A 1 10  ? 12.284  4.257   -3.003  1.00 14.65 ? 161 TRP A CH2 1 
ATOM   72   N N   A PRO A 1 11  ? 7.422   9.198   -1.687  0.50 13.28 ? 162 PRO A N   1 
ATOM   73   N N   B PRO A 1 11  ? 7.450   9.201   -1.695  0.50 13.70 ? 162 PRO A N   1 
ATOM   74   C CA  A PRO A 1 11  ? 7.888   9.830   -0.444  0.50 13.27 ? 162 PRO A CA  1 
ATOM   75   C CA  B PRO A 1 11  ? 7.915   9.832   -0.452  0.50 13.92 ? 162 PRO A CA  1 
ATOM   76   C C   A PRO A 1 11  ? 7.117   9.330   0.769   0.50 13.04 ? 162 PRO A C   1 
ATOM   77   C C   B PRO A 1 11  ? 7.159   9.354   0.783   0.50 13.94 ? 162 PRO A C   1 
ATOM   78   O O   A PRO A 1 11  ? 7.690   9.140   1.838   0.50 13.00 ? 162 PRO A O   1 
ATOM   79   O O   B PRO A 1 11  ? 7.751   9.201   1.849   0.50 13.96 ? 162 PRO A O   1 
ATOM   80   C CB  A PRO A 1 11  ? 7.589   11.314  -0.669  0.50 13.05 ? 162 PRO A CB  1 
ATOM   81   C CB  B PRO A 1 11  ? 7.647   11.322  -0.687  0.50 13.73 ? 162 PRO A CB  1 
ATOM   82   C CG  A PRO A 1 11  ? 6.502   11.330  -1.694  0.50 13.38 ? 162 PRO A CG  1 
ATOM   83   C CG  B PRO A 1 11  ? 7.579   11.464  -2.169  0.50 14.12 ? 162 PRO A CG  1 
ATOM   84   C CD  A PRO A 1 11  ? 6.840   10.196  -2.606  0.50 13.55 ? 162 PRO A CD  1 
ATOM   85   C CD  B PRO A 1 11  ? 6.926   10.209  -2.638  0.50 13.94 ? 162 PRO A CD  1 
ATOM   86   N N   A GLN A 1 12  ? 5.818   9.122   0.592   0.50 13.05 ? 163 GLN A N   1 
ATOM   87   N N   B GLN A 1 12  ? 5.860   9.122   0.640   0.50 14.25 ? 163 GLN A N   1 
ATOM   88   C CA  A GLN A 1 12  ? 4.983   8.611   1.673   0.50 13.18 ? 163 GLN A CA  1 
ATOM   89   C CA  B GLN A 1 12  ? 5.071   8.621   1.764   0.50 14.65 ? 163 GLN A CA  1 
ATOM   90   C C   A GLN A 1 12  ? 5.373   7.180   2.028   0.50 13.51 ? 163 GLN A C   1 
ATOM   91   C C   B GLN A 1 12  ? 5.394   7.158   2.053   0.50 14.38 ? 163 GLN A C   1 
ATOM   92   O O   A GLN A 1 12  ? 5.479   6.827   3.209   0.50 13.21 ? 163 GLN A O   1 
ATOM   93   O O   B GLN A 1 12  ? 5.463   6.755   3.220   0.50 13.99 ? 163 GLN A O   1 
ATOM   94   C CB  A GLN A 1 12  ? 3.501   8.696   1.287   0.50 13.06 ? 163 GLN A CB  1 
ATOM   95   C CB  B GLN A 1 12  ? 3.573   8.816   1.520   0.50 15.11 ? 163 GLN A CB  1 
ATOM   96   C CG  A GLN A 1 12  ? 3.018   10.113  0.995   0.50 12.36 ? 163 GLN A CG  1 
ATOM   97   C CG  B GLN A 1 12  ? 3.098   10.254  1.708   0.50 17.31 ? 163 GLN A CG  1 
ATOM   98   C CD  A GLN A 1 12  ? 3.539   11.132  2.005   0.50 10.90 ? 163 GLN A CD  1 
ATOM   99   C CD  B GLN A 1 12  ? 3.470   11.154  0.552   0.50 19.66 ? 163 GLN A CD  1 
ATOM   100  O OE1 A GLN A 1 12  ? 3.514   10.905  3.216   0.50 10.48 ? 163 GLN A OE1 1 
ATOM   101  O OE1 B GLN A 1 12  ? 3.529   10.718  -0.601  0.50 22.05 ? 163 GLN A OE1 1 
ATOM   102  N NE2 A GLN A 1 12  ? 4.028   12.255  1.504   0.50 12.62 ? 163 GLN A NE2 1 
ATOM   103  N NE2 B GLN A 1 12  ? 3.725   12.422  0.850   0.50 21.14 ? 163 GLN A NE2 1 
ATOM   104  N N   . ALA A 1 13  ? 5.586   6.366   0.997   1.00 13.78 ? 164 ALA A N   1 
ATOM   105  C CA  . ALA A 1 13  ? 6.039   4.983   1.156   1.00 14.36 ? 164 ALA A CA  1 
ATOM   106  C C   . ALA A 1 13  ? 7.394   4.928   1.839   1.00 14.66 ? 164 ALA A C   1 
ATOM   107  O O   . ALA A 1 13  ? 7.606   4.098   2.720   1.00 15.15 ? 164 ALA A O   1 
ATOM   108  C CB  . ALA A 1 13  ? 6.095   4.268   -0.182  1.00 14.24 ? 164 ALA A CB  1 
ATOM   109  N N   . ALA A 1 14  ? 8.306   5.809   1.429   1.00 14.46 ? 165 ALA A N   1 
ATOM   110  C CA  . ALA A 1 14  ? 9.638   5.885   2.034   1.00 14.84 ? 165 ALA A CA  1 
ATOM   111  C C   . ALA A 1 14  ? 9.543   6.196   3.527   1.00 15.38 ? 165 ALA A C   1 
ATOM   112  O O   . ALA A 1 14  ? 10.159  5.502   4.346   1.00 15.40 ? 165 ALA A O   1 
ATOM   113  C CB  . ALA A 1 14  ? 10.495  6.904   1.316   1.00 14.84 ? 165 ALA A CB  1 
ATOM   114  N N   . LYS A 1 15  ? 8.747   7.206   3.882   1.00 15.99 ? 166 LYS A N   1 
ATOM   115  C CA  A LYS A 1 15  ? 8.554   7.577   5.283   0.50 16.50 ? 166 LYS A CA  1 
ATOM   116  C CA  B LYS A 1 15  ? 8.568   7.567   5.290   0.50 16.60 ? 166 LYS A CA  1 
ATOM   117  C C   . LYS A 1 15  ? 8.031   6.377   6.090   1.00 16.91 ? 166 LYS A C   1 
ATOM   118  O O   . LYS A 1 15  ? 8.592   6.022   7.133   1.00 16.58 ? 166 LYS A O   1 
ATOM   119  C CB  A LYS A 1 15  ? 7.604   8.772   5.374   0.50 16.67 ? 166 LYS A CB  1 
ATOM   120  C CB  B LYS A 1 15  ? 7.659   8.790   5.462   0.50 16.66 ? 166 LYS A CB  1 
ATOM   121  C CG  A LYS A 1 15  ? 7.676   9.568   6.676   0.50 17.63 ? 166 LYS A CG  1 
ATOM   122  C CG  B LYS A 1 15  ? 7.406   9.129   6.932   0.50 17.29 ? 166 LYS A CG  1 
ATOM   123  C CD  A LYS A 1 15  ? 7.239   11.023  6.464   0.50 18.37 ? 166 LYS A CD  1 
ATOM   124  C CD  B LYS A 1 15  ? 6.544   10.363  7.139   0.50 17.35 ? 166 LYS A CD  1 
ATOM   125  C CE  A LYS A 1 15  ? 5.897   11.136  5.736   0.50 19.17 ? 166 LYS A CE  1 
ATOM   126  C CE  B LYS A 1 15  ? 6.053   10.397  8.584   0.50 17.97 ? 166 LYS A CE  1 
ATOM   127  N NZ  A LYS A 1 15  ? 5.825   12.360  4.881   0.50 19.63 ? 166 LYS A NZ  1 
ATOM   128  N NZ  B LYS A 1 15  ? 5.839   11.779  9.076   0.50 18.85 ? 166 LYS A NZ  1 
ATOM   129  N N   . ALA A 1 16  ? 6.957   5.755   5.591   1.00 17.35 ? 167 ALA A N   1 
ATOM   130  C CA  . ALA A 1 16  ? 6.349   4.605   6.252   1.00 18.41 ? 167 ALA A CA  1 
ATOM   131  C C   . ALA A 1 16  ? 7.285   3.398   6.294   1.00 19.41 ? 167 ALA A C   1 
ATOM   132  O O   . ALA A 1 16  ? 7.402   2.730   7.329   1.00 19.76 ? 167 ALA A O   1 
ATOM   133  C CB  . ALA A 1 16  ? 5.022   4.248   5.589   1.00 18.35 ? 167 ALA A CB  1 
ATOM   134  N N   . ALA A 1 17  ? 7.966   3.125   5.180   1.00 20.47 ? 168 ALA A N   1 
ATOM   135  C CA  . ALA A 1 17  ? 8.877   1.983   5.100   1.00 21.57 ? 168 ALA A CA  1 
ATOM   136  C C   . ALA A 1 17  ? 9.998   2.105   6.122   1.00 22.42 ? 168 ALA A C   1 
ATOM   137  O O   . ALA A 1 17  ? 10.407  1.115   6.732   1.00 21.84 ? 168 ALA A O   1 
ATOM   138  C CB  . ALA A 1 17  ? 9.453   1.855   3.702   1.00 21.69 ? 168 ALA A CB  1 
ATOM   139  N N   . GLN A 1 18  ? 10.475  3.331   6.318   1.00 23.42 ? 169 GLN A N   1 
ATOM   140  C CA  . GLN A 1 18  ? 11.520  3.599   7.296   1.00 24.84 ? 169 GLN A CA  1 
ATOM   141  C C   . GLN A 1 18  ? 11.023  3.349   8.739   1.00 24.93 ? 169 GLN A C   1 
ATOM   142  O O   . GLN A 1 18  ? 11.776  2.860   9.588   1.00 25.74 ? 169 GLN A O   1 
ATOM   143  C CB  . GLN A 1 18  ? 12.141  4.997   7.059   1.00 25.00 ? 169 GLN A CB  1 
ATOM   144  C CG  . GLN A 1 18  ? 13.080  5.036   5.805   1.00 26.22 ? 169 GLN A CG  1 
ATOM   145  C CD  . GLN A 1 18  ? 13.412  6.439   5.258   1.00 25.91 ? 169 GLN A CD  1 
ATOM   146  O OE1 . GLN A 1 18  ? 13.611  7.405   6.005   1.00 26.22 ? 169 GLN A OE1 1 
ATOM   147  N NE2 . GLN A 1 18  ? 13.501  6.539   3.933   1.00 28.38 ? 169 GLN A NE2 1 
ATOM   148  N N   . SER A 1 19  ? 9.746   3.623   9.000   1.00 24.51 ? 170 SER A N   1 
ATOM   149  C CA  . SER A 1 19  ? 9.151   3.336   10.310  1.00 24.58 ? 170 SER A CA  1 
ATOM   150  C C   . SER A 1 19  ? 8.773   1.859   10.480  1.00 24.26 ? 170 SER A C   1 
ATOM   151  O O   . SER A 1 19  ? 8.636   1.370   11.606  1.00 24.81 ? 170 SER A O   1 
ATOM   152  C CB  . SER A 1 19  ? 7.926   4.215   10.553  1.00 24.92 ? 170 SER A CB  1 
ATOM   153  O OG  . SER A 1 19  ? 6.786   3.668   9.922   1.00 26.00 ? 170 SER A OG  1 
ATOM   154  N N   . LEU A 1 20  ? 8.588   1.156   9.364   1.00 23.22 ? 171 LEU A N   1 
ATOM   155  C CA  . LEU A 1 20  ? 8.217   -0.260  9.399   1.00 22.66 ? 171 LEU A CA  1 
ATOM   156  C C   . LEU A 1 20  ? 9.408   -1.186  9.222   1.00 21.77 ? 171 LEU A C   1 
ATOM   157  O O   . LEU A 1 20  ? 9.274   -2.399  9.382   1.00 22.80 ? 171 LEU A O   1 
ATOM   158  C CB  . LEU A 1 20  ? 7.175   -0.578  8.328   1.00 22.53 ? 171 LEU A CB  1 
ATOM   159  C CG  . LEU A 1 20  ? 5.827   0.140   8.388   1.00 22.89 ? 171 LEU A CG  1 
ATOM   160  C CD1 . LEU A 1 20  ? 5.068   -0.162  7.130   1.00 22.90 ? 171 LEU A CD1 1 
ATOM   161  C CD2 . LEU A 1 20  ? 5.044   -0.299  9.609   1.00 24.84 ? 171 LEU A CD2 1 
ATOM   162  N N   . GLY A 1 21  ? 10.563  -0.613  8.890   1.00 20.95 ? 172 GLY A N   1 
ATOM   163  C CA  . GLY A 1 21  ? 11.801  -1.357  8.685   1.00 19.46 ? 172 GLY A CA  1 
ATOM   164  C C   . GLY A 1 21  ? 11.805  -2.282  7.473   1.00 18.93 ? 172 GLY A C   1 
ATOM   165  O O   . GLY A 1 21  ? 12.277  -3.418  7.555   1.00 18.96 ? 172 GLY A O   1 
ATOM   166  N N   . VAL A 1 22  ? 11.272  -1.789  6.353   1.00 17.50 ? 173 VAL A N   1 
ATOM   167  C CA  . VAL A 1 22  ? 11.241  -2.532  5.084   1.00 15.89 ? 173 VAL A CA  1 
ATOM   168  C C   . VAL A 1 22  ? 11.556  -1.557  3.935   1.00 15.17 ? 173 VAL A C   1 
ATOM   169  O O   . VAL A 1 22  ? 11.457  -0.342  4.116   1.00 15.23 ? 173 VAL A O   1 
ATOM   170  C CB  . VAL A 1 22  ? 9.863   -3.235  4.832   1.00 15.64 ? 173 VAL A CB  1 
ATOM   171  C CG1 . VAL A 1 22  ? 9.472   -4.194  5.979   1.00 14.50 ? 173 VAL A CG1 1 
ATOM   172  C CG2 . VAL A 1 22  ? 8.759   -2.218  4.588   1.00 15.58 ? 173 VAL A CG2 1 
ATOM   173  N N   . PRO A 1 23  ? 11.967  -2.071  2.761   1.00 14.86 ? 174 PRO A N   1 
ATOM   174  C CA  . PRO A 1 23  ? 12.231  -1.149  1.635   1.00 14.41 ? 174 PRO A CA  1 
ATOM   175  C C   . PRO A 1 23  ? 10.975  -0.414  1.145   1.00 14.10 ? 174 PRO A C   1 
ATOM   176  O O   . PRO A 1 23  ? 9.891   -1.000  1.102   1.00 13.73 ? 174 PRO A O   1 
ATOM   177  C CB  . PRO A 1 23  ? 12.784  -2.071  0.542   1.00 14.43 ? 174 PRO A CB  1 
ATOM   178  C CG  . PRO A 1 23  ? 13.240  -3.300  1.278   1.00 14.99 ? 174 PRO A CG  1 
ATOM   179  C CD  . PRO A 1 23  ? 12.279  -3.465  2.402   1.00 14.80 ? 174 PRO A CD  1 
ATOM   180  N N   . ALA A 1 24  ? 11.137  0.861   0.790   1.00 13.55 ? 175 ALA A N   1 
ATOM   181  C CA  . ALA A 1 24  ? 10.030  1.707   0.342   1.00 13.28 ? 175 ALA A CA  1 
ATOM   182  C C   . ALA A 1 24  ? 9.234   1.115   -0.825  1.00 12.91 ? 175 ALA A C   1 
ATOM   183  O O   . ALA A 1 24  ? 8.005   1.197   -0.845  1.00 11.81 ? 175 ALA A O   1 
ATOM   184  C CB  . ALA A 1 24  ? 10.529  3.108   -0.005  1.00 13.65 ? 175 ALA A CB  1 
ATOM   185  N N   . HIS A 1 25  ? 9.925   0.500   -1.783  1.00 12.61 ? 176 HIS A N   1 
ATOM   186  C CA  . HIS A 1 25  ? 9.231   -0.024  -2.958  1.00 12.86 ? 176 HIS A CA  1 
ATOM   187  C C   . HIS A 1 25  ? 8.306   -1.200  -2.638  1.00 12.54 ? 176 HIS A C   1 
ATOM   188  O O   . HIS A 1 25  ? 7.399   -1.496  -3.423  1.00 12.41 ? 176 HIS A O   1 
ATOM   189  C CB  . HIS A 1 25  ? 10.206  -0.349  -4.100  1.00 13.31 ? 176 HIS A CB  1 
ATOM   190  C CG  . HIS A 1 25  ? 10.960  -1.632  -3.936  1.00 14.68 ? 176 HIS A CG  1 
ATOM   191  N ND1 . HIS A 1 25  ? 11.941  -1.807  -2.983  1.00 15.41 ? 176 HIS A ND1 1 
ATOM   192  C CD2 . HIS A 1 25  ? 10.921  -2.780  -4.652  1.00 15.17 ? 176 HIS A CD2 1 
ATOM   193  C CE1 . HIS A 1 25  ? 12.453  -3.018  -3.103  1.00 15.68 ? 176 HIS A CE1 1 
ATOM   194  N NE2 . HIS A 1 25  ? 11.850  -3.630  -4.106  1.00 15.56 ? 176 HIS A NE2 1 
ATOM   195  N N   . PHE A 1 26  ? 8.524   -1.861  -1.496  1.00 12.16 ? 177 PHE A N   1 
ATOM   196  C CA  . PHE A 1 26  ? 7.581   -2.912  -1.051  1.00 12.21 ? 177 PHE A CA  1 
ATOM   197  C C   . PHE A 1 26  ? 6.190   -2.305  -0.842  1.00 11.92 ? 177 PHE A C   1 
ATOM   198  O O   . PHE A 1 26  ? 5.175   -2.913  -1.204  1.00 12.48 ? 177 PHE A O   1 
ATOM   199  C CB  . PHE A 1 26  ? 8.030   -3.577  0.260   1.00 12.33 ? 177 PHE A CB  1 
ATOM   200  C CG  . PHE A 1 26  ? 9.163   -4.567  0.110   1.00 12.86 ? 177 PHE A CG  1 
ATOM   201  C CD1 . PHE A 1 26  ? 9.953   -4.607  -1.035  1.00 14.78 ? 177 PHE A CD1 1 
ATOM   202  C CD2 . PHE A 1 26  ? 9.453   -5.448  1.152   1.00 13.52 ? 177 PHE A CD2 1 
ATOM   203  C CE1 . PHE A 1 26  ? 10.999  -5.525  -1.154  1.00 14.46 ? 177 PHE A CE1 1 
ATOM   204  C CE2 . PHE A 1 26  ? 10.508  -6.357  1.045   1.00 13.79 ? 177 PHE A CE2 1 
ATOM   205  C CZ  . PHE A 1 26  ? 11.280  -6.386  -0.114  1.00 14.39 ? 177 PHE A CZ  1 
ATOM   206  N N   A LEU A 1 27  ? 6.156   -1.109  -0.260  0.50 11.79 ? 178 LEU A N   1 
ATOM   207  N N   B LEU A 1 27  ? 6.151   -1.116  -0.243  0.50 11.76 ? 178 LEU A N   1 
ATOM   208  C CA  A LEU A 1 27  ? 4.896   -0.424  0.033   0.50 11.42 ? 178 LEU A CA  1 
ATOM   209  C CA  B LEU A 1 27  ? 4.883   -0.426  0.023   0.50 11.31 ? 178 LEU A CA  1 
ATOM   210  C C   A LEU A 1 27  ? 4.265   0.196   -1.213  0.50 11.49 ? 178 LEU A C   1 
ATOM   211  C C   B LEU A 1 27  ? 4.264   0.153   -1.241  0.50 11.43 ? 178 LEU A C   1 
ATOM   212  O O   A LEU A 1 27  ? 3.038   0.214   -1.350  0.50 11.30 ? 178 LEU A O   1 
ATOM   213  O O   B LEU A 1 27  ? 3.043   0.104   -1.416  0.50 11.21 ? 178 LEU A O   1 
ATOM   214  C CB  A LEU A 1 27  ? 5.094   0.627   1.133   0.50 11.32 ? 178 LEU A CB  1 
ATOM   215  C CB  B LEU A 1 27  ? 5.053   0.668   1.087   0.50 11.29 ? 178 LEU A CB  1 
ATOM   216  C CG  A LEU A 1 27  ? 5.558   0.085   2.492   0.50 11.24 ? 178 LEU A CG  1 
ATOM   217  C CG  B LEU A 1 27  ? 4.744   0.231   2.522   0.50 11.33 ? 178 LEU A CG  1 
ATOM   218  C CD1 A LEU A 1 27  ? 5.686   1.219   3.484   0.50 10.96 ? 178 LEU A CD1 1 
ATOM   219  C CD1 B LEU A 1 27  ? 5.761   -0.800  3.005   0.50 11.07 ? 178 LEU A CD1 1 
ATOM   220  C CD2 A LEU A 1 27  ? 4.612   -0.988  3.034   0.50 10.54 ? 178 LEU A CD2 1 
ATOM   221  C CD2 B LEU A 1 27  ? 4.706   1.435   3.447   0.50 10.89 ? 178 LEU A CD2 1 
ATOM   222  N N   . VAL A 1 28  ? 5.106   0.703   -2.115  1.00 11.22 ? 179 VAL A N   1 
ATOM   223  C CA  . VAL A 1 28  ? 4.643   1.196   -3.420  1.00 11.38 ? 179 VAL A CA  1 
ATOM   224  C C   . VAL A 1 28  ? 3.998   0.052   -4.203  1.00 11.39 ? 179 VAL A C   1 
ATOM   225  O O   . VAL A 1 28  ? 2.914   0.212   -4.774  1.00 11.18 ? 179 VAL A O   1 
ATOM   226  C CB  . VAL A 1 28  ? 5.794   1.811   -4.255  1.00 11.49 ? 179 VAL A CB  1 
ATOM   227  C CG1 . VAL A 1 28  ? 5.295   2.193   -5.667  1.00 11.49 ? 179 VAL A CG1 1 
ATOM   228  C CG2 . VAL A 1 28  ? 6.396   3.034   -3.535  1.00 11.13 ? 179 VAL A CG2 1 
ATOM   229  N N   . ALA A 1 29  ? 4.670   -1.101  -4.210  1.00 11.58 ? 180 ALA A N   1 
ATOM   230  C CA  . ALA A 1 29  ? 4.162   -2.289  -4.890  1.00 11.62 ? 180 ALA A CA  1 
ATOM   231  C C   . ALA A 1 29  ? 2.818   -2.697  -4.325  1.00 12.21 ? 180 ALA A C   1 
ATOM   232  O O   . ALA A 1 29  ? 1.873   -2.963  -5.076  1.00 12.30 ? 180 ALA A O   1 
ATOM   233  C CB  . ALA A 1 29  ? 5.154   -3.435  -4.787  1.00 12.53 ? 180 ALA A CB  1 
ATOM   234  N N   . GLN A 1 30  ? 2.724   -2.721  -2.998  1.00 11.83 ? 181 GLN A N   1 
ATOM   235  C CA  . GLN A 1 30  ? 1.491   -3.156  -2.354  1.00 12.12 ? 181 GLN A CA  1 
ATOM   236  C C   . GLN A 1 30  ? 0.310   -2.249  -2.708  1.00 12.33 ? 181 GLN A C   1 
ATOM   237  O O   . GLN A 1 30  ? -0.785  -2.738  -3.037  1.00 12.35 ? 181 GLN A O   1 
ATOM   238  C CB  . GLN A 1 30  ? 1.662   -3.261  -0.846  1.00 12.20 ? 181 GLN A CB  1 
ATOM   239  C CG  . GLN A 1 30  ? 0.488   -4.002  -0.193  1.00 12.99 ? 181 GLN A CG  1 
ATOM   240  C CD  . GLN A 1 30  ? 0.552   -4.004  1.310   1.00 13.84 ? 181 GLN A CD  1 
ATOM   241  O OE1 . GLN A 1 30  ? 1.451   -3.410  1.908   1.00 13.70 ? 181 GLN A OE1 1 
ATOM   242  N NE2 . GLN A 1 30  ? -0.408  -4.682  1.941   1.00 16.23 ? 181 GLN A NE2 1 
ATOM   243  N N   . ALA A 1 31  ? 0.547   -0.942  -2.654  1.00 12.40 ? 182 ALA A N   1 
ATOM   244  C CA  . ALA A 1 31  ? -0.471  0.052   -3.008  1.00 12.33 ? 182 ALA A CA  1 
ATOM   245  C C   . ALA A 1 31  ? -0.886  -0.089  -4.480  1.00 12.63 ? 182 ALA A C   1 
ATOM   246  O O   . ALA A 1 31  ? -2.071  0.011   -4.805  1.00 12.95 ? 182 ALA A O   1 
ATOM   247  C CB  . ALA A 1 31  ? 0.037   1.443   -2.721  1.00 12.40 ? 182 ALA A CB  1 
ATOM   248  N N   . ALA A 1 32  ? 0.095   -0.321  -5.348  1.00 12.55 ? 183 ALA A N   1 
ATOM   249  C CA  . ALA A 1 32  ? -0.140  -0.563  -6.775  1.00 13.21 ? 183 ALA A CA  1 
ATOM   250  C C   . ALA A 1 32  ? -1.020  -1.795  -7.015  1.00 12.91 ? 183 ALA A C   1 
ATOM   251  O O   . ALA A 1 32  ? -1.949  -1.755  -7.822  1.00 13.05 ? 183 ALA A O   1 
ATOM   252  C CB  . ALA A 1 32  ? 1.179   -0.720  -7.512  1.00 12.53 ? 183 ALA A CB  1 
ATOM   253  N N   . LEU A 1 33  ? -0.712  -2.890  -6.326  1.00 13.43 ? 184 LEU A N   1 
ATOM   254  C CA  . LEU A 1 33  ? -1.491  -4.114  -6.470  1.00 13.90 ? 184 LEU A CA  1 
ATOM   255  C C   . LEU A 1 33  ? -2.935  -3.873  -6.019  1.00 14.32 ? 184 LEU A C   1 
ATOM   256  O O   . LEU A 1 33  ? -3.891  -4.294  -6.692  1.00 14.22 ? 184 LEU A O   1 
ATOM   257  C CB  . LEU A 1 33  ? -0.856  -5.249  -5.658  1.00 14.22 ? 184 LEU A CB  1 
ATOM   258  C CG  . LEU A 1 33  ? -1.580  -6.606  -5.714  1.00 14.52 ? 184 LEU A CG  1 
ATOM   259  C CD1 . LEU A 1 33  ? -1.657  -7.114  -7.154  1.00 17.66 ? 184 LEU A CD1 1 
ATOM   260  C CD2 . LEU A 1 33  ? -0.865  -7.613  -4.830  1.00 14.87 ? 184 LEU A CD2 1 
ATOM   261  N N   . GLU A 1 34  ? -3.083  -3.178  -4.893  1.00 14.27 ? 185 GLU A N   1 
ATOM   262  C CA  . GLU A 1 34  ? -4.401  -2.944  -4.297  1.00 15.24 ? 185 GLU A CA  1 
ATOM   263  C C   . GLU A 1 34  ? -5.321  -2.065  -5.136  1.00 15.96 ? 185 GLU A C   1 
ATOM   264  O O   . GLU A 1 34  ? -6.539  -2.225  -5.101  1.00 16.38 ? 185 GLU A O   1 
ATOM   265  C CB  . GLU A 1 34  ? -4.268  -2.361  -2.884  1.00 14.78 ? 185 GLU A CB  1 
ATOM   266  C CG  . GLU A 1 34  ? -3.785  -3.369  -1.847  1.00 15.48 ? 185 GLU A CG  1 
ATOM   267  C CD  . GLU A 1 34  ? -4.606  -4.658  -1.849  1.00 17.54 ? 185 GLU A CD  1 
ATOM   268  O OE1 . GLU A 1 34  ? -5.853  -4.573  -1.861  1.00 16.89 ? 185 GLU A OE1 1 
ATOM   269  O OE2 . GLU A 1 34  ? -4.002  -5.753  -1.827  1.00 19.16 ? 185 GLU A OE2 1 
ATOM   270  N N   . THR A 1 35  ? -4.742  -1.150  -5.903  1.00 16.77 ? 186 THR A N   1 
ATOM   271  C CA  . THR A 1 35  ? -5.544  -0.137  -6.583  1.00 18.07 ? 186 THR A CA  1 
ATOM   272  C C   . THR A 1 35  ? -5.312  -0.086  -8.090  1.00 18.42 ? 186 THR A C   1 
ATOM   273  O O   . THR A 1 35  ? -5.707  0.883   -8.730  1.00 18.67 ? 186 THR A O   1 
ATOM   274  C CB  . THR A 1 35  ? -5.266  1.278   -6.020  1.00 18.29 ? 186 THR A CB  1 
ATOM   275  O OG1 . THR A 1 35  ? -3.892  1.614   -6.235  1.00 19.61 ? 186 THR A OG1 1 
ATOM   276  C CG2 . THR A 1 35  ? -5.605  1.367   -4.541  1.00 19.01 ? 186 THR A CG2 1 
ATOM   277  N N   . GLY A 1 36  ? -4.678  -1.118  -8.644  1.00 19.34 ? 187 GLY A N   1 
ATOM   278  C CA  . GLY A 1 36  ? -4.338  -1.143  -10.071 1.00 20.49 ? 187 GLY A CA  1 
ATOM   279  C C   . GLY A 1 36  ? -3.533  0.083   -10.440 1.00 21.69 ? 187 GLY A C   1 
ATOM   280  O O   . GLY A 1 36  ? -3.918  0.850   -11.333 1.00 21.49 ? 187 GLY A O   1 
ATOM   281  N N   . TRP A 1 37  ? -2.430  0.291   -9.719  1.00 22.13 ? 188 TRP A N   1 
ATOM   282  C CA  . TRP A 1 37  ? -1.566  1.458   -9.922  1.00 23.37 ? 188 TRP A CA  1 
ATOM   283  C C   . TRP A 1 37  ? -2.365  2.764   -9.884  1.00 24.12 ? 188 TRP A C   1 
ATOM   284  O O   . TRP A 1 37  ? -2.177  3.647   -10.725 1.00 25.04 ? 188 TRP A O   1 
ATOM   285  C CB  . TRP A 1 37  ? -0.772  1.327   -11.235 1.00 23.03 ? 188 TRP A CB  1 
ATOM   286  C CG  . TRP A 1 37  ? 0.081   0.103   -11.314 1.00 22.78 ? 188 TRP A CG  1 
ATOM   287  C CD1 . TRP A 1 37  ? -0.310  -1.140  -11.720 1.00 22.80 ? 188 TRP A CD1 1 
ATOM   288  C CD2 . TRP A 1 37  ? 1.471   0.000   -10.988 1.00 21.71 ? 188 TRP A CD2 1 
ATOM   289  N NE1 . TRP A 1 37  ? 0.743   -2.018  -11.651 1.00 23.62 ? 188 TRP A NE1 1 
ATOM   290  C CE2 . TRP A 1 37  ? 1.853   -1.343  -11.216 1.00 22.42 ? 188 TRP A CE2 1 
ATOM   291  C CE3 . TRP A 1 37  ? 2.434   0.911   -10.519 1.00 22.07 ? 188 TRP A CE3 1 
ATOM   292  C CZ2 . TRP A 1 37  ? 3.155   -1.806  -10.985 1.00 22.49 ? 188 TRP A CZ2 1 
ATOM   293  C CZ3 . TRP A 1 37  ? 3.733   0.452   -10.298 1.00 22.31 ? 188 TRP A CZ3 1 
ATOM   294  C CH2 . TRP A 1 37  ? 4.080   -0.896  -10.532 1.00 22.45 ? 188 TRP A CH2 1 
ATOM   295  N N   . GLY A 1 38  ? -3.277  2.867   -8.918  1.00 24.64 ? 189 GLY A N   1 
ATOM   296  C CA  . GLY A 1 38  ? -4.107  4.051   -8.735  1.00 25.60 ? 189 GLY A CA  1 
ATOM   297  C C   . GLY A 1 38  ? -5.443  4.066   -9.473  1.00 25.92 ? 189 GLY A C   1 
ATOM   298  O O   . GLY A 1 38  ? -6.311  4.870   -9.147  1.00 26.82 ? 189 GLY A O   1 
ATOM   299  N N   . LYS A 1 39  ? -5.618  3.169   -10.441 1.00 26.03 ? 190 LYS A N   1 
ATOM   300  C CA  . LYS A 1 39  ? -6.804  3.180   -11.317 1.00 26.35 ? 190 LYS A CA  1 
ATOM   301  C C   . LYS A 1 39  ? -8.138  2.821   -10.641 1.00 25.99 ? 190 LYS A C   1 
ATOM   302  O O   . LYS A 1 39  ? -9.198  3.270   -11.096 1.00 26.07 ? 190 LYS A O   1 
ATOM   303  C CB  . LYS A 1 39  ? -6.588  2.270   -12.536 1.00 26.23 ? 190 LYS A CB  1 
ATOM   304  C CG  . LYS A 1 39  ? -5.596  2.802   -13.572 1.00 27.01 ? 190 LYS A CG  1 
ATOM   305  C CD  . LYS A 1 39  ? -5.443  1.841   -14.758 1.00 27.98 ? 190 LYS A CD  1 
ATOM   306  C CE  . LYS A 1 39  ? -4.382  0.750   -14.500 1.00 30.71 ? 190 LYS A CE  1 
ATOM   307  N NZ  . LYS A 1 39  ? -2.976  1.233   -14.722 1.00 32.51 ? 190 LYS A NZ  1 
ATOM   308  N N   . SER A 1 40  ? -8.095  2.016   -9.577  1.00 25.38 ? 191 SER A N   1 
ATOM   309  C CA  . SER A 1 40  ? -9.325  1.487   -8.961  1.00 25.16 ? 191 SER A CA  1 
ATOM   310  C C   . SER A 1 40  ? -9.456  1.745   -7.452  1.00 24.71 ? 191 SER A C   1 
ATOM   311  O O   . SER A 1 40  ? -9.959  0.900   -6.695  1.00 25.10 ? 191 SER A O   1 
ATOM   312  C CB  . SER A 1 40  ? -9.499  -0.005  -9.272  1.00 25.04 ? 191 SER A CB  1 
ATOM   313  O OG  . SER A 1 40  ? -8.619  -0.798  -8.499  1.00 26.22 ? 191 SER A OG  1 
ATOM   314  N N   . GLN A 1 41  ? -9.023  2.926   -7.035  1.00 24.09 ? 192 GLN A N   1 
ATOM   315  C CA  A GLN A 1 41  ? -9.129  3.424   -5.666  0.50 23.75 ? 192 GLN A CA  1 
ATOM   316  C CA  B GLN A 1 41  ? -9.149  3.284   -5.629  0.50 23.67 ? 192 GLN A CA  1 
ATOM   317  C C   . GLN A 1 41  ? -10.590 3.648   -5.270  1.00 23.46 ? 192 GLN A C   1 
ATOM   318  O O   . GLN A 1 41  ? -11.395 4.039   -6.115  1.00 23.44 ? 192 GLN A O   1 
ATOM   319  C CB  A GLN A 1 41  ? -8.404  4.761   -5.632  0.50 23.93 ? 192 GLN A CB  1 
ATOM   320  C CB  B GLN A 1 41  ? -8.177  4.391   -5.222  0.50 23.82 ? 192 GLN A CB  1 
ATOM   321  C CG  A GLN A 1 41  ? -8.114  5.343   -4.275  0.50 23.96 ? 192 GLN A CG  1 
ATOM   322  C CG  B GLN A 1 41  ? -8.547  5.778   -5.709  0.50 23.47 ? 192 GLN A CG  1 
ATOM   323  C CD  A GLN A 1 41  ? -7.294  6.613   -4.389  0.50 23.94 ? 192 GLN A CD  1 
ATOM   324  C CD  B GLN A 1 41  ? -8.068  6.864   -4.766  0.50 24.23 ? 192 GLN A CD  1 
ATOM   325  O OE1 A GLN A 1 41  ? -6.704  6.898   -5.436  0.50 23.44 ? 192 GLN A OE1 1 
ATOM   326  O OE1 B GLN A 1 41  ? -8.459  6.909   -3.593  0.50 22.76 ? 192 GLN A OE1 1 
ATOM   327  N NE2 A GLN A 1 41  ? -7.260  7.388   -3.322  0.50 23.42 ? 192 GLN A NE2 1 
ATOM   328  N NE2 B GLN A 1 41  ? -7.226  7.753   -5.275  0.50 24.09 ? 192 GLN A NE2 1 
ATOM   329  N N   . ILE A 1 42  ? -10.916 3.450   -3.996  1.00 22.84 ? 193 ILE A N   1 
ATOM   330  C CA  . ILE A 1 42  ? -12.262 3.722   -3.479  1.00 22.32 ? 193 ILE A CA  1 
ATOM   331  C C   . ILE A 1 42  ? -12.501 5.234   -3.423  1.00 22.10 ? 193 ILE A C   1 
ATOM   332  O O   . ILE A 1 42  ? -11.630 5.984   -2.999  1.00 21.58 ? 193 ILE A O   1 
ATOM   333  C CB  . ILE A 1 42  ? -12.445 3.076   -2.086  1.00 22.45 ? 193 ILE A CB  1 
ATOM   334  C CG1 . ILE A 1 42  ? -12.365 1.553   -2.198  1.00 21.97 ? 193 ILE A CG1 1 
ATOM   335  C CG2 . ILE A 1 42  ? -13.769 3.492   -1.451  1.00 22.33 ? 193 ILE A CG2 1 
ATOM   336  C CD1 . ILE A 1 42  ? -11.792 0.878   -0.951  1.00 23.02 ? 193 ILE A CD1 1 
ATOM   337  N N   A ARG A 1 43  ? -13.684 5.668   -3.861  0.50 22.14 ? 194 ARG A N   1 
ATOM   338  N N   B ARG A 1 43  ? -13.682 5.674   -3.851  0.50 22.27 ? 194 ARG A N   1 
ATOM   339  C CA  A ARG A 1 43  ? -14.002 7.096   -3.960  0.50 22.35 ? 194 ARG A CA  1 
ATOM   340  C CA  B ARG A 1 43  ? -13.976 7.104   -3.907  0.50 22.59 ? 194 ARG A CA  1 
ATOM   341  C C   A ARG A 1 43  ? -15.239 7.478   -3.133  0.50 22.42 ? 194 ARG A C   1 
ATOM   342  C C   B ARG A 1 43  ? -15.242 7.488   -3.148  0.50 22.57 ? 194 ARG A C   1 
ATOM   343  O O   A ARG A 1 43  ? -16.182 6.691   -3.026  0.50 22.57 ? 194 ARG A O   1 
ATOM   344  O O   B ARG A 1 43  ? -16.203 6.718   -3.096  0.50 22.71 ? 194 ARG A O   1 
ATOM   345  C CB  A ARG A 1 43  ? -14.202 7.496   -5.432  0.50 22.29 ? 194 ARG A CB  1 
ATOM   346  C CB  B ARG A 1 43  ? -14.036 7.572   -5.365  0.50 22.70 ? 194 ARG A CB  1 
ATOM   347  C CG  A ARG A 1 43  ? -13.239 6.809   -6.413  0.50 22.10 ? 194 ARG A CG  1 
ATOM   348  C CG  B ARG A 1 43  ? -12.684 7.465   -6.058  0.50 23.02 ? 194 ARG A CG  1 
ATOM   349  C CD  A ARG A 1 43  ? -13.088 7.550   -7.739  0.50 22.38 ? 194 ARG A CD  1 
ATOM   350  C CD  B ARG A 1 43  ? -12.786 7.399   -7.571  0.50 24.48 ? 194 ARG A CD  1 
ATOM   351  N NE  A ARG A 1 43  ? -12.110 8.634   -7.648  0.50 21.18 ? 194 ARG A NE  1 
ATOM   352  N NE  B ARG A 1 43  ? -11.533 6.929   -8.165  0.50 24.16 ? 194 ARG A NE  1 
ATOM   353  C CZ  A ARG A 1 43  ? -12.424 9.905   -7.418  0.50 19.96 ? 194 ARG A CZ  1 
ATOM   354  C CZ  B ARG A 1 43  ? -10.395 7.624   -8.181  0.50 24.67 ? 194 ARG A CZ  1 
ATOM   355  N NH1 A ARG A 1 43  ? -11.470 10.827  -7.341  0.50 18.63 ? 194 ARG A NH1 1 
ATOM   356  N NH1 B ARG A 1 43  ? -9.314  7.103   -8.744  0.50 24.71 ? 194 ARG A NH1 1 
ATOM   357  N NH2 A ARG A 1 43  ? -13.693 10.253  -7.274  0.50 19.47 ? 194 ARG A NH2 1 
ATOM   358  N NH2 B ARG A 1 43  ? -10.329 8.835   -7.631  0.50 23.70 ? 194 ARG A NH2 1 
ATOM   359  N N   . ASN A 1 44  ? -15.219 8.677   -2.548  1.00 22.87 ? 195 ASN A N   1 
ATOM   360  C CA  . ASN A 1 44  ? -16.390 9.236   -1.835  1.00 23.38 ? 195 ASN A CA  1 
ATOM   361  C C   . ASN A 1 44  ? -17.457 9.640   -2.846  1.00 23.93 ? 195 ASN A C   1 
ATOM   362  O O   . ASN A 1 44  ? -17.136 9.874   -4.014  1.00 24.06 ? 195 ASN A O   1 
ATOM   363  C CB  . ASN A 1 44  ? -15.997 10.464  -1.009  1.00 22.99 ? 195 ASN A CB  1 
ATOM   364  C CG  . ASN A 1 44  ? -15.057 10.136  0.139   1.00 23.39 ? 195 ASN A CG  1 
ATOM   365  O OD1 . ASN A 1 44  ? -15.341 9.277   0.970   1.00 23.74 ? 195 ASN A OD1 1 
ATOM   366  N ND2 . ASN A 1 44  ? -13.936 10.831  0.191   1.00 22.29 ? 195 ASN A ND2 1 
ATOM   367  N N   . LYS A 1 45  ? -18.715 9.733   -2.412  1.00 24.96 ? 196 LYS A N   1 
ATOM   368  C CA  . LYS A 1 45  ? -19.813 10.102  -3.326  1.00 25.79 ? 196 LYS A CA  1 
ATOM   369  C C   . LYS A 1 45  ? -19.645 11.492  -3.936  1.00 25.72 ? 196 LYS A C   1 
ATOM   370  O O   . LYS A 1 45  ? -20.103 11.743  -5.054  1.00 26.21 ? 196 LYS A O   1 
ATOM   371  C CB  . LYS A 1 45  ? -21.173 10.000  -2.637  1.00 26.09 ? 196 LYS A CB  1 
ATOM   372  C CG  . LYS A 1 45  ? -21.618 8.574   -2.377  1.00 27.74 ? 196 LYS A CG  1 
ATOM   373  C CD  . LYS A 1 45  ? -23.126 8.502   -2.169  1.00 30.49 ? 196 LYS A CD  1 
ATOM   374  C CE  . LYS A 1 45  ? -23.512 7.245   -1.406  1.00 32.30 ? 196 LYS A CE  1 
ATOM   375  N NZ  . LYS A 1 45  ? -23.214 7.382   0.055   1.00 34.41 ? 196 LYS A NZ  1 
ATOM   376  N N   . ASP A 1 46  ? -18.967 12.380  -3.211  1.00 25.71 ? 197 ASP A N   1 
ATOM   377  C CA  . ASP A 1 46  ? -18.737 13.743  -3.689  1.00 25.59 ? 197 ASP A CA  1 
ATOM   378  C C   . ASP A 1 46  ? -17.600 13.837  -4.715  1.00 25.53 ? 197 ASP A C   1 
ATOM   379  O O   . ASP A 1 46  ? -17.249 14.934  -5.161  1.00 25.55 ? 197 ASP A O   1 
ATOM   380  C CB  . ASP A 1 46  ? -18.521 14.716  -2.514  1.00 25.88 ? 197 ASP A CB  1 
ATOM   381  C CG  . ASP A 1 46  ? -17.188 14.515  -1.792  1.00 26.42 ? 197 ASP A CG  1 
ATOM   382  O OD1 . ASP A 1 46  ? -16.370 13.664  -2.203  1.00 27.81 ? 197 ASP A OD1 1 
ATOM   383  O OD2 . ASP A 1 46  ? -16.949 15.230  -0.795  1.00 27.13 ? 197 ASP A OD2 1 
ATOM   384  N N   . GLY A 1 47  ? -17.019 12.690  -5.065  1.00 24.93 ? 198 GLY A N   1 
ATOM   385  C CA  . GLY A 1 47  ? -15.948 12.634  -6.060  1.00 24.66 ? 198 GLY A CA  1 
ATOM   386  C C   . GLY A 1 47  ? -14.535 12.749  -5.511  1.00 24.29 ? 198 GLY A C   1 
ATOM   387  O O   . GLY A 1 47  ? -13.560 12.532  -6.247  1.00 24.64 ? 198 GLY A O   1 
ATOM   388  N N   . THR A 1 48  ? -14.398 13.093  -4.235  1.00 23.18 ? 199 THR A N   1 
ATOM   389  C CA  . THR A 1 48  ? -13.073 13.106  -3.621  1.00 22.52 ? 199 THR A CA  1 
ATOM   390  C C   . THR A 1 48  ? -12.621 11.656  -3.408  1.00 21.50 ? 199 THR A C   1 
ATOM   391  O O   . THR A 1 48  ? -13.440 10.783  -3.134  1.00 21.84 ? 199 THR A O   1 
ATOM   392  C CB  . THR A 1 48  ? -13.022 13.905  -2.292  1.00 22.72 ? 199 THR A CB  1 
ATOM   393  O OG1 . THR A 1 48  ? -13.987 13.380  -1.371  1.00 23.11 ? 199 THR A OG1 1 
ATOM   394  C CG2 . THR A 1 48  ? -13.296 15.394  -2.537  1.00 23.34 ? 199 THR A CG2 1 
ATOM   395  N N   . PRO A 1 49  ? -11.319 11.386  -3.582  1.00 20.40 ? 200 PRO A N   1 
ATOM   396  C CA  . PRO A 1 49  ? -10.889 10.011  -3.356  1.00 19.41 ? 200 PRO A CA  1 
ATOM   397  C C   . PRO A 1 49  ? -10.889 9.716   -1.857  1.00 18.35 ? 200 PRO A C   1 
ATOM   398  O O   . PRO A 1 49  ? -10.846 10.645  -1.042  1.00 17.57 ? 200 PRO A O   1 
ATOM   399  C CB  . PRO A 1 49  ? -9.460  9.995   -3.907  1.00 19.23 ? 200 PRO A CB  1 
ATOM   400  C CG  . PRO A 1 49  ? -8.995  11.405  -3.828  1.00 19.98 ? 200 PRO A CG  1 
ATOM   401  C CD  . PRO A 1 49  ? -10.205 12.281  -3.947  1.00 20.48 ? 200 PRO A CD  1 
ATOM   402  N N   . SER A 1 50  ? -10.957 8.436   -1.507  1.00 17.59 ? 201 SER A N   1 
ATOM   403  C CA  . SER A 1 50  ? -10.802 8.017   -0.118  1.00 16.62 ? 201 SER A CA  1 
ATOM   404  C C   . SER A 1 50  ? -9.344  8.125   0.326   1.00 16.08 ? 201 SER A C   1 
ATOM   405  O O   . SER A 1 50  ? -9.061  8.210   1.525   1.00 15.35 ? 201 SER A O   1 
ATOM   406  C CB  . SER A 1 50  ? -11.270 6.577   0.042   1.00 16.99 ? 201 SER A CB  1 
ATOM   407  O OG  . SER A 1 50  ? -10.438 5.705   -0.696  1.00 16.22 ? 201 SER A OG  1 
ATOM   408  N N   . TYR A 1 51  ? -8.438  8.106   -0.662  1.00 15.26 ? 202 TYR A N   1 
ATOM   409  C CA  . TYR A 1 51  ? -6.982  8.038   -0.472  1.00 14.94 ? 202 TYR A CA  1 
ATOM   410  C C   . TYR A 1 51  ? -6.565  6.719   0.188   1.00 13.80 ? 202 TYR A C   1 
ATOM   411  O O   . TYR A 1 51  ? -5.405  6.541   0.564   1.00 13.41 ? 202 TYR A O   1 
ATOM   412  C CB  . TYR A 1 51  ? -6.448  9.239   0.316   1.00 15.90 ? 202 TYR A CB  1 
ATOM   413  C CG  . TYR A 1 51  ? -6.737  10.583  -0.324  1.00 18.43 ? 202 TYR A CG  1 
ATOM   414  C CD1 . TYR A 1 51  ? -5.925  11.086  -1.342  1.00 20.11 ? 202 TYR A CD1 1 
ATOM   415  C CD2 . TYR A 1 51  ? -7.835  11.344  0.088   1.00 20.31 ? 202 TYR A CD2 1 
ATOM   416  C CE1 . TYR A 1 51  ? -6.198  12.341  -1.929  1.00 21.57 ? 202 TYR A CE1 1 
ATOM   417  C CE2 . TYR A 1 51  ? -8.118  12.587  -0.491  1.00 21.07 ? 202 TYR A CE2 1 
ATOM   418  C CZ  . TYR A 1 51  ? -7.297  13.076  -1.491  1.00 20.54 ? 202 TYR A CZ  1 
ATOM   419  O OH  . TYR A 1 51  ? -7.598  14.303  -2.061  1.00 20.62 ? 202 TYR A OH  1 
ATOM   420  N N   . ASN A 1 52  ? -7.520  5.798   0.297   1.00 12.79 ? 203 ASN A N   1 
ATOM   421  C CA  . ASN A 1 52  ? -7.331  4.526   0.994   1.00 12.35 ? 203 ASN A CA  1 
ATOM   422  C C   . ASN A 1 52  ? -6.710  3.512   0.037   1.00 12.05 ? 203 ASN A C   1 
ATOM   423  O O   . ASN A 1 52  ? -7.364  2.567   -0.421  1.00 12.31 ? 203 ASN A O   1 
ATOM   424  C CB  . ASN A 1 52  ? -8.678  4.036   1.549   1.00 11.84 ? 203 ASN A CB  1 
ATOM   425  C CG  . ASN A 1 52  ? -8.537  2.842   2.486   1.00 12.03 ? 203 ASN A CG  1 
ATOM   426  O OD1 . ASN A 1 52  ? -7.468  2.230   2.584   1.00 10.78 ? 203 ASN A OD1 1 
ATOM   427  N ND2 . ASN A 1 52  ? -9.627  2.505   3.173   1.00 11.53 ? 203 ASN A ND2 1 
ATOM   428  N N   A LEU A 1 53  ? -5.429  3.729   -0.254  0.50 11.77 ? 204 LEU A N   1 
ATOM   429  N N   B LEU A 1 53  ? -5.432  3.713   -0.266  0.50 11.96 ? 204 LEU A N   1 
ATOM   430  C CA  A LEU A 1 53  ? -4.697  2.923   -1.226  0.50 11.76 ? 204 LEU A CA  1 
ATOM   431  C CA  B LEU A 1 53  ? -4.747  2.897   -1.268  0.50 12.13 ? 204 LEU A CA  1 
ATOM   432  C C   A LEU A 1 53  ? -4.539  1.466   -0.806  0.50 11.60 ? 204 LEU A C   1 
ATOM   433  C C   B LEU A 1 53  ? -4.352  1.497   -0.781  0.50 11.77 ? 204 LEU A C   1 
ATOM   434  O O   A LEU A 1 53  ? -4.404  0.590   -1.655  0.50 11.46 ? 204 LEU A O   1 
ATOM   435  O O   B LEU A 1 53  ? -3.849  0.694   -1.560  0.50 11.74 ? 204 LEU A O   1 
ATOM   436  C CB  A LEU A 1 53  ? -3.322  3.537   -1.501  0.50 11.48 ? 204 LEU A CB  1 
ATOM   437  C CB  B LEU A 1 53  ? -3.527  3.642   -1.816  0.50 12.05 ? 204 LEU A CB  1 
ATOM   438  C CG  A LEU A 1 53  ? -3.323  4.889   -2.221  0.50 11.31 ? 204 LEU A CG  1 
ATOM   439  C CG  B LEU A 1 53  ? -2.257  3.804   -0.979  0.50 12.26 ? 204 LEU A CG  1 
ATOM   440  C CD1 A LEU A 1 53  ? -1.903  5.285   -2.583  0.50 11.40 ? 204 LEU A CD1 1 
ATOM   441  C CD1 B LEU A 1 53  ? -1.279  4.629   -1.792  0.50 12.57 ? 204 LEU A CD1 1 
ATOM   442  C CD2 A LEU A 1 53  ? -4.194  4.845   -3.469  0.50 10.97 ? 204 LEU A CD2 1 
ATOM   443  C CD2 B LEU A 1 53  ? -2.494  4.442   0.396   0.50 12.21 ? 204 LEU A CD2 1 
ATOM   444  N N   . PHE A 1 54  ? -4.577  1.212   0.501   1.00 11.62 ? 205 PHE A N   1 
ATOM   445  C CA  . PHE A 1 54  ? -4.395  -0.148  1.020   1.00 11.52 ? 205 PHE A CA  1 
ATOM   446  C C   . PHE A 1 54  ? -5.705  -0.909  1.277   1.00 11.78 ? 205 PHE A C   1 
ATOM   447  O O   . PHE A 1 54  ? -5.685  -2.034  1.778   1.00 11.66 ? 205 PHE A O   1 
ATOM   448  C CB  . PHE A 1 54  ? -3.467  -0.139  2.243   1.00 11.44 ? 205 PHE A CB  1 
ATOM   449  C CG  . PHE A 1 54  ? -2.063  0.298   1.915   1.00 10.98 ? 205 PHE A CG  1 
ATOM   450  C CD1 . PHE A 1 54  ? -1.162  -0.592  1.329   1.00 12.01 ? 205 PHE A CD1 1 
ATOM   451  C CD2 . PHE A 1 54  ? -1.652  1.607   2.159   1.00 11.54 ? 205 PHE A CD2 1 
ATOM   452  C CE1 . PHE A 1 54  ? 0.136   -0.178  1.009   1.00 10.90 ? 205 PHE A CE1 1 
ATOM   453  C CE2 . PHE A 1 54  ? -0.355  2.022   1.851   1.00 12.29 ? 205 PHE A CE2 1 
ATOM   454  C CZ  . PHE A 1 54  ? 0.536   1.116   1.276   1.00 11.38 ? 205 PHE A CZ  1 
ATOM   455  N N   . ASN A 1 55  ? -6.828  -0.292  0.892   1.00 11.57 ? 206 ASN A N   1 
ATOM   456  C CA  . ASN A 1 55  ? -8.149  -0.919  0.979   1.00 10.81 ? 206 ASN A CA  1 
ATOM   457  C C   . ASN A 1 55  ? -8.506  -1.351  2.416   1.00 10.56 ? 206 ASN A C   1 
ATOM   458  O O   . ASN A 1 55  ? -9.126  -2.393  2.624   1.00 10.47 ? 206 ASN A O   1 
ATOM   459  C CB  . ASN A 1 55  ? -8.231  -2.103  0.008   1.00 11.01 ? 206 ASN A CB  1 
ATOM   460  C CG  . ASN A 1 55  ? -8.316  -1.669  -1.439  1.00 12.40 ? 206 ASN A CG  1 
ATOM   461  O OD1 . ASN A 1 55  ? -8.951  -0.660  -1.761  1.00 13.70 ? 206 ASN A OD1 1 
ATOM   462  N ND2 . ASN A 1 55  ? -7.688  -2.440  -2.330  1.00 13.16 ? 206 ASN A ND2 1 
ATOM   463  N N   . ILE A 1 56  ? -8.107  -0.532  3.383   1.00 9.71  ? 207 ILE A N   1 
ATOM   464  C CA  . ILE A 1 56  ? -8.293  -0.854  4.801   1.00 9.64  ? 207 ILE A CA  1 
ATOM   465  C C   . ILE A 1 56  ? -9.741  -0.644  5.241   1.00 9.39  ? 207 ILE A C   1 
ATOM   466  O O   . ILE A 1 56  ? -10.294 0.448   5.104   1.00 9.69  ? 207 ILE A O   1 
ATOM   467  C CB  . ILE A 1 56  ? -7.345  -0.056  5.720   1.00 9.13  ? 207 ILE A CB  1 
ATOM   468  C CG1 . ILE A 1 56  ? -5.875  -0.204  5.292   1.00 10.42 ? 207 ILE A CG1 1 
ATOM   469  C CG2 . ILE A 1 56  ? -7.539  -0.477  7.196   1.00 9.92  ? 207 ILE A CG2 1 
ATOM   470  C CD1 . ILE A 1 56  ? -5.362  -1.640  5.223   1.00 10.09 ? 207 ILE A CD1 1 
ATOM   471  N N   . LYS A 1 57  ? -10.335 -1.704  5.786   1.00 9.56  ? 208 LYS A N   1 
ATOM   472  C CA  . LYS A 1 57  ? -11.703 -1.657  6.303   1.00 9.49  ? 208 LYS A CA  1 
ATOM   473  C C   . LYS A 1 57  ? -11.813 -0.760  7.534   1.00 9.92  ? 208 LYS A C   1 
ATOM   474  O O   . LYS A 1 57  ? -10.876 -0.663  8.347   1.00 9.51  ? 208 LYS A O   1 
ATOM   475  C CB  . LYS A 1 57  ? -12.213 -3.065  6.646   1.00 9.46  ? 208 LYS A CB  1 
ATOM   476  C CG  . LYS A 1 57  ? -12.225 -4.067  5.492   1.00 9.39  ? 208 LYS A CG  1 
ATOM   477  C CD  . LYS A 1 57  ? -12.537 -5.475  6.032   1.00 10.12 ? 208 LYS A CD  1 
ATOM   478  C CE  . LYS A 1 57  ? -12.528 -6.517  4.939   1.00 11.57 ? 208 LYS A CE  1 
ATOM   479  N NZ  . LYS A 1 57  ? -12.818 -7.880  5.487   1.00 12.61 ? 208 LYS A NZ  1 
ATOM   480  N N   . ALA A 1 58  ? -12.959 -0.094  7.644   1.00 10.03 ? 209 ALA A N   1 
ATOM   481  C CA  . ALA A 1 58  ? -13.309 0.699   8.817   1.00 10.74 ? 209 ALA A CA  1 
ATOM   482  C C   . ALA A 1 58  ? -14.091 -0.169  9.795   1.00 11.28 ? 209 ALA A C   1 
ATOM   483  O O   . ALA A 1 58  ? -15.265 -0.451  9.581   1.00 11.67 ? 209 ALA A O   1 
ATOM   484  C CB  . ALA A 1 58  ? -14.149 1.913   8.404   1.00 10.53 ? 209 ALA A CB  1 
ATOM   485  N N   . GLY A 1 59  ? -13.430 -0.605  10.862  1.00 11.29 ? 210 GLY A N   1 
ATOM   486  C CA  . GLY A 1 59  ? -14.099 -1.409  11.889  1.00 11.80 ? 210 GLY A CA  1 
ATOM   487  C C   . GLY A 1 59  ? -14.538 -0.591  13.090  1.00 11.66 ? 210 GLY A C   1 
ATOM   488  O O   . GLY A 1 59  ? -14.623 0.637   13.025  1.00 11.83 ? 210 GLY A O   1 
ATOM   489  N N   A SER A 1 60  ? -14.811 -1.281  14.195  0.50 11.42 ? 211 SER A N   1 
ATOM   490  N N   B SER A 1 60  ? -14.816 -1.283  14.194  0.50 11.82 ? 211 SER A N   1 
ATOM   491  C CA  A SER A 1 60  ? -15.300 -0.650  15.419  0.50 11.21 ? 211 SER A CA  1 
ATOM   492  C CA  B SER A 1 60  ? -15.286 -0.651  15.424  0.50 12.09 ? 211 SER A CA  1 
ATOM   493  C C   A SER A 1 60  ? -14.309 0.319   16.071  0.50 11.69 ? 211 SER A C   1 
ATOM   494  C C   B SER A 1 60  ? -14.309 0.367   16.006  0.50 12.13 ? 211 SER A C   1 
ATOM   495  O O   A SER A 1 60  ? -14.724 1.239   16.773  0.50 11.87 ? 211 SER A O   1 
ATOM   496  O O   B SER A 1 60  ? -14.729 1.373   16.580  0.50 12.20 ? 211 SER A O   1 
ATOM   497  C CB  A SER A 1 60  ? -15.706 -1.724  16.432  0.50 10.98 ? 211 SER A CB  1 
ATOM   498  C CB  B SER A 1 60  ? -15.604 -1.718  16.473  0.50 12.01 ? 211 SER A CB  1 
ATOM   499  O OG  A SER A 1 60  ? -14.619 -2.589  16.688  0.50 8.35  ? 211 SER A OG  1 
ATOM   500  O OG  B SER A 1 60  ? -16.707 -2.497  16.058  0.50 12.90 ? 211 SER A OG  1 
ATOM   501  N N   . ASN A 1 61  ? -13.012 0.111   15.846  1.00 11.93 ? 212 ASN A N   1 
ATOM   502  C CA  . ASN A 1 61  ? -11.980 0.982   16.423  1.00 13.13 ? 212 ASN A CA  1 
ATOM   503  C C   . ASN A 1 61  ? -11.633 2.178   15.523  1.00 13.62 ? 212 ASN A C   1 
ATOM   504  O O   . ASN A 1 61  ? -10.691 2.920   15.809  1.00 14.31 ? 212 ASN A O   1 
ATOM   505  C CB  . ASN A 1 61  ? -10.715 0.174   16.749  1.00 13.18 ? 212 ASN A CB  1 
ATOM   506  C CG  . ASN A 1 61  ? -9.991  -0.294  15.496  1.00 14.44 ? 212 ASN A CG  1 
ATOM   507  O OD1 . ASN A 1 61  ? -10.556 -0.270  14.411  1.00 16.49 ? 212 ASN A OD1 1 
ATOM   508  N ND2 . ASN A 1 61  ? -8.744  -0.734  15.644  1.00 15.81 ? 212 ASN A ND2 1 
ATOM   509  N N   . TRP A 1 62  ? -12.377 2.334   14.427  1.00 14.09 ? 213 TRP A N   1 
ATOM   510  C CA  . TRP A 1 62  ? -12.208 3.479   13.522  1.00 14.90 ? 213 TRP A CA  1 
ATOM   511  C C   . TRP A 1 62  ? -13.327 4.505   13.702  1.00 15.92 ? 213 TRP A C   1 
ATOM   512  O O   . TRP A 1 62  ? -14.499 4.196   13.494  1.00 15.82 ? 213 TRP A O   1 
ATOM   513  C CB  . TRP A 1 62  ? -12.159 3.011   12.063  1.00 14.63 ? 213 TRP A CB  1 
ATOM   514  C CG  . TRP A 1 62  ? -12.074 4.124   11.062  1.00 14.58 ? 213 TRP A CG  1 
ATOM   515  C CD1 . TRP A 1 62  ? -13.096 4.619   10.299  1.00 15.39 ? 213 TRP A CD1 1 
ATOM   516  C CD2 . TRP A 1 62  ? -10.905 4.868   10.700  1.00 15.33 ? 213 TRP A CD2 1 
ATOM   517  N NE1 . TRP A 1 62  ? -12.641 5.639   9.495   1.00 15.44 ? 213 TRP A NE1 1 
ATOM   518  C CE2 . TRP A 1 62  ? -11.299 5.812   9.718   1.00 15.72 ? 213 TRP A CE2 1 
ATOM   519  C CE3 . TRP A 1 62  ? -9.566  4.843   11.119  1.00 16.37 ? 213 TRP A CE3 1 
ATOM   520  C CZ2 . TRP A 1 62  ? -10.396 6.713   9.141   1.00 16.08 ? 213 TRP A CZ2 1 
ATOM   521  C CZ3 . TRP A 1 62  ? -8.665  5.744   10.539  1.00 15.97 ? 213 TRP A CZ3 1 
ATOM   522  C CH2 . TRP A 1 62  ? -9.092  6.662   9.560   1.00 15.49 ? 213 TRP A CH2 1 
ATOM   523  N N   . THR A 1 63  ? -12.940 5.723   14.068  1.00 17.40 ? 214 THR A N   1 
ATOM   524  C CA  . THR A 1 63  ? -13.894 6.814   14.292  1.00 18.81 ? 214 THR A CA  1 
ATOM   525  C C   . THR A 1 63  ? -13.674 7.946   13.286  1.00 19.52 ? 214 THR A C   1 
ATOM   526  O O   . THR A 1 63  ? -14.285 9.016   13.394  1.00 20.00 ? 214 THR A O   1 
ATOM   527  C CB  . THR A 1 63  ? -13.777 7.378   15.720  1.00 18.77 ? 214 THR A CB  1 
ATOM   528  O OG1 . THR A 1 63  ? -12.438 7.831   15.934  1.00 19.78 ? 214 THR A OG1 1 
ATOM   529  C CG2 . THR A 1 63  ? -14.134 6.302   16.759  1.00 19.93 ? 214 THR A CG2 1 
ATOM   530  N N   . GLY A 1 64  ? -12.805 7.702   12.308  1.00 19.39 ? 215 GLY A N   1 
ATOM   531  C CA  . GLY A 1 64  ? -12.562 8.665   11.242  1.00 19.73 ? 215 GLY A CA  1 
ATOM   532  C C   . GLY A 1 64  ? -13.657 8.659   10.192  1.00 19.73 ? 215 GLY A C   1 
ATOM   533  O O   . GLY A 1 64  ? -14.732 8.074   10.382  1.00 19.70 ? 215 GLY A O   1 
ATOM   534  N N   . LYS A 1 65  ? -13.377 9.318   9.071   1.00 19.83 ? 216 LYS A N   1 
ATOM   535  C CA  . LYS A 1 65  ? -14.281 9.330   7.942   1.00 19.99 ? 216 LYS A CA  1 
ATOM   536  C C   . LYS A 1 65  ? -14.436 7.921   7.378   1.00 19.34 ? 216 LYS A C   1 
ATOM   537  O O   . LYS A 1 65  ? -13.477 7.148   7.339   1.00 19.11 ? 216 LYS A O   1 
ATOM   538  C CB  . LYS A 1 65  ? -13.752 10.276  6.865   1.00 20.39 ? 216 LYS A CB  1 
ATOM   539  C CG  . LYS A 1 65  ? -14.744 10.583  5.758   1.00 22.85 ? 216 LYS A CG  1 
ATOM   540  C CD  . LYS A 1 65  ? -14.147 11.551  4.753   1.00 26.04 ? 216 LYS A CD  1 
ATOM   541  C CE  . LYS A 1 65  ? -15.184 11.941  3.704   1.00 28.52 ? 216 LYS A CE  1 
ATOM   542  N NZ  . LYS A 1 65  ? -14.794 13.201  3.004   1.00 31.17 ? 216 LYS A NZ  1 
ATOM   543  N N   . VAL A 1 66  ? -15.654 7.608   6.949   1.00 18.94 ? 217 VAL A N   1 
ATOM   544  C CA  . VAL A 1 66  ? -15.998 6.301   6.408   1.00 18.95 ? 217 VAL A CA  1 
ATOM   545  C C   . VAL A 1 66  ? -16.583 6.436   5.008   1.00 19.26 ? 217 VAL A C   1 
ATOM   546  O O   . VAL A 1 66  ? -17.401 7.326   4.740   1.00 19.26 ? 217 VAL A O   1 
ATOM   547  C CB  . VAL A 1 66  ? -16.996 5.557   7.332   1.00 18.91 ? 217 VAL A CB  1 
ATOM   548  C CG1 . VAL A 1 66  ? -17.536 4.290   6.661   1.00 18.46 ? 217 VAL A CG1 1 
ATOM   549  C CG2 . VAL A 1 66  ? -16.336 5.226   8.679   1.00 19.01 ? 217 VAL A CG2 1 
ATOM   550  N N   . VAL A 1 67  ? -16.154 5.551   4.118   1.00 19.11 ? 218 VAL A N   1 
ATOM   551  C CA  . VAL A 1 67  ? -16.724 5.470   2.789   1.00 19.54 ? 218 VAL A CA  1 
ATOM   552  C C   . VAL A 1 67  ? -17.231 4.049   2.561   1.00 20.09 ? 218 VAL A C   1 
ATOM   553  O O   . VAL A 1 67  ? -16.536 3.068   2.847   1.00 19.27 ? 218 VAL A O   1 
ATOM   554  C CB  . VAL A 1 67  ? -15.720 5.940   1.686   1.00 19.67 ? 218 VAL A CB  1 
ATOM   555  C CG1 . VAL A 1 67  ? -14.400 5.168   1.764   1.00 19.59 ? 218 VAL A CG1 1 
ATOM   556  C CG2 . VAL A 1 67  ? -16.349 5.832   0.296   1.00 19.54 ? 218 VAL A CG2 1 
ATOM   557  N N   . GLU A 1 68  ? -18.468 3.941   2.090   1.00 21.28 ? 219 GLU A N   1 
ATOM   558  C CA  . GLU A 1 68  ? -19.032 2.645   1.757   1.00 23.02 ? 219 GLU A CA  1 
ATOM   559  C C   . GLU A 1 68  ? -18.729 2.322   0.306   1.00 23.51 ? 219 GLU A C   1 
ATOM   560  O O   . GLU A 1 68  ? -18.770 3.204   -0.564  1.00 23.94 ? 219 GLU A O   1 
ATOM   561  C CB  . GLU A 1 68  ? -20.539 2.594   2.043   1.00 23.15 ? 219 GLU A CB  1 
ATOM   562  C CG  . GLU A 1 68  ? -20.849 2.479   3.533   1.00 23.89 ? 219 GLU A CG  1 
ATOM   563  C CD  . GLU A 1 68  ? -22.309 2.726   3.883   1.00 25.29 ? 219 GLU A CD  1 
ATOM   564  O OE1 . GLU A 1 68  ? -23.188 2.566   3.011   1.00 28.04 ? 219 GLU A OE1 1 
ATOM   565  O OE2 . GLU A 1 68  ? -22.572 3.085   5.051   1.00 29.04 ? 219 GLU A OE2 1 
ATOM   566  N N   . ALA A 1 69  ? -18.388 1.065   0.055   1.00 23.83 ? 220 ALA A N   1 
ATOM   567  C CA  . ALA A 1 69  ? -18.122 0.591   -1.297  1.00 24.58 ? 220 ALA A CA  1 
ATOM   568  C C   . ALA A 1 69  ? -18.535 -0.867  -1.413  1.00 25.30 ? 220 ALA A C   1 
ATOM   569  O O   . ALA A 1 69  ? -18.423 -1.640  -0.456  1.00 24.45 ? 220 ALA A O   1 
ATOM   570  C CB  . ALA A 1 69  ? -16.654 0.774   -1.660  1.00 24.73 ? 220 ALA A CB  1 
ATOM   571  N N   . ARG A 1 70  ? -19.039 -1.241  -2.582  1.00 26.57 ? 221 ARG A N   1 
ATOM   572  C CA  . ARG A 1 70  ? -19.489 -2.608  -2.796  1.00 28.09 ? 221 ARG A CA  1 
ATOM   573  C C   . ARG A 1 70  ? -18.317 -3.549  -3.090  1.00 29.03 ? 221 ARG A C   1 
ATOM   574  O O   . ARG A 1 70  ? -17.381 -3.196  -3.817  1.00 28.84 ? 221 ARG A O   1 
ATOM   575  C CB  . ARG A 1 70  ? -20.542 -2.664  -3.906  1.00 28.23 ? 221 ARG A CB  1 
ATOM   576  C CG  . ARG A 1 70  ? -21.887 -2.038  -3.526  1.00 29.09 ? 221 ARG A CG  1 
ATOM   577  C CD  . ARG A 1 70  ? -22.782 -1.889  -4.751  1.00 30.59 ? 221 ARG A CD  1 
ATOM   578  N NE  . ARG A 1 70  ? -22.046 -1.276  -5.853  1.00 31.71 ? 221 ARG A NE  1 
ATOM   579  C CZ  . ARG A 1 70  ? -22.148 -1.641  -7.128  1.00 31.40 ? 221 ARG A CZ  1 
ATOM   580  N NH1 . ARG A 1 70  ? -22.964 -2.625  -7.484  1.00 31.50 ? 221 ARG A NH1 1 
ATOM   581  N NH2 . ARG A 1 70  ? -21.425 -1.019  -8.048  1.00 31.75 ? 221 ARG A NH2 1 
ATOM   582  N N   . THR A 1 71  ? -18.366 -4.737  -2.493  1.00 30.35 ? 222 THR A N   1 
ATOM   583  C CA  . THR A 1 71  ? -17.368 -5.772  -2.751  1.00 31.80 ? 222 THR A CA  1 
ATOM   584  C C   . THR A 1 71  ? -18.044 -6.984  -3.394  1.00 32.95 ? 222 THR A C   1 
ATOM   585  O O   . THR A 1 71  ? -19.267 -6.986  -3.588  1.00 33.27 ? 222 THR A O   1 
ATOM   586  C CB  . THR A 1 71  ? -16.606 -6.191  -1.462  1.00 31.70 ? 222 THR A CB  1 
ATOM   587  O OG1 . THR A 1 71  ? -17.533 -6.670  -0.479  1.00 31.43 ? 222 THR A OG1 1 
ATOM   588  C CG2 . THR A 1 71  ? -15.822 -5.018  -0.891  1.00 31.58 ? 222 THR A CG2 1 
ATOM   589  N N   . VAL A 1 72  ? -17.244 -7.995  -3.728  1.00 33.97 ? 223 VAL A N   1 
ATOM   590  C CA  . VAL A 1 72  ? -17.738 -9.242  -4.324  1.00 35.05 ? 223 VAL A CA  1 
ATOM   591  C C   . VAL A 1 72  ? -18.140 -10.253 -3.246  1.00 35.30 ? 223 VAL A C   1 
ATOM   592  O O   . VAL A 1 72  ? -17.387 -10.514 -2.305  1.00 35.88 ? 223 VAL A O   1 
ATOM   593  C CB  . VAL A 1 72  ? -16.691 -9.867  -5.300  1.00 35.02 ? 223 VAL A CB  1 
ATOM   594  C CG1 . VAL A 1 72  ? -16.994 -11.336 -5.576  1.00 35.64 ? 223 VAL A CG1 1 
ATOM   595  C CG2 . VAL A 1 72  ? -16.635 -9.076  -6.605  1.00 35.49 ? 223 VAL A CG2 1 
ATOM   596  N N   . LYS A 1 80  ? -22.524 -12.741 -3.666  1.00 39.94 ? 231 LYS A N   1 
ATOM   597  C CA  . LYS A 1 80  ? -22.851 -11.733 -4.677  1.00 39.78 ? 231 LYS A CA  1 
ATOM   598  C C   . LYS A 1 80  ? -22.196 -10.369 -4.384  1.00 39.22 ? 231 LYS A C   1 
ATOM   599  O O   . LYS A 1 80  ? -20.992 -10.197 -4.592  1.00 39.23 ? 231 LYS A O   1 
ATOM   600  C CB  . LYS A 1 80  ? -24.374 -11.607 -4.858  1.00 40.09 ? 231 LYS A CB  1 
ATOM   601  C CG  . LYS A 1 80  ? -25.171 -11.315 -3.575  1.00 41.25 ? 231 LYS A CG  1 
ATOM   602  C CD  . LYS A 1 80  ? -26.494 -10.600 -3.874  1.00 42.80 ? 231 LYS A CD  1 
ATOM   603  C CE  . LYS A 1 80  ? -26.283 -9.142  -4.289  1.00 43.57 ? 231 LYS A CE  1 
ATOM   604  N NZ  . LYS A 1 80  ? -27.554 -8.455  -4.656  1.00 44.48 ? 231 LYS A NZ  1 
ATOM   605  N N   . VAL A 1 81  ? -22.992 -9.413  -3.908  1.00 38.37 ? 232 VAL A N   1 
ATOM   606  C CA  . VAL A 1 81  ? -22.523 -8.057  -3.620  1.00 37.45 ? 232 VAL A CA  1 
ATOM   607  C C   . VAL A 1 81  ? -22.808 -7.682  -2.158  1.00 36.55 ? 232 VAL A C   1 
ATOM   608  O O   . VAL A 1 81  ? -23.959 -7.710  -1.706  1.00 36.64 ? 232 VAL A O   1 
ATOM   609  C CB  . VAL A 1 81  ? -23.168 -7.013  -4.588  1.00 37.58 ? 232 VAL A CB  1 
ATOM   610  C CG1 . VAL A 1 81  ? -22.893 -5.589  -4.133  1.00 37.58 ? 232 VAL A CG1 1 
ATOM   611  C CG2 . VAL A 1 81  ? -22.682 -7.218  -6.026  1.00 37.91 ? 232 VAL A CG2 1 
ATOM   612  N N   . ARG A 1 82  ? -21.743 -7.348  -1.431  1.00 35.18 ? 233 ARG A N   1 
ATOM   613  C CA  . ARG A 1 82  ? -21.836 -6.819  -0.072  1.00 33.83 ? 233 ARG A CA  1 
ATOM   614  C C   . ARG A 1 82  ? -21.494 -5.341  -0.099  1.00 32.23 ? 233 ARG A C   1 
ATOM   615  O O   . ARG A 1 82  ? -20.711 -4.902  -0.938  1.00 32.31 ? 233 ARG A O   1 
ATOM   616  C CB  . ARG A 1 82  ? -20.833 -7.514  0.855   1.00 34.00 ? 233 ARG A CB  1 
ATOM   617  C CG  . ARG A 1 82  ? -21.286 -8.843  1.420   1.00 35.40 ? 233 ARG A CG  1 
ATOM   618  C CD  . ARG A 1 82  ? -20.366 -9.303  2.549   1.00 36.27 ? 233 ARG A CD  1 
ATOM   619  N NE  . ARG A 1 82  ? -20.540 -8.501  3.762   1.00 37.30 ? 233 ARG A NE  1 
ATOM   620  C CZ  . ARG A 1 82  ? -19.606 -7.715  4.297   1.00 37.98 ? 233 ARG A CZ  1 
ATOM   621  N NH1 . ARG A 1 82  ? -19.879 -7.025  5.397   1.00 37.60 ? 233 ARG A NH1 1 
ATOM   622  N NH2 . ARG A 1 82  ? -18.401 -7.621  3.746   1.00 38.02 ? 233 ARG A NH2 1 
ATOM   623  N N   . VAL A 1 83  ? -22.078 -4.577  0.815   1.00 30.36 ? 234 VAL A N   1 
ATOM   624  C CA  . VAL A 1 83  ? -21.595 -3.230  1.082   1.00 28.21 ? 234 VAL A CA  1 
ATOM   625  C C   . VAL A 1 83  ? -20.560 -3.327  2.207   1.00 26.53 ? 234 VAL A C   1 
ATOM   626  O O   . VAL A 1 83  ? -20.847 -3.858  3.288   1.00 26.62 ? 234 VAL A O   1 
ATOM   627  C CB  . VAL A 1 83  ? -22.732 -2.259  1.460   1.00 28.47 ? 234 VAL A CB  1 
ATOM   628  C CG1 . VAL A 1 83  ? -22.177 -0.879  1.778   1.00 28.48 ? 234 VAL A CG1 1 
ATOM   629  C CG2 . VAL A 1 83  ? -23.757 -2.165  0.327   1.00 28.47 ? 234 VAL A CG2 1 
ATOM   630  N N   . GLU A 1 84  ? -19.356 -2.829  1.933   1.00 24.17 ? 235 GLU A N   1 
ATOM   631  C CA  . GLU A 1 84  ? -18.280 -2.822  2.920   1.00 22.05 ? 235 GLU A CA  1 
ATOM   632  C C   . GLU A 1 84  ? -17.954 -1.398  3.356   1.00 20.67 ? 235 GLU A C   1 
ATOM   633  O O   . GLU A 1 84  ? -18.082 -0.453  2.571   1.00 20.26 ? 235 GLU A O   1 
ATOM   634  C CB  . GLU A 1 84  ? -17.029 -3.516  2.359   1.00 21.70 ? 235 GLU A CB  1 
ATOM   635  C CG  . GLU A 1 84  ? -15.871 -3.681  3.343   1.00 22.37 ? 235 GLU A CG  1 
ATOM   636  C CD  . GLU A 1 84  ? -16.244 -4.502  4.561   1.00 23.27 ? 235 GLU A CD  1 
ATOM   637  O OE1 . GLU A 1 84  ? -16.791 -3.922  5.526   1.00 23.36 ? 235 GLU A OE1 1 
ATOM   638  O OE2 . GLU A 1 84  ? -15.989 -5.721  4.551   1.00 22.27 ? 235 GLU A OE2 1 
ATOM   639  N N   . ARG A 1 85  ? -17.541 -1.256  4.612   1.00 18.76 ? 236 ARG A N   1 
ATOM   640  C CA  . ARG A 1 85  ? -17.192 0.042   5.170   1.00 17.76 ? 236 ARG A CA  1 
ATOM   641  C C   . ARG A 1 85  ? -15.680 0.190   5.190   1.00 16.67 ? 236 ARG A C   1 
ATOM   642  O O   . ARG A 1 85  ? -14.970 -0.619  5.800   1.00 15.41 ? 236 ARG A O   1 
ATOM   643  C CB  . ARG A 1 85  ? -17.781 0.214   6.573   1.00 18.08 ? 236 ARG A CB  1 
ATOM   644  C CG  . ARG A 1 85  ? -19.301 0.377   6.545   1.00 19.58 ? 236 ARG A CG  1 
ATOM   645  C CD  . ARG A 1 85  ? -19.924 0.242   7.917   1.00 19.90 ? 236 ARG A CD  1 
ATOM   646  N NE  . ARG A 1 85  ? -19.329 1.146   8.893   1.00 22.90 ? 236 ARG A NE  1 
ATOM   647  C CZ  . ARG A 1 85  ? -19.692 2.408   9.089   1.00 24.58 ? 236 ARG A CZ  1 
ATOM   648  N NH1 . ARG A 1 85  ? -20.669 2.951   8.369   1.00 26.43 ? 236 ARG A NH1 1 
ATOM   649  N NH2 . ARG A 1 85  ? -19.069 3.128   10.016  1.00 25.59 ? 236 ARG A NH2 1 
ATOM   650  N N   . PHE A 1 86  ? -15.207 1.219   4.493   1.00 15.43 ? 237 PHE A N   1 
ATOM   651  C CA  . PHE A 1 86  ? -13.780 1.486   4.353   1.00 14.55 ? 237 PHE A CA  1 
ATOM   652  C C   . PHE A 1 86  ? -13.381 2.789   5.017   1.00 14.09 ? 237 PHE A C   1 
ATOM   653  O O   . PHE A 1 86  ? -14.163 3.738   5.085   1.00 13.65 ? 237 PHE A O   1 
ATOM   654  C CB  . PHE A 1 86  ? -13.401 1.548   2.869   1.00 14.74 ? 237 PHE A CB  1 
ATOM   655  C CG  . PHE A 1 86  ? -13.499 0.236   2.168   1.00 14.65 ? 237 PHE A CG  1 
ATOM   656  C CD1 . PHE A 1 86  ? -12.454 -0.686  2.248   1.00 15.65 ? 237 PHE A CD1 1 
ATOM   657  C CD2 . PHE A 1 86  ? -14.635 -0.088  1.427   1.00 14.65 ? 237 PHE A CD2 1 
ATOM   658  C CE1 . PHE A 1 86  ? -12.538 -1.926  1.593   1.00 16.26 ? 237 PHE A CE1 1 
ATOM   659  C CE2 . PHE A 1 86  ? -14.733 -1.312  0.773   1.00 15.45 ? 237 PHE A CE2 1 
ATOM   660  C CZ  . PHE A 1 86  ? -13.679 -2.240  0.855   1.00 16.40 ? 237 PHE A CZ  1 
ATOM   661  N N   . ARG A 1 87  ? -12.142 2.842   5.491   1.00 12.94 ? 238 ARG A N   1 
ATOM   662  C CA  . ARG A 1 87  ? -11.589 4.085   6.014   1.00 13.09 ? 238 ARG A CA  1 
ATOM   663  C C   . ARG A 1 87  ? -11.435 5.101   4.885   1.00 13.31 ? 238 ARG A C   1 
ATOM   664  O O   . ARG A 1 87  ? -11.211 4.726   3.734   1.00 12.60 ? 238 ARG A O   1 
ATOM   665  C CB  . ARG A 1 87  ? -10.239 3.821   6.677   1.00 12.61 ? 238 ARG A CB  1 
ATOM   666  C CG  . ARG A 1 87  ? -10.316 2.763   7.774   1.00 12.45 ? 238 ARG A CG  1 
ATOM   667  C CD  . ARG A 1 87  ? -8.986  2.610   8.508   1.00 11.46 ? 238 ARG A CD  1 
ATOM   668  N NE  . ARG A 1 87  ? -9.047  1.522   9.486   1.00 11.27 ? 238 ARG A NE  1 
ATOM   669  C CZ  . ARG A 1 87  ? -8.109  1.264   10.392  1.00 12.41 ? 238 ARG A CZ  1 
ATOM   670  N NH1 . ARG A 1 87  ? -7.030  2.018   10.469  1.00 11.56 ? 238 ARG A NH1 1 
ATOM   671  N NH2 . ARG A 1 87  ? -8.252  0.243   11.232  1.00 11.75 ? 238 ARG A NH2 1 
ATOM   672  N N   . ALA A 1 88  ? -11.589 6.377   5.216   1.00 13.99 ? 239 ALA A N   1 
ATOM   673  C CA  . ALA A 1 88  ? -11.292 7.458   4.269   1.00 14.53 ? 239 ALA A CA  1 
ATOM   674  C C   . ALA A 1 88  ? -10.408 8.499   4.930   1.00 15.31 ? 239 ALA A C   1 
ATOM   675  O O   . ALA A 1 88  ? -10.496 8.735   6.148   1.00 15.63 ? 239 ALA A O   1 
ATOM   676  C CB  . ALA A 1 88  ? -12.577 8.092   3.734   1.00 14.92 ? 239 ALA A CB  1 
ATOM   677  N N   . TYR A 1 89  ? -9.560  9.128   4.120   1.00 15.42 ? 240 TYR A N   1 
ATOM   678  C CA  . TYR A 1 89  ? -8.521  10.011  4.626   1.00 16.45 ? 240 TYR A CA  1 
ATOM   679  C C   . TYR A 1 89  ? -8.561  11.340  3.877   1.00 17.89 ? 240 TYR A C   1 
ATOM   680  O O   . TYR A 1 89  ? -9.293  11.474  2.901   1.00 18.01 ? 240 TYR A O   1 
ATOM   681  C CB  . TYR A 1 89  ? -7.150  9.363   4.435   1.00 15.61 ? 240 TYR A CB  1 
ATOM   682  C CG  . TYR A 1 89  ? -7.027  7.975   5.023   1.00 15.00 ? 240 TYR A CG  1 
ATOM   683  C CD1 . TYR A 1 89  ? -6.825  7.794   6.394   1.00 14.67 ? 240 TYR A CD1 1 
ATOM   684  C CD2 . TYR A 1 89  ? -7.116  6.844   4.206   1.00 15.24 ? 240 TYR A CD2 1 
ATOM   685  C CE1 . TYR A 1 89  ? -6.693  6.506   6.941   1.00 14.30 ? 240 TYR A CE1 1 
ATOM   686  C CE2 . TYR A 1 89  ? -6.992  5.557   4.733   1.00 14.02 ? 240 TYR A CE2 1 
ATOM   687  C CZ  . TYR A 1 89  ? -6.782  5.401   6.102   1.00 12.88 ? 240 TYR A CZ  1 
ATOM   688  O OH  . TYR A 1 89  ? -6.660  4.128   6.609   1.00 13.89 ? 240 TYR A OH  1 
ATOM   689  N N   . ASP A 1 90  ? -7.757  12.300  4.333   1.00 19.58 ? 241 ASP A N   1 
ATOM   690  C CA  . ASP A 1 90  ? -7.659  13.613  3.688   1.00 21.22 ? 241 ASP A CA  1 
ATOM   691  C C   . ASP A 1 90  ? -6.538  13.686  2.645   1.00 21.38 ? 241 ASP A C   1 
ATOM   692  O O   . ASP A 1 90  ? -6.462  14.664  1.896   1.00 21.75 ? 241 ASP A O   1 
ATOM   693  C CB  . ASP A 1 90  ? -7.444  14.718  4.729   1.00 22.15 ? 241 ASP A CB  1 
ATOM   694  C CG  . ASP A 1 90  ? -8.474  14.697  5.847   1.00 25.15 ? 241 ASP A CG  1 
ATOM   695  O OD1 . ASP A 1 90  ? -9.680  14.490  5.573   1.00 28.54 ? 241 ASP A OD1 1 
ATOM   696  O OD2 . ASP A 1 90  ? -8.067  14.906  7.008   1.00 29.22 ? 241 ASP A OD2 1 
ATOM   697  N N   . SER A 1 91  ? -5.684  12.659  2.602   1.00 21.01 ? 242 SER A N   1 
ATOM   698  C CA  . SER A 1 91  ? -4.514  12.609  1.718   1.00 20.68 ? 242 SER A CA  1 
ATOM   699  C C   . SER A 1 91  ? -3.869  11.220  1.682   1.00 20.62 ? 242 SER A C   1 
ATOM   700  O O   . SER A 1 91  ? -4.129  10.394  2.558   1.00 20.42 ? 242 SER A O   1 
ATOM   701  C CB  . SER A 1 91  ? -3.459  13.622  2.178   1.00 20.58 ? 242 SER A CB  1 
ATOM   702  O OG  . SER A 1 91  ? -2.977  13.292  3.474   1.00 20.27 ? 242 SER A OG  1 
ATOM   703  N N   . TYR A 1 92  ? -3.014  10.972  0.683   1.00 20.53 ? 243 TYR A N   1 
ATOM   704  C CA  . TYR A 1 92  ? -2.153  9.774   0.680   1.00 20.44 ? 243 TYR A CA  1 
ATOM   705  C C   . TYR A 1 92  ? -1.239  9.745   1.903   1.00 20.11 ? 243 TYR A C   1 
ATOM   706  O O   . TYR A 1 92  ? -1.021  8.688   2.502   1.00 19.96 ? 243 TYR A O   1 
ATOM   707  C CB  . TYR A 1 92  ? -1.300  9.680   -0.597  1.00 20.80 ? 243 TYR A CB  1 
ATOM   708  C CG  . TYR A 1 92  ? -2.048  9.272   -1.854  1.00 21.71 ? 243 TYR A CG  1 
ATOM   709  C CD1 . TYR A 1 92  ? -3.276  8.605   -1.790  1.00 21.33 ? 243 TYR A CD1 1 
ATOM   710  C CD2 . TYR A 1 92  ? -1.501  9.528   -3.115  1.00 22.72 ? 243 TYR A CD2 1 
ATOM   711  C CE1 . TYR A 1 92  ? -3.955  8.228   -2.957  1.00 22.21 ? 243 TYR A CE1 1 
ATOM   712  C CE2 . TYR A 1 92  ? -2.160  9.148   -4.279  1.00 21.75 ? 243 TYR A CE2 1 
ATOM   713  C CZ  . TYR A 1 92  ? -3.376  8.500   -4.200  1.00 22.20 ? 243 TYR A CZ  1 
ATOM   714  O OH  . TYR A 1 92  ? -4.012  8.138   -5.367  1.00 22.23 ? 243 TYR A OH  1 
ATOM   715  N N   . GLU A 1 93  ? -0.708  10.910  2.266   1.00 19.56 ? 244 GLU A N   1 
ATOM   716  C CA  . GLU A 1 93  ? 0.088   11.058  3.485   1.00 19.38 ? 244 GLU A CA  1 
ATOM   717  C C   . GLU A 1 93  ? -0.625  10.474  4.711   1.00 18.33 ? 244 GLU A C   1 
ATOM   718  O O   . GLU A 1 93  ? -0.047  9.673   5.435   1.00 17.97 ? 244 GLU A O   1 
ATOM   719  C CB  . GLU A 1 93  ? 0.460   12.527  3.722   1.00 19.58 ? 244 GLU A CB  1 
ATOM   720  C CG  . GLU A 1 93  ? 1.314   12.774  4.965   1.00 20.41 ? 244 GLU A CG  1 
ATOM   721  C CD  . GLU A 1 93  ? 1.809   14.216  5.093   1.00 21.88 ? 244 GLU A CD  1 
ATOM   722  O OE1 . GLU A 1 93  ? 1.407   15.086  4.285   1.00 24.91 ? 244 GLU A OE1 1 
ATOM   723  O OE2 . GLU A 1 93  ? 2.612   14.480  6.018   1.00 26.12 ? 244 GLU A OE2 1 
ATOM   724  N N   A GLN A 1 94  ? -1.874  10.882  4.931   0.50 17.70 ? 245 GLN A N   1 
ATOM   725  N N   B GLN A 1 94  ? -1.874  10.881  4.929   0.50 17.93 ? 245 GLN A N   1 
ATOM   726  C CA  A GLN A 1 94  ? -2.637  10.397  6.081   0.50 17.32 ? 245 GLN A CA  1 
ATOM   727  C CA  B GLN A 1 94  ? -2.645  10.408  6.080   0.50 17.74 ? 245 GLN A CA  1 
ATOM   728  C C   A GLN A 1 94  ? -2.864  8.888   5.982   0.50 16.81 ? 245 GLN A C   1 
ATOM   729  C C   B GLN A 1 94  ? -2.946  8.906   5.994   0.50 17.10 ? 245 GLN A C   1 
ATOM   730  O O   A GLN A 1 94  ? -2.737  8.168   6.977   0.50 16.70 ? 245 GLN A O   1 
ATOM   731  O O   B GLN A 1 94  ? -2.937  8.206   7.010   0.50 16.99 ? 245 GLN A O   1 
ATOM   732  C CB  A GLN A 1 94  ? -3.973  11.134  6.213   0.50 17.26 ? 245 GLN A CB  1 
ATOM   733  C CB  B GLN A 1 94  ? -3.924  11.238  6.244   0.50 17.93 ? 245 GLN A CB  1 
ATOM   734  C CG  A GLN A 1 94  ? -4.658  10.890  7.557   0.50 17.48 ? 245 GLN A CG  1 
ATOM   735  C CG  B GLN A 1 94  ? -3.736  12.447  7.164   0.50 19.53 ? 245 GLN A CG  1 
ATOM   736  C CD  A GLN A 1 94  ? -6.004  11.574  7.697   0.50 17.60 ? 245 GLN A CD  1 
ATOM   737  C CD  B GLN A 1 94  ? -4.520  13.680  6.735   0.50 21.38 ? 245 GLN A CD  1 
ATOM   738  O OE1 A GLN A 1 94  ? -6.629  11.959  6.715   0.50 17.03 ? 245 GLN A OE1 1 
ATOM   739  O OE1 B GLN A 1 94  ? -4.814  13.870  5.552   0.50 23.90 ? 245 GLN A OE1 1 
ATOM   740  N NE2 A GLN A 1 94  ? -6.455  11.726  8.936   0.50 18.35 ? 245 GLN A NE2 1 
ATOM   741  N NE2 B GLN A 1 94  ? -4.834  14.541  7.695   0.50 21.54 ? 245 GLN A NE2 1 
ATOM   742  N N   . ALA A 1 95  ? -3.198  8.423   4.780   1.00 16.44 ? 246 ALA A N   1 
ATOM   743  C CA  . ALA A 1 95  ? -3.427  6.997   4.530   1.00 16.06 ? 246 ALA A CA  1 
ATOM   744  C C   . ALA A 1 95  ? -2.188  6.165   4.855   1.00 15.75 ? 246 ALA A C   1 
ATOM   745  O O   . ALA A 1 95  ? -2.284  5.127   5.505   1.00 15.14 ? 246 ALA A O   1 
ATOM   746  C CB  . ALA A 1 95  ? -3.856  6.770   3.087   1.00 16.12 ? 246 ALA A CB  1 
ATOM   747  N N   . PHE A 1 96  ? -1.021  6.633   4.414   1.00 15.30 ? 247 PHE A N   1 
ATOM   748  C CA  . PHE A 1 96  ? 0.236   5.955   4.727   1.00 15.62 ? 247 PHE A CA  1 
ATOM   749  C C   . PHE A 1 96  ? 0.558   5.983   6.221   1.00 15.59 ? 247 PHE A C   1 
ATOM   750  O O   . PHE A 1 96  ? 1.064   5.001   6.764   1.00 15.95 ? 247 PHE A O   1 
ATOM   751  C CB  . PHE A 1 96  ? 1.400   6.548   3.911   1.00 15.60 ? 247 PHE A CB  1 
ATOM   752  C CG  . PHE A 1 96  ? 1.573   5.906   2.570   1.00 15.46 ? 247 PHE A CG  1 
ATOM   753  C CD1 . PHE A 1 96  ? 2.350   4.758   2.433   1.00 16.52 ? 247 PHE A CD1 1 
ATOM   754  C CD2 . PHE A 1 96  ? 0.951   6.433   1.446   1.00 15.60 ? 247 PHE A CD2 1 
ATOM   755  C CE1 . PHE A 1 96  ? 2.519   4.154   1.186   1.00 16.13 ? 247 PHE A CE1 1 
ATOM   756  C CE2 . PHE A 1 96  ? 1.118   5.841   0.198   1.00 15.96 ? 247 PHE A CE2 1 
ATOM   757  C CZ  . PHE A 1 96  ? 1.895   4.695   0.073   1.00 15.98 ? 247 PHE A CZ  1 
ATOM   758  N N   . GLN A 1 97  ? 0.264   7.098   6.887   1.00 15.63 ? 248 GLN A N   1 
ATOM   759  C CA  A GLN A 1 97  ? 0.484   7.227   8.333   0.50 15.63 ? 248 GLN A CA  1 
ATOM   760  C CA  B GLN A 1 97  ? 0.523   7.177   8.320   0.50 15.68 ? 248 GLN A CA  1 
ATOM   761  C C   . GLN A 1 97  ? -0.374  6.212   9.092   1.00 15.25 ? 248 GLN A C   1 
ATOM   762  O O   . GLN A 1 97  ? 0.088   5.566   10.033  1.00 15.09 ? 248 GLN A O   1 
ATOM   763  C CB  A GLN A 1 97  ? 0.182   8.657   8.814   0.50 15.69 ? 248 GLN A CB  1 
ATOM   764  C CB  B GLN A 1 97  ? 0.412   8.612   8.846   0.50 16.00 ? 248 GLN A CB  1 
ATOM   765  C CG  A GLN A 1 97  ? 1.206   9.709   8.351   0.50 16.30 ? 248 GLN A CG  1 
ATOM   766  C CG  B GLN A 1 97  ? 1.610   9.497   8.470   0.50 17.74 ? 248 GLN A CG  1 
ATOM   767  C CD  A GLN A 1 97  ? 0.816   11.151  8.675   0.50 16.50 ? 248 GLN A CD  1 
ATOM   768  C CD  B GLN A 1 97  ? 2.954   8.901   8.900   0.50 19.89 ? 248 GLN A CD  1 
ATOM   769  O OE1 A GLN A 1 97  ? -0.342  11.459  8.966   0.50 18.43 ? 248 GLN A OE1 1 
ATOM   770  O OE1 B GLN A 1 97  ? 3.183   8.640   10.078  0.50 21.26 ? 248 GLN A OE1 1 
ATOM   771  N NE2 A GLN A 1 97  ? 1.795   12.049  8.605   0.50 18.16 ? 248 GLN A NE2 1 
ATOM   772  N NE2 B GLN A 1 97  ? 3.843   8.686   7.936   0.50 21.40 ? 248 GLN A NE2 1 
ATOM   773  N N   . ASP A 1 98  ? -1.633  6.081   8.673   1.00 15.09 ? 249 ASP A N   1 
ATOM   774  C CA  . ASP A 1 98  ? -2.556  5.131   9.310   1.00 14.53 ? 249 ASP A CA  1 
ATOM   775  C C   . ASP A 1 98  ? -2.104  3.684   9.078   1.00 14.48 ? 249 ASP A C   1 
ATOM   776  O O   . ASP A 1 98  ? -2.173  2.852   9.984   1.00 14.23 ? 249 ASP A O   1 
ATOM   777  C CB  . ASP A 1 98  ? -3.992  5.353   8.830   1.00 14.89 ? 249 ASP A CB  1 
ATOM   778  C CG  . ASP A 1 98  ? -5.009  4.564   9.648   1.00 14.03 ? 249 ASP A CG  1 
ATOM   779  O OD1 . ASP A 1 98  ? -4.888  4.524   10.897  1.00 13.46 ? 249 ASP A OD1 1 
ATOM   780  O OD2 . ASP A 1 98  ? -5.923  3.980   9.030   1.00 14.52 ? 249 ASP A OD2 1 
ATOM   781  N N   . TYR A 1 99  ? -1.621  3.399   7.868   1.00 14.23 ? 250 TYR A N   1 
ATOM   782  C CA  A TYR A 1 99  ? -1.052  2.093   7.521   0.50 14.93 ? 250 TYR A CA  1 
ATOM   783  C CA  B TYR A 1 99  ? -1.100  2.077   7.566   0.50 14.17 ? 250 TYR A CA  1 
ATOM   784  C C   . TYR A 1 99  ? 0.168   1.800   8.395   1.00 14.37 ? 250 TYR A C   1 
ATOM   785  O O   . TYR A 1 99  ? 0.328   0.699   8.937   1.00 14.76 ? 250 TYR A O   1 
ATOM   786  C CB  A TYR A 1 99  ? -0.641  2.074   6.041   0.50 15.30 ? 250 TYR A CB  1 
ATOM   787  C CB  B TYR A 1 99  ? -0.866  1.935   6.060   0.50 13.47 ? 250 TYR A CB  1 
ATOM   788  C CG  A TYR A 1 99  ? 0.092   0.822   5.608   0.50 16.33 ? 250 TYR A CG  1 
ATOM   789  C CG  B TYR A 1 99  ? -0.579  0.528   5.597   0.50 12.64 ? 250 TYR A CG  1 
ATOM   790  C CD1 A TYR A 1 99  ? -0.606  -0.273  5.105   0.50 17.37 ? 250 TYR A CD1 1 
ATOM   791  C CD1 B TYR A 1 99  ? -1.489  -0.511  5.816   0.50 11.12 ? 250 TYR A CD1 1 
ATOM   792  C CD2 A TYR A 1 99  ? 1.483   0.729   5.706   0.50 16.97 ? 250 TYR A CD2 1 
ATOM   793  C CD2 B TYR A 1 99  ? 0.599   0.237   4.923   0.50 10.98 ? 250 TYR A CD2 1 
ATOM   794  C CE1 A TYR A 1 99  ? 0.053   -1.429  4.705   0.50 17.31 ? 250 TYR A CE1 1 
ATOM   795  C CE1 B TYR A 1 99  ? -1.212  -1.805  5.383   0.50 10.88 ? 250 TYR A CE1 1 
ATOM   796  C CE2 A TYR A 1 99  ? 2.154   -0.434  5.312   0.50 17.57 ? 250 TYR A CE2 1 
ATOM   797  C CE2 B TYR A 1 99  ? 0.881   -1.043  4.488   0.50 10.60 ? 250 TYR A CE2 1 
ATOM   798  C CZ  A TYR A 1 99  ? 1.428   -1.502  4.811   0.50 17.15 ? 250 TYR A CZ  1 
ATOM   799  C CZ  B TYR A 1 99  ? -0.021  -2.059  4.720   0.50 11.79 ? 250 TYR A CZ  1 
ATOM   800  O OH  A TYR A 1 99  ? 2.068   -2.653  4.419   0.50 17.82 ? 250 TYR A OH  1 
ATOM   801  O OH  B TYR A 1 99  ? 0.285   -3.323  4.288   0.50 12.66 ? 250 TYR A OH  1 
ATOM   802  N N   . ALA A 1 100 ? 1.035   2.799   8.526   1.00 14.55 ? 251 ALA A N   1 
ATOM   803  C CA  . ALA A 1 100 ? 2.261   2.673   9.333   1.00 14.69 ? 251 ALA A CA  1 
ATOM   804  C C   . ALA A 1 100 ? 1.940   2.369   10.800  1.00 15.00 ? 251 ALA A C   1 
ATOM   805  O O   . ALA A 1 100 ? 2.620   1.576   11.443  1.00 14.66 ? 251 ALA A O   1 
ATOM   806  C CB  . ALA A 1 100 ? 3.091   3.929   9.235   1.00 14.84 ? 251 ALA A CB  1 
ATOM   807  N N   . ASP A 1 101 ? 0.904   3.021   11.316  1.00 14.99 ? 252 ASP A N   1 
ATOM   808  C CA  . ASP A 1 101 ? 0.433   2.783   12.682  1.00 15.10 ? 252 ASP A CA  1 
ATOM   809  C C   . ASP A 1 101 ? -0.040  1.335   12.845  1.00 14.70 ? 252 ASP A C   1 
ATOM   810  O O   . ASP A 1 101 ? 0.375   0.636   13.773  1.00 14.03 ? 252 ASP A O   1 
ATOM   811  C CB  . ASP A 1 101 ? -0.687  3.779   13.017  1.00 15.53 ? 252 ASP A CB  1 
ATOM   812  C CG  . ASP A 1 101 ? -1.227  3.615   14.439  1.00 18.18 ? 252 ASP A CG  1 
ATOM   813  O OD1 . ASP A 1 101 ? -0.435  3.337   15.378  1.00 18.19 ? 252 ASP A OD1 1 
ATOM   814  O OD2 . ASP A 1 101 ? -2.456  3.769   14.615  1.00 19.64 ? 252 ASP A OD2 1 
ATOM   815  N N   . LEU A 1 102 ? -0.894  0.888   11.927  1.00 14.38 ? 253 LEU A N   1 
ATOM   816  C CA  . LEU A 1 102 ? -1.439  -0.465  11.962  1.00 14.23 ? 253 LEU A CA  1 
ATOM   817  C C   . LEU A 1 102 ? -0.356  -1.543  11.891  1.00 14.25 ? 253 LEU A C   1 
ATOM   818  O O   . LEU A 1 102 ? -0.285  -2.420  12.750  1.00 13.88 ? 253 LEU A O   1 
ATOM   819  C CB  . LEU A 1 102 ? -2.457  -0.674  10.837  1.00 14.61 ? 253 LEU A CB  1 
ATOM   820  C CG  . LEU A 1 102 ? -3.087  -2.075  10.806  1.00 15.81 ? 253 LEU A CG  1 
ATOM   821  C CD1 . LEU A 1 102 ? -3.907  -2.358  12.068  1.00 16.98 ? 253 LEU A CD1 1 
ATOM   822  C CD2 . LEU A 1 102 ? -3.919  -2.261  9.553   1.00 17.19 ? 253 LEU A CD2 1 
ATOM   823  N N   . VAL A 1 103 ? 0.474   -1.478  10.856  1.00 13.95 ? 254 VAL A N   1 
ATOM   824  C CA  . VAL A 1 103 ? 1.433   -2.544  10.577  1.00 14.22 ? 254 VAL A CA  1 
ATOM   825  C C   . VAL A 1 103 ? 2.615   -2.486  11.556  1.00 14.79 ? 254 VAL A C   1 
ATOM   826  O O   . VAL A 1 103 ? 3.161   -3.526  11.935  1.00 14.91 ? 254 VAL A O   1 
ATOM   827  C CB  . VAL A 1 103 ? 1.891   -2.490  9.095   1.00 14.38 ? 254 VAL A CB  1 
ATOM   828  C CG1 . VAL A 1 103 ? 2.995   -3.501  8.799   1.00 14.52 ? 254 VAL A CG1 1 
ATOM   829  C CG2 . VAL A 1 103 ? 0.697   -2.745  8.192   1.00 13.49 ? 254 VAL A CG2 1 
ATOM   830  N N   . GLY A 1 104 ? 2.972   -1.277  11.973  1.00 15.16 ? 255 GLY A N   1 
ATOM   831  C CA  . GLY A 1 104 ? 4.131   -1.049  12.846  1.00 16.16 ? 255 GLY A CA  1 
ATOM   832  C C   . GLY A 1 104 ? 3.879   -1.380  14.302  1.00 16.72 ? 255 GLY A C   1 
ATOM   833  O O   . GLY A 1 104 ? 4.793   -1.800  15.016  1.00 17.70 ? 255 GLY A O   1 
ATOM   834  N N   . ASN A 1 105 ? 2.636   -1.198  14.745  1.00 17.09 ? 256 ASN A N   1 
ATOM   835  C CA  . ASN A 1 105 ? 2.287   -1.384  16.155  1.00 17.44 ? 256 ASN A CA  1 
ATOM   836  C C   . ASN A 1 105 ? 1.555   -2.686  16.491  1.00 17.33 ? 256 ASN A C   1 
ATOM   837  O O   . ASN A 1 105 ? 1.746   -3.224  17.587  1.00 17.95 ? 256 ASN A O   1 
ATOM   838  C CB  . ASN A 1 105 ? 1.501   -0.177  16.697  1.00 17.61 ? 256 ASN A CB  1 
ATOM   839  C CG  . ASN A 1 105 ? 2.338   1.083   16.779  1.00 19.39 ? 256 ASN A CG  1 
ATOM   840  O OD1 . ASN A 1 105 ? 2.073   2.072   16.085  1.00 19.97 ? 256 ASN A OD1 1 
ATOM   841  N ND2 . ASN A 1 105 ? 3.361   1.057   17.621  1.00 19.85 ? 256 ASN A ND2 1 
ATOM   842  N N   . SER A 1 106 ? 0.739   -3.201  15.567  1.00 17.36 ? 257 SER A N   1 
ATOM   843  C CA  A SER A 1 106 ? -0.071  -4.391  15.833  0.50 17.17 ? 257 SER A CA  1 
ATOM   844  C CA  B SER A 1 106 ? -0.066  -4.393  15.841  0.50 17.22 ? 257 SER A CA  1 
ATOM   845  C C   . SER A 1 106 ? 0.803   -5.645  15.940  1.00 17.50 ? 257 SER A C   1 
ATOM   846  O O   . SER A 1 106 ? 1.541   -5.966  15.006  1.00 17.31 ? 257 SER A O   1 
ATOM   847  C CB  A SER A 1 106 ? -1.136  -4.580  14.750  0.50 17.27 ? 257 SER A CB  1 
ATOM   848  C CB  B SER A 1 106 ? -1.138  -4.592  14.772  0.50 17.33 ? 257 SER A CB  1 
ATOM   849  O OG  A SER A 1 106 ? -1.939  -3.416  14.595  0.50 16.62 ? 257 SER A OG  1 
ATOM   850  O OG  B SER A 1 106 ? -1.951  -5.712  15.077  0.50 16.99 ? 257 SER A OG  1 
ATOM   851  N N   . PRO A 1 107 ? 0.729   -6.359  17.085  1.00 17.82 ? 258 PRO A N   1 
ATOM   852  C CA  . PRO A 1 107 ? 1.503   -7.606  17.196  1.00 17.89 ? 258 PRO A CA  1 
ATOM   853  C C   . PRO A 1 107 ? 1.279   -8.642  16.078  1.00 18.09 ? 258 PRO A C   1 
ATOM   854  O O   . PRO A 1 107 ? 2.203   -9.393  15.757  1.00 17.47 ? 258 PRO A O   1 
ATOM   855  C CB  . PRO A 1 107 ? 1.050   -8.167  18.551  1.00 18.05 ? 258 PRO A CB  1 
ATOM   856  C CG  . PRO A 1 107 ? 0.723   -6.944  19.342  1.00 18.41 ? 258 PRO A CG  1 
ATOM   857  C CD  . PRO A 1 107 ? 0.023   -6.059  18.350  1.00 17.89 ? 258 PRO A CD  1 
ATOM   858  N N   . ARG A 1 108 ? 0.083   -8.693  15.491  1.00 18.20 ? 259 ARG A N   1 
ATOM   859  C CA  . ARG A 1 108 ? -0.171  -9.654  14.410  1.00 19.20 ? 259 ARG A CA  1 
ATOM   860  C C   . ARG A 1 108 ? 0.755   -9.424  13.208  1.00 17.70 ? 259 ARG A C   1 
ATOM   861  O O   . ARG A 1 108 ? 1.072   -10.368 12.479  1.00 17.82 ? 259 ARG A O   1 
ATOM   862  C CB  . ARG A 1 108 ? -1.639  -9.653  13.961  1.00 18.93 ? 259 ARG A CB  1 
ATOM   863  C CG  . ARG A 1 108 ? -2.164  -8.312  13.483  1.00 21.05 ? 259 ARG A CG  1 
ATOM   864  C CD  . ARG A 1 108 ? -3.679  -8.327  13.226  1.00 22.51 ? 259 ARG A CD  1 
ATOM   865  N NE  . ARG A 1 108 ? -4.441  -8.682  14.424  1.00 28.91 ? 259 ARG A NE  1 
ATOM   866  C CZ  . ARG A 1 108 ? -5.757  -8.512  14.575  1.00 31.97 ? 259 ARG A CZ  1 
ATOM   867  N NH1 . ARG A 1 108 ? -6.497  -7.987  13.601  1.00 33.65 ? 259 ARG A NH1 1 
ATOM   868  N NH2 . ARG A 1 108 ? -6.340  -8.874  15.715  1.00 33.13 ? 259 ARG A NH2 1 
ATOM   869  N N   . TYR A 1 109 ? 1.186   -8.176  13.026  1.00 16.78 ? 260 TYR A N   1 
ATOM   870  C CA  . TYR A 1 109 ? 2.098   -7.798  11.935  1.00 16.28 ? 260 TYR A CA  1 
ATOM   871  C C   . TYR A 1 109 ? 3.574   -7.729  12.352  1.00 16.16 ? 260 TYR A C   1 
ATOM   872  O O   . TYR A 1 109 ? 4.406   -7.190  11.614  1.00 15.96 ? 260 TYR A O   1 
ATOM   873  C CB  . TYR A 1 109 ? 1.669   -6.454  11.313  1.00 16.34 ? 260 TYR A CB  1 
ATOM   874  C CG  . TYR A 1 109 ? 0.330   -6.501  10.611  1.00 15.69 ? 260 TYR A CG  1 
ATOM   875  C CD1 . TYR A 1 109 ? 0.165   -7.222  9.434   1.00 16.56 ? 260 TYR A CD1 1 
ATOM   876  C CD2 . TYR A 1 109 ? -0.771  -5.816  11.122  1.00 16.22 ? 260 TYR A CD2 1 
ATOM   877  C CE1 . TYR A 1 109 ? -1.070  -7.274  8.786   1.00 17.35 ? 260 TYR A CE1 1 
ATOM   878  C CE2 . TYR A 1 109 ? -2.007  -5.861  10.485  1.00 15.94 ? 260 TYR A CE2 1 
ATOM   879  C CZ  . TYR A 1 109 ? -2.148  -6.594  9.321   1.00 17.08 ? 260 TYR A CZ  1 
ATOM   880  O OH  . TYR A 1 109 ? -3.365  -6.637  8.680   1.00 17.28 ? 260 TYR A OH  1 
ATOM   881  N N   . ALA A 1 110 ? 3.904   -8.282  13.519  1.00 16.49 ? 261 ALA A N   1 
ATOM   882  C CA  . ALA A 1 110 ? 5.260   -8.158  14.079  1.00 16.79 ? 261 ALA A CA  1 
ATOM   883  C C   . ALA A 1 110 ? 6.350   -8.725  13.168  1.00 16.76 ? 261 ALA A C   1 
ATOM   884  O O   . ALA A 1 110 ? 7.506   -8.315  13.253  1.00 16.68 ? 261 ALA A O   1 
ATOM   885  C CB  . ALA A 1 110 ? 5.336   -8.816  15.456  1.00 17.14 ? 261 ALA A CB  1 
ATOM   886  N N   . LYS A 1 111 ? 5.975   -9.664  12.301  1.00 16.61 ? 262 LYS A N   1 
ATOM   887  C CA  . LYS A 1 111 ? 6.929   -10.307 11.391  1.00 16.52 ? 262 LYS A CA  1 
ATOM   888  C C   . LYS A 1 111 ? 7.295   -9.462  10.162  1.00 15.64 ? 262 LYS A C   1 
ATOM   889  O O   . LYS A 1 111 ? 8.236   -9.787  9.433   1.00 15.18 ? 262 LYS A O   1 
ATOM   890  C CB  . LYS A 1 111 ? 6.408   -11.689 10.970  1.00 16.86 ? 262 LYS A CB  1 
ATOM   891  C CG  . LYS A 1 111 ? 6.542   -12.762 12.059  1.00 20.54 ? 262 LYS A CG  1 
ATOM   892  C CD  . LYS A 1 111 ? 8.010   -13.069 12.324  1.00 25.74 ? 262 LYS A CD  1 
ATOM   893  C CE  . LYS A 1 111 ? 8.202   -14.112 13.416  1.00 28.78 ? 262 LYS A CE  1 
ATOM   894  N NZ  . LYS A 1 111 ? 9.600   -14.642 13.402  1.00 30.61 ? 262 LYS A NZ  1 
ATOM   895  N N   . VAL A 1 112 ? 6.567   -8.371  9.936   1.00 14.50 ? 263 VAL A N   1 
ATOM   896  C CA  . VAL A 1 112 ? 6.867   -7.494  8.803   1.00 13.79 ? 263 VAL A CA  1 
ATOM   897  C C   . VAL A 1 112 ? 8.229   -6.800  8.926   1.00 13.82 ? 263 VAL A C   1 
ATOM   898  O O   . VAL A 1 112 ? 9.012   -6.778  7.975   1.00 13.59 ? 263 VAL A O   1 
ATOM   899  C CB  . VAL A 1 112 ? 5.748   -6.449  8.587   1.00 13.78 ? 263 VAL A CB  1 
ATOM   900  C CG1 . VAL A 1 112 ? 6.143   -5.434  7.521   1.00 13.28 ? 263 VAL A CG1 1 
ATOM   901  C CG2 . VAL A 1 112 ? 4.461   -7.142  8.182   1.00 12.77 ? 263 VAL A CG2 1 
ATOM   902  N N   . ALA A 1 113 ? 8.503   -6.224  10.097  1.00 13.91 ? 264 ALA A N   1 
ATOM   903  C CA  . ALA A 1 113 ? 9.707   -5.423  10.274  1.00 14.46 ? 264 ALA A CA  1 
ATOM   904  C C   . ALA A 1 113 ? 10.962  -6.201  9.910   1.00 14.80 ? 264 ALA A C   1 
ATOM   905  O O   . ALA A 1 113 ? 11.121  -7.356  10.298  1.00 14.84 ? 264 ALA A O   1 
ATOM   906  C CB  . ALA A 1 113 ? 9.803   -4.903  11.701  1.00 14.34 ? 264 ALA A CB  1 
ATOM   907  N N   . GLY A 1 114 ? 11.831  -5.555  9.141   1.00 15.48 ? 265 GLY A N   1 
ATOM   908  C CA  . GLY A 1 114 ? 13.141  -6.111  8.818   1.00 16.04 ? 265 GLY A CA  1 
ATOM   909  C C   . GLY A 1 114 ? 13.167  -7.062  7.639   1.00 16.60 ? 265 GLY A C   1 
ATOM   910  O O   . GLY A 1 114 ? 14.230  -7.586  7.297   1.00 16.95 ? 265 GLY A O   1 
ATOM   911  N N   . LYS A 1 115 ? 12.007  -7.325  7.037   1.00 16.71 ? 266 LYS A N   1 
ATOM   912  C CA  . LYS A 1 115 ? 11.965  -8.180  5.847   1.00 17.13 ? 266 LYS A CA  1 
ATOM   913  C C   . LYS A 1 115 ? 12.511  -7.400  4.651   1.00 17.50 ? 266 LYS A C   1 
ATOM   914  O O   . LYS A 1 115 ? 12.159  -6.241  4.443   1.00 17.80 ? 266 LYS A O   1 
ATOM   915  C CB  . LYS A 1 115 ? 10.550  -8.703  5.578   1.00 17.30 ? 266 LYS A CB  1 
ATOM   916  C CG  . LYS A 1 115 ? 9.991   -9.621  6.674   1.00 17.49 ? 266 LYS A CG  1 
ATOM   917  C CD  . LYS A 1 115 ? 10.776  -10.932 6.796   1.00 19.10 ? 266 LYS A CD  1 
ATOM   918  C CE  . LYS A 1 115 ? 10.242  -11.843 7.911   1.00 19.36 ? 266 LYS A CE  1 
ATOM   919  N NZ  . LYS A 1 115 ? 10.430  -11.280 9.280   1.00 20.86 ? 266 LYS A NZ  1 
ATOM   920  N N   . THR A 1 116 ? 13.399  -8.029  3.887   1.00 17.68 ? 267 THR A N   1 
ATOM   921  C CA  . THR A 1 116 ? 14.002  -7.366  2.731   1.00 17.76 ? 267 THR A CA  1 
ATOM   922  C C   . THR A 1 116 ? 13.790  -8.182  1.465   1.00 16.95 ? 267 THR A C   1 
ATOM   923  O O   . THR A 1 116 ? 14.364  -7.871  0.429   1.00 17.03 ? 267 THR A O   1 
ATOM   924  C CB  . THR A 1 116 ? 15.518  -7.113  2.910   1.00 18.13 ? 267 THR A CB  1 
ATOM   925  O OG1 . THR A 1 116 ? 16.172  -8.356  3.184   1.00 19.75 ? 267 THR A OG1 1 
ATOM   926  C CG2 . THR A 1 116 ? 15.781  -6.113  4.036   1.00 19.28 ? 267 THR A CG2 1 
ATOM   927  N N   . ASP A 1 117 ? 12.975  -9.228  1.572   1.00 16.41 ? 268 ASP A N   1 
ATOM   928  C CA  . ASP A 1 117 ? 12.567  -10.037 0.430   1.00 15.64 ? 268 ASP A CA  1 
ATOM   929  C C   . ASP A 1 117 ? 11.065  -9.842  0.226   1.00 15.64 ? 268 ASP A C   1 
ATOM   930  O O   . ASP A 1 117 ? 10.296  -9.904  1.187   1.00 14.79 ? 268 ASP A O   1 
ATOM   931  C CB  . ASP A 1 117 ? 12.902  -11.515 0.676   1.00 16.06 ? 268 ASP A CB  1 
ATOM   932  C CG  . ASP A 1 117 ? 12.309  -12.431 -0.373  1.00 16.26 ? 268 ASP A CG  1 
ATOM   933  O OD1 . ASP A 1 117 ? 12.838  -12.478 -1.502  1.00 17.97 ? 268 ASP A OD1 1 
ATOM   934  O OD2 . ASP A 1 117 ? 11.304  -13.103 -0.070  1.00 17.76 ? 268 ASP A OD2 1 
ATOM   935  N N   . GLY A 1 118 ? 10.660  -9.591  -1.015  1.00 15.44 ? 269 GLY A N   1 
ATOM   936  C CA  . GLY A 1 118 ? 9.250   -9.329  -1.329  1.00 15.45 ? 269 GLY A CA  1 
ATOM   937  C C   . GLY A 1 118 ? 8.297   -10.405 -0.851  1.00 15.53 ? 269 GLY A C   1 
ATOM   938  O O   . GLY A 1 118 ? 7.272   -10.105 -0.236  1.00 15.71 ? 269 GLY A O   1 
ATOM   939  N N   . HIS A 1 119 ? 8.631   -11.662 -1.125  1.00 15.78 ? 270 HIS A N   1 
ATOM   940  C CA  . HIS A 1 119 ? 7.744   -12.766 -0.763  1.00 16.27 ? 270 HIS A CA  1 
ATOM   941  C C   . HIS A 1 119 ? 7.640   -12.925 0.754   1.00 15.76 ? 270 HIS A C   1 
ATOM   942  O O   . HIS A 1 119 ? 6.544   -13.136 1.275   1.00 15.68 ? 270 HIS A O   1 
ATOM   943  C CB  . HIS A 1 119 ? 8.177   -14.078 -1.428  1.00 16.93 ? 270 HIS A CB  1 
ATOM   944  C CG  . HIS A 1 119 ? 7.084   -15.096 -1.506  1.00 19.31 ? 270 HIS A CG  1 
ATOM   945  N ND1 . HIS A 1 119 ? 6.823   -15.990 -0.489  1.00 21.34 ? 270 HIS A ND1 1 
ATOM   946  C CD2 . HIS A 1 119 ? 6.170   -15.350 -2.473  1.00 21.80 ? 270 HIS A CD2 1 
ATOM   947  C CE1 . HIS A 1 119 ? 5.806   -16.759 -0.832  1.00 22.03 ? 270 HIS A CE1 1 
ATOM   948  N NE2 . HIS A 1 119 ? 5.387   -16.387 -2.029  1.00 23.15 ? 270 HIS A NE2 1 
ATOM   949  N N   . ALA A 1 120 ? 8.777   -12.810 1.451   1.00 15.51 ? 271 ALA A N   1 
ATOM   950  C CA  . ALA A 1 120 ? 8.811   -12.878 2.918   1.00 14.97 ? 271 ALA A CA  1 
ATOM   951  C C   . ALA A 1 120 ? 7.927   -11.784 3.528   1.00 14.50 ? 271 ALA A C   1 
ATOM   952  O O   . ALA A 1 120 ? 7.161   -12.032 4.477   1.00 14.25 ? 271 ALA A O   1 
ATOM   953  C CB  . ALA A 1 120 ? 10.248  -12.734 3.422   1.00 15.47 ? 271 ALA A CB  1 
ATOM   954  N N   . PHE A 1 121 ? 8.049   -10.582 2.967   1.00 13.84 ? 272 PHE A N   1 
ATOM   955  C CA  . PHE A 1 121 ? 7.261   -9.427  3.386   1.00 13.21 ? 272 PHE A CA  1 
ATOM   956  C C   . PHE A 1 121 ? 5.767   -9.705  3.200   1.00 13.15 ? 272 PHE A C   1 
ATOM   957  O O   . PHE A 1 121 ? 4.967   -9.508  4.111   1.00 11.95 ? 272 PHE A O   1 
ATOM   958  C CB  . PHE A 1 121 ? 7.714   -8.184  2.599   1.00 13.11 ? 272 PHE A CB  1 
ATOM   959  C CG  . PHE A 1 121 ? 6.782   -7.007  2.703   1.00 12.72 ? 272 PHE A CG  1 
ATOM   960  C CD1 . PHE A 1 121 ? 6.715   -6.254  3.871   1.00 12.05 ? 272 PHE A CD1 1 
ATOM   961  C CD2 . PHE A 1 121 ? 5.987   -6.639  1.616   1.00 13.58 ? 272 PHE A CD2 1 
ATOM   962  C CE1 . PHE A 1 121 ? 5.850   -5.157  3.965   1.00 12.53 ? 272 PHE A CE1 1 
ATOM   963  C CE2 . PHE A 1 121 ? 5.127   -5.544  1.695   1.00 12.69 ? 272 PHE A CE2 1 
ATOM   964  C CZ  . PHE A 1 121 ? 5.055   -4.801  2.883   1.00 12.46 ? 272 PHE A CZ  1 
ATOM   965  N N   . ALA A 1 122 ? 5.406   -10.183 2.018   1.00 13.04 ? 273 ALA A N   1 
ATOM   966  C CA  . ALA A 1 122 ? 4.008   -10.470 1.719   1.00 13.63 ? 273 ALA A CA  1 
ATOM   967  C C   . ALA A 1 122 ? 3.454   -11.569 2.617   1.00 13.69 ? 273 ALA A C   1 
ATOM   968  O O   . ALA A 1 122 ? 2.346   -11.456 3.118   1.00 13.86 ? 273 ALA A O   1 
ATOM   969  C CB  . ALA A 1 122 ? 3.844   -10.820 0.244   1.00 13.55 ? 273 ALA A CB  1 
ATOM   970  N N   . ARG A 1 123 ? 4.242   -12.622 2.838   1.00 14.32 ? 274 ARG A N   1 
ATOM   971  C CA  . ARG A 1 123 ? 3.858   -13.689 3.773   1.00 15.05 ? 274 ARG A CA  1 
ATOM   972  C C   . ARG A 1 123 ? 3.603   -13.148 5.182   1.00 14.55 ? 274 ARG A C   1 
ATOM   973  O O   . ARG A 1 123 ? 2.659   -13.576 5.843   1.00 13.77 ? 274 ARG A O   1 
ATOM   974  C CB  . ARG A 1 123 ? 4.917   -14.797 3.808   1.00 14.98 ? 274 ARG A CB  1 
ATOM   975  C CG  . ARG A 1 123 ? 5.022   -15.629 2.523   1.00 17.24 ? 274 ARG A CG  1 
ATOM   976  C CD  . ARG A 1 123 ? 5.899   -16.890 2.691   1.00 17.86 ? 274 ARG A CD  1 
ATOM   977  N NE  . ARG A 1 123 ? 7.124   -16.666 3.468   1.00 23.01 ? 274 ARG A NE  1 
ATOM   978  C CZ  . ARG A 1 123 ? 8.331   -16.428 2.957   1.00 24.67 ? 274 ARG A CZ  1 
ATOM   979  N NH1 . ARG A 1 123 ? 8.519   -16.359 1.646   1.00 26.77 ? 274 ARG A NH1 1 
ATOM   980  N NH2 . ARG A 1 123 ? 9.363   -16.244 3.768   1.00 25.67 ? 274 ARG A NH2 1 
ATOM   981  N N   . ALA A 1 124 ? 4.437   -12.202 5.625   1.00 14.03 ? 275 ALA A N   1 
ATOM   982  C CA  . ALA A 1 124 ? 4.276   -11.575 6.950   1.00 14.11 ? 275 ALA A CA  1 
ATOM   983  C C   . ALA A 1 124 ? 2.964   -10.790 7.059   1.00 14.25 ? 275 ALA A C   1 
ATOM   984  O O   . ALA A 1 124 ? 2.296   -10.829 8.095   1.00 14.14 ? 275 ALA A O   1 
ATOM   985  C CB  . ALA A 1 124 ? 5.476   -10.686 7.293   1.00 14.01 ? 275 ALA A CB  1 
ATOM   986  N N   . LEU A 1 125 ? 2.595   -10.097 5.982   1.00 14.24 ? 276 LEU A N   1 
ATOM   987  C CA  . LEU A 1 125 ? 1.311   -9.393  5.930   1.00 14.63 ? 276 LEU A CA  1 
ATOM   988  C C   . LEU A 1 125 ? 0.153   -10.385 5.963   1.00 15.69 ? 276 LEU A C   1 
ATOM   989  O O   . LEU A 1 125 ? -0.826  -10.177 6.680   1.00 15.85 ? 276 LEU A O   1 
ATOM   990  C CB  . LEU A 1 125 ? 1.208   -8.556  4.656   1.00 14.27 ? 276 LEU A CB  1 
ATOM   991  C CG  . LEU A 1 125 ? 2.066   -7.293  4.592   1.00 13.87 ? 276 LEU A CG  1 
ATOM   992  C CD1 . LEU A 1 125 ? 2.015   -6.764  3.163   1.00 14.44 ? 276 LEU A CD1 1 
ATOM   993  C CD2 . LEU A 1 125 ? 1.574   -6.249  5.597   1.00 13.50 ? 276 LEU A CD2 1 
ATOM   994  N N   . GLN A 1 126 ? 0.270   -11.454 5.181   1.00 16.49 ? 277 GLN A N   1 
ATOM   995  C CA  A GLN A 1 126 ? -0.766  -12.477 5.133   0.50 17.58 ? 277 GLN A CA  1 
ATOM   996  C CA  B GLN A 1 126 ? -0.767  -12.486 5.133   0.50 17.43 ? 277 GLN A CA  1 
ATOM   997  C C   . GLN A 1 126 ? -0.966  -13.149 6.494   1.00 17.79 ? 277 GLN A C   1 
ATOM   998  O O   . GLN A 1 126 ? -2.103  -13.393 6.911   1.00 17.75 ? 277 GLN A O   1 
ATOM   999  C CB  A GLN A 1 126 ? -0.452  -13.503 4.052   0.50 17.91 ? 277 GLN A CB  1 
ATOM   1000 C CB  B GLN A 1 126 ? -0.488  -13.527 4.041   0.50 17.69 ? 277 GLN A CB  1 
ATOM   1001 C CG  A GLN A 1 126 ? -1.675  -14.241 3.547   0.50 19.51 ? 277 GLN A CG  1 
ATOM   1002 C CG  B GLN A 1 126 ? -1.256  -14.843 4.235   0.50 18.56 ? 277 GLN A CG  1 
ATOM   1003 C CD  A GLN A 1 126 ? -1.434  -14.903 2.211   0.50 21.51 ? 277 GLN A CD  1 
ATOM   1004 C CD  B GLN A 1 126 ? -1.994  -15.299 2.991   0.50 19.77 ? 277 GLN A CD  1 
ATOM   1005 O OE1 A GLN A 1 126 ? -0.552  -14.495 1.455   0.50 22.39 ? 277 GLN A OE1 1 
ATOM   1006 O OE1 B GLN A 1 126 ? -2.728  -14.527 2.361   0.50 19.86 ? 277 GLN A OE1 1 
ATOM   1007 N NE2 A GLN A 1 126 ? -2.219  -15.932 1.907   0.50 22.42 ? 277 GLN A NE2 1 
ATOM   1008 N NE2 B GLN A 1 126 ? -1.819  -16.566 2.639   0.50 20.10 ? 277 GLN A NE2 1 
ATOM   1009 N N   . GLU A 1 127 ? 0.136   -13.434 7.191   1.00 18.58 ? 278 GLU A N   1 
ATOM   1010 C CA  . GLU A 1 127 ? 0.061   -13.996 8.552   1.00 19.55 ? 278 GLU A CA  1 
ATOM   1011 C C   . GLU A 1 127 ? -0.670  -13.057 9.513   1.00 19.45 ? 278 GLU A C   1 
ATOM   1012 O O   . GLU A 1 127 ? -1.420  -13.499 10.395  1.00 20.70 ? 278 GLU A O   1 
ATOM   1013 C CB  . GLU A 1 127 ? 1.462   -14.320 9.093   1.00 19.36 ? 278 GLU A CB  1 
ATOM   1014 C CG  . GLU A 1 127 ? 1.485   -14.762 10.569  1.00 21.17 ? 278 GLU A CG  1 
ATOM   1015 C CD  . GLU A 1 127 ? 2.892   -14.967 11.110  1.00 21.13 ? 278 GLU A CD  1 
ATOM   1016 O OE1 . GLU A 1 127 ? 3.753   -15.497 10.376  1.00 22.60 ? 278 GLU A OE1 1 
ATOM   1017 O OE2 . GLU A 1 127 ? 3.132   -14.610 12.286  1.00 24.68 ? 278 GLU A OE2 1 
ATOM   1018 N N   . GLY A 1 128 ? -0.438  -11.762 9.351   1.00 18.80 ? 279 GLY A N   1 
ATOM   1019 C CA  . GLY A 1 128 ? -1.114  -10.750 10.139  1.00 18.48 ? 279 GLY A CA  1 
ATOM   1020 C C   . GLY A 1 128 ? -2.592  -10.611 9.815   1.00 18.18 ? 279 GLY A C   1 
ATOM   1021 O O   . GLY A 1 128 ? -3.307  -9.933  10.537  1.00 19.04 ? 279 GLY A O   1 
ATOM   1022 N N   . GLY A 1 129 ? -3.038  -11.248 8.730   1.00 17.06 ? 280 GLY A N   1 
ATOM   1023 C CA  . GLY A 1 129 ? -4.429  -11.158 8.284   1.00 16.62 ? 280 GLY A CA  1 
ATOM   1024 C C   . GLY A 1 129 ? -4.735  -9.965  7.394   1.00 15.83 ? 280 GLY A C   1 
ATOM   1025 O O   . GLY A 1 129 ? -5.886  -9.511  7.316   1.00 15.97 ? 280 GLY A O   1 
ATOM   1026 N N   . TYR A 1 130 ? -3.724  -9.444  6.706   1.00 15.36 ? 281 TYR A N   1 
ATOM   1027 C CA  . TYR A 1 130 ? -3.977  -8.315  5.816   1.00 15.20 ? 281 TYR A CA  1 
ATOM   1028 C C   . TYR A 1 130 ? -4.954  -8.730  4.717   1.00 15.37 ? 281 TYR A C   1 
ATOM   1029 O O   . TYR A 1 130 ? -5.913  -8.002  4.416   1.00 15.25 ? 281 TYR A O   1 
ATOM   1030 C CB  . TYR A 1 130 ? -2.680  -7.727  5.219   1.00 14.98 ? 281 TYR A CB  1 
ATOM   1031 C CG  . TYR A 1 130 ? -3.006  -6.715  4.150   1.00 14.79 ? 281 TYR A CG  1 
ATOM   1032 C CD1 . TYR A 1 130 ? -3.396  -5.422  4.494   1.00 15.42 ? 281 TYR A CD1 1 
ATOM   1033 C CD2 . TYR A 1 130 ? -2.991  -7.069  2.801   1.00 15.01 ? 281 TYR A CD2 1 
ATOM   1034 C CE1 . TYR A 1 130 ? -3.742  -4.499  3.517   1.00 14.05 ? 281 TYR A CE1 1 
ATOM   1035 C CE2 . TYR A 1 130 ? -3.341  -6.153  1.818   1.00 14.43 ? 281 TYR A CE2 1 
ATOM   1036 C CZ  . TYR A 1 130 ? -3.702  -4.872  2.188   1.00 15.17 ? 281 TYR A CZ  1 
ATOM   1037 O OH  . TYR A 1 130 ? -4.059  -3.970  1.226   1.00 15.88 ? 281 TYR A OH  1 
ATOM   1038 N N   . ALA A 1 131 ? -4.699  -9.904  4.137   1.00 15.95 ? 282 ALA A N   1 
ATOM   1039 C CA  . ALA A 1 131 ? -5.542  -10.533 3.122   1.00 17.14 ? 282 ALA A CA  1 
ATOM   1040 C C   . ALA A 1 131 ? -5.397  -12.039 3.276   1.00 18.12 ? 282 ALA A C   1 
ATOM   1041 O O   . ALA A 1 131 ? -4.355  -12.510 3.727   1.00 17.91 ? 282 ALA A O   1 
ATOM   1042 C CB  . ALA A 1 131 ? -5.105  -10.122 1.726   1.00 16.65 ? 282 ALA A CB  1 
ATOM   1043 N N   . THR A 1 132 ? -6.434  -12.785 2.891   1.00 19.68 ? 283 THR A N   1 
ATOM   1044 C CA  . THR A 1 132 ? -6.443  -14.246 3.056   1.00 20.72 ? 283 THR A CA  1 
ATOM   1045 C C   . THR A 1 132 ? -6.219  -15.083 1.780   1.00 21.66 ? 283 THR A C   1 
ATOM   1046 O O   . THR A 1 132 ? -6.004  -16.294 1.876   1.00 22.07 ? 283 THR A O   1 
ATOM   1047 C CB  . THR A 1 132 ? -7.722  -14.723 3.775   1.00 21.10 ? 283 THR A CB  1 
ATOM   1048 O OG1 . THR A 1 132 ? -8.873  -14.307 3.025   1.00 21.73 ? 283 THR A OG1 1 
ATOM   1049 C CG2 . THR A 1 132 ? -7.787  -14.130 5.180   1.00 19.93 ? 283 THR A CG2 1 
ATOM   1050 N N   . ASP A 1 133 ? -6.272  -14.454 0.603   1.00 22.19 ? 284 ASP A N   1 
ATOM   1051 C CA  . ASP A 1 133 ? -6.013  -15.146 -0.673  1.00 22.53 ? 284 ASP A CA  1 
ATOM   1052 C C   . ASP A 1 133 ? -4.724  -15.948 -0.578  1.00 22.15 ? 284 ASP A C   1 
ATOM   1053 O O   . ASP A 1 133 ? -3.679  -15.372 -0.285  1.00 21.91 ? 284 ASP A O   1 
ATOM   1054 C CB  . ASP A 1 133 ? -5.907  -14.134 -1.834  1.00 22.84 ? 284 ASP A CB  1 
ATOM   1055 C CG  . ASP A 1 133 ? -5.551  -14.795 -3.176  1.00 24.45 ? 284 ASP A CG  1 
ATOM   1056 O OD1 . ASP A 1 133 ? -5.973  -15.941 -3.438  1.00 26.06 ? 284 ASP A OD1 1 
ATOM   1057 O OD2 . ASP A 1 133 ? -4.854  -14.153 -3.991  1.00 27.80 ? 284 ASP A OD2 1 
ATOM   1058 N N   . PRO A 1 134 ? -4.784  -17.276 -0.837  1.00 21.72 ? 285 PRO A N   1 
ATOM   1059 C CA  . PRO A 1 134 ? -3.564  -18.077 -0.710  1.00 21.44 ? 285 PRO A CA  1 
ATOM   1060 C C   . PRO A 1 134 ? -2.459  -17.625 -1.669  1.00 21.08 ? 285 PRO A C   1 
ATOM   1061 O O   . PRO A 1 134 ? -1.279  -17.840 -1.387  1.00 21.40 ? 285 PRO A O   1 
ATOM   1062 C CB  . PRO A 1 134 ? -4.027  -19.502 -1.059  1.00 21.60 ? 285 PRO A CB  1 
ATOM   1063 C CG  . PRO A 1 134 ? -5.507  -19.477 -0.944  1.00 21.76 ? 285 PRO A CG  1 
ATOM   1064 C CD  . PRO A 1 134 ? -5.941  -18.092 -1.254  1.00 21.87 ? 285 PRO A CD  1 
ATOM   1065 N N   . SER A 1 135 ? -2.846  -16.996 -2.780  1.00 21.02 ? 286 SER A N   1 
ATOM   1066 C CA  A SER A 1 135 ? -1.881  -16.539 -3.781  0.50 20.51 ? 286 SER A CA  1 
ATOM   1067 C CA  B SER A 1 135 ? -1.884  -16.537 -3.783  0.50 20.47 ? 286 SER A CA  1 
ATOM   1068 C C   . SER A 1 135 ? -1.401  -15.102 -3.550  1.00 20.16 ? 286 SER A C   1 
ATOM   1069 O O   . SER A 1 135 ? -0.626  -14.565 -4.352  1.00 19.38 ? 286 SER A O   1 
ATOM   1070 C CB  A SER A 1 135 ? -2.450  -16.698 -5.196  0.50 20.83 ? 286 SER A CB  1 
ATOM   1071 C CB  B SER A 1 135 ? -2.448  -16.698 -5.202  0.50 20.78 ? 286 SER A CB  1 
ATOM   1072 O OG  A SER A 1 135 ? -2.537  -18.068 -5.560  0.50 21.06 ? 286 SER A OG  1 
ATOM   1073 O OG  B SER A 1 135 ? -3.710  -16.065 -5.348  0.50 20.74 ? 286 SER A OG  1 
ATOM   1074 N N   . TYR A 1 136 ? -1.841  -14.484 -2.450  1.00 19.58 ? 287 TYR A N   1 
ATOM   1075 C CA  . TYR A 1 136 ? -1.478  -13.081 -2.180  1.00 19.22 ? 287 TYR A CA  1 
ATOM   1076 C C   . TYR A 1 136 ? 0.024   -12.822 -2.194  1.00 18.77 ? 287 TYR A C   1 
ATOM   1077 O O   . TYR A 1 136 ? 0.483   -11.867 -2.832  1.00 18.17 ? 287 TYR A O   1 
ATOM   1078 C CB  . TYR A 1 136 ? -2.101  -12.534 -0.879  1.00 19.44 ? 287 TYR A CB  1 
ATOM   1079 C CG  . TYR A 1 136 ? -1.899  -11.032 -0.748  1.00 19.64 ? 287 TYR A CG  1 
ATOM   1080 C CD1 . TYR A 1 136 ? -2.676  -10.140 -1.491  1.00 19.08 ? 287 TYR A CD1 1 
ATOM   1081 C CD2 . TYR A 1 136 ? -0.909  -10.509 0.086   1.00 19.71 ? 287 TYR A CD2 1 
ATOM   1082 C CE1 . TYR A 1 136 ? -2.484  -8.763  -1.398  1.00 20.62 ? 287 TYR A CE1 1 
ATOM   1083 C CE2 . TYR A 1 136 ? -0.709  -9.131  0.188   1.00 20.03 ? 287 TYR A CE2 1 
ATOM   1084 C CZ  . TYR A 1 136 ? -1.505  -8.268  -0.553  1.00 20.30 ? 287 TYR A CZ  1 
ATOM   1085 O OH  . TYR A 1 136 ? -1.324  -6.904  -0.469  1.00 21.27 ? 287 TYR A OH  1 
ATOM   1086 N N   . ALA A 1 137 ? 0.786   -13.672 -1.506  1.00 18.55 ? 288 ALA A N   1 
ATOM   1087 C CA  . ALA A 1 137 ? 2.233   -13.507 -1.424  1.00 18.29 ? 288 ALA A CA  1 
ATOM   1088 C C   . ALA A 1 137 ? 2.898   -13.603 -2.795  1.00 18.18 ? 288 ALA A C   1 
ATOM   1089 O O   . ALA A 1 137 ? 3.767   -12.800 -3.124  1.00 17.31 ? 288 ALA A O   1 
ATOM   1090 C CB  . ALA A 1 137 ? 2.848   -14.508 -0.436  1.00 18.91 ? 288 ALA A CB  1 
ATOM   1091 N N   . ASP A 1 138 ? 2.457   -14.569 -3.600  1.00 17.83 ? 289 ASP A N   1 
ATOM   1092 C CA  . ASP A 1 138 ? 2.977   -14.743 -4.952  1.00 18.06 ? 289 ASP A CA  1 
ATOM   1093 C C   . ASP A 1 138 ? 2.675   -13.527 -5.825  1.00 17.68 ? 289 ASP A C   1 
ATOM   1094 O O   . ASP A 1 138 ? 3.548   -13.042 -6.544  1.00 17.78 ? 289 ASP A O   1 
ATOM   1095 C CB  . ASP A 1 138 ? 2.390   -15.998 -5.603  1.00 18.06 ? 289 ASP A CB  1 
ATOM   1096 C CG  . ASP A 1 138 ? 3.018   -17.284 -5.089  1.00 20.66 ? 289 ASP A CG  1 
ATOM   1097 O OD1 . ASP A 1 138 ? 4.049   -17.232 -4.378  1.00 21.84 ? 289 ASP A OD1 1 
ATOM   1098 O OD2 . ASP A 1 138 ? 2.467   -18.360 -5.409  1.00 22.43 ? 289 ASP A OD2 1 
ATOM   1099 N N   . LYS A 1 139 ? 1.435   -13.049 -5.753  1.00 17.23 ? 290 LYS A N   1 
ATOM   1100 C CA  . LYS A 1 139 ? 1.002   -11.904 -6.562  1.00 17.02 ? 290 LYS A CA  1 
ATOM   1101 C C   . LYS A 1 139 ? 1.725   -10.616 -6.166  1.00 16.48 ? 290 LYS A C   1 
ATOM   1102 O O   . LYS A 1 139 ? 2.180   -9.864  -7.037  1.00 15.86 ? 290 LYS A O   1 
ATOM   1103 C CB  . LYS A 1 139 ? -0.510  -11.730 -6.478  1.00 17.46 ? 290 LYS A CB  1 
ATOM   1104 C CG  . LYS A 1 139 ? -1.277  -12.840 -7.180  1.00 19.08 ? 290 LYS A CG  1 
ATOM   1105 C CD  . LYS A 1 139 ? -2.753  -12.724 -6.887  1.00 21.44 ? 290 LYS A CD  1 
ATOM   1106 C CE  . LYS A 1 139 ? -3.515  -13.916 -7.440  1.00 23.39 ? 290 LYS A CE  1 
ATOM   1107 N NZ  . LYS A 1 139 ? -4.883  -13.959 -6.860  1.00 23.76 ? 290 LYS A NZ  1 
ATOM   1108 N N   . LEU A 1 140 ? 1.863   -10.374 -4.862  1.00 15.53 ? 291 LEU A N   1 
ATOM   1109 C CA  . LEU A 1 140 ? 2.569   -9.178  -4.399  1.00 14.82 ? 291 LEU A CA  1 
ATOM   1110 C C   . LEU A 1 140 ? 4.064   -9.237  -4.674  1.00 14.75 ? 291 LEU A C   1 
ATOM   1111 O O   . LEU A 1 140 ? 4.667   -8.247  -5.105  1.00 14.36 ? 291 LEU A O   1 
ATOM   1112 C CB  . LEU A 1 140 ? 2.290   -8.904  -2.909  1.00 14.79 ? 291 LEU A CB  1 
ATOM   1113 C CG  . LEU A 1 140 ? 2.950   -7.663  -2.290  1.00 14.44 ? 291 LEU A CG  1 
ATOM   1114 C CD1 . LEU A 1 140 ? 2.671   -6.391  -3.102  1.00 14.85 ? 291 LEU A CD1 1 
ATOM   1115 C CD2 . LEU A 1 140 ? 2.493   -7.491  -0.850  1.00 14.35 ? 291 LEU A CD2 1 
ATOM   1116 N N   . ALA A 1 141 ? 4.666   -10.397 -4.430  1.00 14.68 ? 292 ALA A N   1 
ATOM   1117 C CA  . ALA A 1 141 ? 6.087   -10.602 -4.741  1.00 15.31 ? 292 ALA A CA  1 
ATOM   1118 C C   . ALA A 1 141 ? 6.362   -10.349 -6.232  1.00 15.29 ? 292 ALA A C   1 
ATOM   1119 O O   . ALA A 1 141 ? 7.378   -9.747  -6.583  1.00 15.09 ? 292 ALA A O   1 
ATOM   1120 C CB  . ALA A 1 141 ? 6.539   -11.999 -4.328  1.00 15.09 ? 292 ALA A CB  1 
ATOM   1121 N N   . ARG A 1 142 ? 5.445   -10.788 -7.098  1.00 15.75 ? 293 ARG A N   1 
ATOM   1122 C CA  . ARG A 1 142 ? 5.593   -10.559 -8.536  1.00 16.84 ? 293 ARG A CA  1 
ATOM   1123 C C   . ARG A 1 142 ? 5.670   -9.060  -8.881  1.00 15.85 ? 293 ARG A C   1 
ATOM   1124 O O   . ARG A 1 142 ? 6.458   -8.659  -9.736  1.00 15.79 ? 293 ARG A O   1 
ATOM   1125 C CB  . ARG A 1 142 ? 4.477   -11.250 -9.340  1.00 16.80 ? 293 ARG A CB  1 
ATOM   1126 C CG  . ARG A 1 142 ? 4.806   -11.363 -10.833 1.00 19.06 ? 293 ARG A CG  1 
ATOM   1127 C CD  . ARG A 1 142 ? 3.678   -12.005 -11.644 1.00 20.53 ? 293 ARG A CD  1 
ATOM   1128 N NE  . ARG A 1 142 ? 4.106   -12.237 -13.028 1.00 28.14 ? 293 ARG A NE  1 
ATOM   1129 C CZ  . ARG A 1 142 ? 3.285   -12.459 -14.052 1.00 31.11 ? 293 ARG A CZ  1 
ATOM   1130 N NH1 . ARG A 1 142 ? 3.783   -12.655 -15.271 1.00 32.63 ? 293 ARG A NH1 1 
ATOM   1131 N NH2 . ARG A 1 142 ? 1.970   -12.482 -13.864 1.00 32.69 ? 293 ARG A NH2 1 
ATOM   1132 N N   . VAL A 1 143 ? 4.863   -8.238  -8.212  1.00 15.53 ? 294 VAL A N   1 
ATOM   1133 C CA  . VAL A 1 143 ? 4.905   -6.792  -8.440  1.00 15.17 ? 294 VAL A CA  1 
ATOM   1134 C C   . VAL A 1 143 ? 6.211   -6.206  -7.882  1.00 14.90 ? 294 VAL A C   1 
ATOM   1135 O O   . VAL A 1 143 ? 6.879   -5.401  -8.546  1.00 14.55 ? 294 VAL A O   1 
ATOM   1136 C CB  . VAL A 1 143 ? 3.663   -6.050  -7.849  1.00 15.07 ? 294 VAL A CB  1 
ATOM   1137 C CG1 . VAL A 1 143 ? 3.756   -4.542  -8.093  1.00 15.31 ? 294 VAL A CG1 1 
ATOM   1138 C CG2 . VAL A 1 143 ? 2.368   -6.584  -8.451  1.00 15.68 ? 294 VAL A CG2 1 
ATOM   1139 N N   . ILE A 1 144 ? 6.568   -6.626  -6.669  1.00 14.80 ? 295 ILE A N   1 
ATOM   1140 C CA  . ILE A 1 144 ? 7.766   -6.133  -5.993  1.00 15.07 ? 295 ILE A CA  1 
ATOM   1141 C C   . ILE A 1 144 ? 9.035   -6.371  -6.819  1.00 16.03 ? 295 ILE A C   1 
ATOM   1142 O O   . ILE A 1 144 ? 9.885   -5.482  -6.933  1.00 16.88 ? 295 ILE A O   1 
ATOM   1143 C CB  . ILE A 1 144 ? 7.912   -6.747  -4.577  1.00 14.70 ? 295 ILE A CB  1 
ATOM   1144 C CG1 . ILE A 1 144 ? 6.832   -6.177  -3.645  1.00 13.85 ? 295 ILE A CG1 1 
ATOM   1145 C CG2 . ILE A 1 144 ? 9.307   -6.470  -3.999  1.00 13.81 ? 295 ILE A CG2 1 
ATOM   1146 C CD1 . ILE A 1 144 ? 6.782   -6.823  -2.257  1.00 14.76 ? 295 ILE A CD1 1 
ATOM   1147 N N   . ASN A 1 145 ? 9.130   -7.572  -7.387  1.00 16.86 ? 296 ASN A N   1 
ATOM   1148 C CA  . ASN A 1 145 ? 10.300  -8.039  -8.130  1.00 17.45 ? 296 ASN A CA  1 
ATOM   1149 C C   . ASN A 1 145 ? 10.221  -7.780  -9.641  1.00 17.86 ? 296 ASN A C   1 
ATOM   1150 O O   . ASN A 1 145 ? 11.162  -8.084  -10.372 1.00 17.76 ? 296 ASN A O   1 
ATOM   1151 C CB  . ASN A 1 145 ? 10.518  -9.535  -7.856  1.00 17.81 ? 296 ASN A CB  1 
ATOM   1152 C CG  . ASN A 1 145 ? 10.838  -9.829  -6.382  1.00 17.77 ? 296 ASN A CG  1 
ATOM   1153 O OD1 . ASN A 1 145 ? 10.413  -10.851 -5.832  1.00 19.94 ? 296 ASN A OD1 1 
ATOM   1154 N ND2 . ASN A 1 145 ? 11.584  -8.932  -5.746  1.00 17.72 ? 296 ASN A ND2 1 
ATOM   1155 N N   . GLY A 1 146 ? 9.117   -7.185  -10.089 1.00 17.86 ? 297 GLY A N   1 
ATOM   1156 C CA  . GLY A 1 146 ? 8.826   -7.042  -11.521 1.00 18.13 ? 297 GLY A CA  1 
ATOM   1157 C C   . GLY A 1 146 ? 9.507   -5.875  -12.211 1.00 18.61 ? 297 GLY A C   1 
ATOM   1158 O O   . GLY A 1 146 ? 9.884   -4.885  -11.566 1.00 18.15 ? 297 GLY A O   1 
ATOM   1159 N N   . ASN A 1 147 ? 9.650   -6.000  -13.532 1.00 18.78 ? 298 ASN A N   1 
ATOM   1160 C CA  A ASN A 1 147 ? 10.280  -4.977  -14.363 0.50 18.98 ? 298 ASN A CA  1 
ATOM   1161 C CA  B ASN A 1 147 ? 10.295  -4.962  -14.322 0.50 19.03 ? 298 ASN A CA  1 
ATOM   1162 C C   . ASN A 1 147 ? 9.439   -3.708  -14.451 1.00 18.78 ? 298 ASN A C   1 
ATOM   1163 O O   . ASN A 1 147 ? 9.979   -2.613  -14.583 1.00 19.15 ? 298 ASN A O   1 
ATOM   1164 C CB  A ASN A 1 147 ? 10.549  -5.517  -15.775 0.50 19.31 ? 298 ASN A CB  1 
ATOM   1165 C CB  B ASN A 1 147 ? 10.696  -5.479  -15.704 0.50 19.41 ? 298 ASN A CB  1 
ATOM   1166 C CG  A ASN A 1 147 ? 11.586  -6.631  -15.796 0.50 19.66 ? 298 ASN A CG  1 
ATOM   1167 C CG  B ASN A 1 147 ? 11.646  -4.538  -16.421 0.50 19.97 ? 298 ASN A CG  1 
ATOM   1168 O OD1 A ASN A 1 147 ? 12.638  -6.540  -15.160 0.50 20.99 ? 298 ASN A OD1 1 
ATOM   1169 O OD1 B ASN A 1 147 ? 12.674  -4.130  -15.871 0.50 21.03 ? 298 ASN A OD1 1 
ATOM   1170 N ND2 A ASN A 1 147 ? 11.294  -7.686  -16.543 0.50 19.96 ? 298 ASN A ND2 1 
ATOM   1171 N ND2 B ASN A 1 147 ? 11.305  -4.181  -17.652 0.50 20.69 ? 298 ASN A ND2 1 
ATOM   1172 N N   . ALA A 1 148 ? 8.115   -3.870  -14.395 1.00 18.33 ? 299 ALA A N   1 
ATOM   1173 C CA  . ALA A 1 148 ? 7.192   -2.732  -14.473 1.00 18.03 ? 299 ALA A CA  1 
ATOM   1174 C C   . ALA A 1 148 ? 7.480   -1.740  -13.353 1.00 17.81 ? 299 ALA A C   1 
ATOM   1175 O O   . ALA A 1 148 ? 7.686   -0.553  -13.611 1.00 18.04 ? 299 ALA A O   1 
ATOM   1176 C CB  . ALA A 1 148 ? 5.745   -3.192  -14.410 1.00 18.33 ? 299 ALA A CB  1 
ATOM   1177 N N   . LEU A 1 149 ? 7.504   -2.236  -12.115 1.00 16.87 ? 300 LEU A N   1 
ATOM   1178 C CA  . LEU A 1 149 ? 7.848   -1.400  -10.967 1.00 16.18 ? 300 LEU A CA  1 
ATOM   1179 C C   . LEU A 1 149 ? 9.281   -0.873  -11.050 1.00 16.38 ? 300 LEU A C   1 
ATOM   1180 O O   . LEU A 1 149 ? 9.512   0.316   -10.833 1.00 15.43 ? 300 LEU A O   1 
ATOM   1181 C CB  . LEU A 1 149 ? 7.643   -2.151  -9.643  1.00 16.33 ? 300 LEU A CB  1 
ATOM   1182 C CG  . LEU A 1 149 ? 7.914   -1.331  -8.372  1.00 16.24 ? 300 LEU A CG  1 
ATOM   1183 C CD1 . LEU A 1 149 ? 7.014   -0.101  -8.281  1.00 16.28 ? 300 LEU A CD1 1 
ATOM   1184 C CD2 . LEU A 1 149 ? 7.785   -2.188  -7.117  1.00 16.22 ? 300 LEU A CD2 1 
ATOM   1185 N N   . ARG A 1 150 ? 10.238  -1.747  -11.362 1.00 16.46 ? 301 ARG A N   1 
ATOM   1186 C CA  . ARG A 1 150 ? 11.638  -1.324  -11.467 1.00 16.88 ? 301 ARG A CA  1 
ATOM   1187 C C   . ARG A 1 150 ? 11.825  -0.109  -12.394 1.00 16.23 ? 301 ARG A C   1 
ATOM   1188 O O   . ARG A 1 150 ? 12.466  0.871   -12.014 1.00 15.89 ? 301 ARG A O   1 
ATOM   1189 C CB  . ARG A 1 150 ? 12.518  -2.488  -11.919 1.00 17.57 ? 301 ARG A CB  1 
ATOM   1190 C CG  . ARG A 1 150 ? 14.011  -2.185  -11.922 1.00 20.56 ? 301 ARG A CG  1 
ATOM   1191 C CD  . ARG A 1 150 ? 14.852  -3.470  -11.848 1.00 26.31 ? 301 ARG A CD  1 
ATOM   1192 N NE  . ARG A 1 150 ? 14.201  -4.628  -12.474 1.00 29.92 ? 301 ARG A NE  1 
ATOM   1193 C CZ  . ARG A 1 150 ? 13.631  -5.635  -11.805 1.00 31.29 ? 301 ARG A CZ  1 
ATOM   1194 N NH1 . ARG A 1 150 ? 13.626  -5.651  -10.474 1.00 32.01 ? 301 ARG A NH1 1 
ATOM   1195 N NH2 . ARG A 1 150 ? 13.058  -6.632  -12.470 1.00 31.23 ? 301 ARG A NH2 1 
ATOM   1196 N N   . GLN A 1 151 ? 11.243  -0.172  -13.591 1.00 15.82 ? 302 GLN A N   1 
ATOM   1197 C CA  A GLN A 1 151 ? 11.350  0.903   -14.584 0.50 15.86 ? 302 GLN A CA  1 
ATOM   1198 C CA  B GLN A 1 151 ? 11.400  0.916   -14.551 0.50 15.74 ? 302 GLN A CA  1 
ATOM   1199 C C   . GLN A 1 151 ? 10.743  2.211   -14.072 1.00 15.26 ? 302 GLN A C   1 
ATOM   1200 O O   . GLN A 1 151 ? 11.294  3.297   -14.272 1.00 14.80 ? 302 GLN A O   1 
ATOM   1201 C CB  A GLN A 1 151 ? 10.671  0.483   -15.890 0.50 15.98 ? 302 GLN A CB  1 
ATOM   1202 C CB  B GLN A 1 151 ? 10.911  0.504   -15.940 0.50 16.20 ? 302 GLN A CB  1 
ATOM   1203 C CG  A GLN A 1 151 ? 11.389  -0.650  -16.629 0.50 16.96 ? 302 GLN A CG  1 
ATOM   1204 C CG  B GLN A 1 151 ? 11.729  -0.640  -16.571 0.50 17.61 ? 302 GLN A CG  1 
ATOM   1205 C CD  A GLN A 1 151 ? 10.561  -1.257  -17.754 0.50 17.14 ? 302 GLN A CD  1 
ATOM   1206 C CD  B GLN A 1 151 ? 13.229  -0.366  -16.614 0.50 19.70 ? 302 GLN A CD  1 
ATOM   1207 O OE1 A GLN A 1 151 ? 9.445   -0.814  -18.041 0.50 19.28 ? 302 GLN A OE1 1 
ATOM   1208 O OE1 B GLN A 1 151 ? 13.673  0.692   -17.065 0.50 21.64 ? 302 GLN A OE1 1 
ATOM   1209 N NE2 A GLN A 1 151 ? 11.107  -2.284  -18.395 0.50 19.24 ? 302 GLN A NE2 1 
ATOM   1210 N NE2 B GLN A 1 151 ? 14.018  -1.331  -16.149 0.50 20.96 ? 302 GLN A NE2 1 
ATOM   1211 N N   . ARG A 1 152 ? 9.591   2.097   -13.415 1.00 14.09 ? 303 ARG A N   1 
ATOM   1212 C CA  . ARG A 1 152 ? 8.912   3.272   -12.876 1.00 13.75 ? 303 ARG A CA  1 
ATOM   1213 C C   . ARG A 1 152 ? 9.672   3.900   -11.703 1.00 13.15 ? 303 ARG A C   1 
ATOM   1214 O O   . ARG A 1 152 ? 9.704   5.120   -11.567 1.00 13.12 ? 303 ARG A O   1 
ATOM   1215 C CB  . ARG A 1 152 ? 7.470   2.940   -12.490 1.00 13.38 ? 303 ARG A CB  1 
ATOM   1216 C CG  . ARG A 1 152 ? 6.600   2.709   -13.719 1.00 13.87 ? 303 ARG A CG  1 
ATOM   1217 C CD  . ARG A 1 152 ? 5.233   2.174   -13.364 1.00 16.93 ? 303 ARG A CD  1 
ATOM   1218 N NE  . ARG A 1 152 ? 4.470   1.922   -14.586 1.00 16.87 ? 303 ARG A NE  1 
ATOM   1219 C CZ  . ARG A 1 152 ? 3.637   0.901   -14.761 1.00 18.40 ? 303 ARG A CZ  1 
ATOM   1220 N NH1 . ARG A 1 152 ? 3.443   0.012   -13.794 1.00 18.13 ? 303 ARG A NH1 1 
ATOM   1221 N NH2 . ARG A 1 152 ? 3.003   0.769   -15.916 1.00 18.79 ? 303 ARG A NH2 1 
ATOM   1222 N N   . LEU A 1 153 ? 10.297  3.072   -10.871 1.00 12.80 ? 304 LEU A N   1 
ATOM   1223 C CA  . LEU A 1 153 ? 11.118  3.606   -9.780  1.00 12.66 ? 304 LEU A CA  1 
ATOM   1224 C C   . LEU A 1 153 ? 12.324  4.372   -10.326 1.00 12.76 ? 304 LEU A C   1 
ATOM   1225 O O   . LEU A 1 153 ? 12.647  5.450   -9.835  1.00 12.62 ? 304 LEU A O   1 
ATOM   1226 C CB  . LEU A 1 153 ? 11.560  2.505   -8.812  1.00 12.90 ? 304 LEU A CB  1 
ATOM   1227 C CG  . LEU A 1 153 ? 10.471  1.800   -7.984  1.00 13.94 ? 304 LEU A CG  1 
ATOM   1228 C CD1 . LEU A 1 153 ? 11.049  0.555   -7.312  1.00 15.82 ? 304 LEU A CD1 1 
ATOM   1229 C CD2 . LEU A 1 153 ? 9.847   2.737   -6.958  1.00 14.82 ? 304 LEU A CD2 1 
ATOM   1230 N N   . MET A 1 154 ? 12.980  3.810   -11.341 1.00 13.11 ? 305 MET A N   1 
ATOM   1231 C CA  A MET A 1 154 ? 14.106  4.472   -12.003 0.50 14.11 ? 305 MET A CA  1 
ATOM   1232 C CA  B MET A 1 154 ? 14.114  4.483   -11.968 0.50 13.48 ? 305 MET A CA  1 
ATOM   1233 C C   . MET A 1 154 ? 13.676  5.805   -12.610 1.00 13.53 ? 305 MET A C   1 
ATOM   1234 O O   . MET A 1 154 ? 14.327  6.836   -12.414 1.00 13.68 ? 305 MET A O   1 
ATOM   1235 C CB  A MET A 1 154 ? 14.686  3.570   -13.090 0.50 13.76 ? 305 MET A CB  1 
ATOM   1236 C CB  B MET A 1 154 ? 14.825  3.560   -12.970 0.50 13.65 ? 305 MET A CB  1 
ATOM   1237 C CG  A MET A 1 154 ? 15.422  2.358   -12.558 0.50 14.93 ? 305 MET A CG  1 
ATOM   1238 C CG  B MET A 1 154 ? 15.418  2.286   -12.337 0.50 15.02 ? 305 MET A CG  1 
ATOM   1239 S SD  A MET A 1 154 ? 15.876  1.242   -13.889 0.50 17.31 ? 305 MET A SD  1 
ATOM   1240 S SD  B MET A 1 154 ? 16.486  2.571   -10.897 0.50 19.46 ? 305 MET A SD  1 
ATOM   1241 C CE  A MET A 1 154 ? 16.834  2.316   -14.963 0.50 17.42 ? 305 MET A CE  1 
ATOM   1242 C CE  B MET A 1 154 ? 18.021  3.062   -11.679 0.50 18.97 ? 305 MET A CE  1 
ATOM   1243 N N   . ALA A 1 155 ? 12.560  5.780   -13.342 1.00 13.29 ? 306 ALA A N   1 
ATOM   1244 C CA  . ALA A 1 155 ? 12.009  6.993   -13.948 1.00 12.65 ? 306 ALA A CA  1 
ATOM   1245 C C   . ALA A 1 155 ? 11.675  8.055   -12.909 1.00 12.39 ? 306 ALA A C   1 
ATOM   1246 O O   . ALA A 1 155 ? 11.798  9.240   -13.189 1.00 12.08 ? 306 ALA A O   1 
ATOM   1247 C CB  . ALA A 1 155 ? 10.769  6.671   -14.788 1.00 13.30 ? 306 ALA A CB  1 
ATOM   1248 N N   . SER A 1 156 ? 11.285  7.628   -11.707 1.00 11.50 ? 307 SER A N   1 
ATOM   1249 C CA  A SER A 1 156 ? 10.878  8.544   -10.644 0.50 11.95 ? 307 SER A CA  1 
ATOM   1250 C CA  B SER A 1 156 ? 10.878  8.562   -10.656 0.50 11.59 ? 307 SER A CA  1 
ATOM   1251 C C   . SER A 1 156 ? 12.060  9.304   -10.027 1.00 11.62 ? 307 SER A C   1 
ATOM   1252 O O   . SER A 1 156 ? 11.904  10.425  -9.548  1.00 11.52 ? 307 SER A O   1 
ATOM   1253 C CB  A SER A 1 156 ? 10.125  7.769   -9.555  0.50 12.07 ? 307 SER A CB  1 
ATOM   1254 C CB  B SER A 1 156 ? 10.062  7.846   -9.569  0.50 11.62 ? 307 SER A CB  1 
ATOM   1255 O OG  A SER A 1 156 ? 9.646   8.631   -8.543  0.50 13.26 ? 307 SER A OG  1 
ATOM   1256 O OG  B SER A 1 156 ? 10.898  7.142   -8.665  0.50 10.74 ? 307 SER A OG  1 
ATOM   1257 N N   . ALA A 1 157 ? 13.236  8.681   -10.041 1.00 11.92 ? 308 ALA A N   1 
ATOM   1258 C CA  . ALA A 1 157 ? 14.428  9.239   -9.371  1.00 12.34 ? 308 ALA A CA  1 
ATOM   1259 C C   . ALA A 1 157 ? 14.969  10.515  -10.014 1.00 12.89 ? 308 ALA A C   1 
ATOM   1260 O O   . ALA A 1 157 ? 14.949  10.658  -11.238 1.00 13.09 ? 308 ALA A O   1 
ATOM   1261 C CB  . ALA A 1 157 ? 15.535  8.183   -9.278  1.00 12.46 ? 308 ALA A CB  1 
ATOM   1262 N N   . ALA A 1 158 ? 15.463  11.435  -9.185  1.00 12.25 ? 309 ALA A N   1 
ATOM   1263 C CA  . ALA A 1 158 ? 16.039  12.697  -9.676  1.00 12.27 ? 309 ALA A CA  1 
ATOM   1264 C C   . ALA A 1 158 ? 17.392  12.487  -10.352 1.00 12.31 ? 309 ALA A C   1 
ATOM   1265 O O   . ALA A 1 158 ? 17.814  13.311  -11.163 1.00 11.90 ? 309 ALA A O   1 
ATOM   1266 C CB  . ALA A 1 158 ? 16.168  13.718  -8.535  1.00 12.72 ? 309 ALA A CB  1 
ATOM   1267 N N   . SER A 1 159 ? 18.062  11.392  -9.997  1.00 12.64 ? 310 SER A N   1 
ATOM   1268 C CA  . SER A 1 159 ? 19.404  11.097  -10.510 1.00 13.62 ? 310 SER A CA  1 
ATOM   1269 C C   . SER A 1 159 ? 19.498  9.725   -11.179 1.00 14.40 ? 310 SER A C   1 
ATOM   1270 O O   . SER A 1 159 ? 18.646  8.852   -10.964 1.00 13.17 ? 310 SER A O   1 
ATOM   1271 C CB  . SER A 1 159 ? 20.435  11.177  -9.380  1.00 13.92 ? 310 SER A CB  1 
ATOM   1272 O OG  . SER A 1 159 ? 20.276  10.088  -8.492  1.00 13.59 ? 310 SER A OG  1 
ATOM   1273 N N   . ALA A 1 160 ? 20.551  9.543   -11.980 1.00 15.76 ? 311 ALA A N   1 
ATOM   1274 C CA  . ALA A 1 160 ? 20.859  8.248   -12.606 1.00 18.26 ? 311 ALA A CA  1 
ATOM   1275 C C   . ALA A 1 160 ? 22.347  8.153   -12.922 1.00 19.88 ? 311 ALA A C   1 
ATOM   1276 O O   . ALA A 1 160 ? 23.005  9.166   -13.144 1.00 20.14 ? 311 ALA A O   1 
ATOM   1277 C CB  . ALA A 1 160 ? 20.059  8.066   -13.882 1.00 18.12 ? 311 ALA A CB  1 
ATOM   1278 N N   . ARG A 1 161 ? 22.871  6.935   -12.973 1.00 22.39 ? 312 ARG A N   1 
ATOM   1279 C CA  . ARG A 1 161 ? 24.286  6.747   -13.275 1.00 24.26 ? 312 ARG A CA  1 
ATOM   1280 C C   . ARG A 1 161 ? 24.512  6.248   -14.690 1.00 25.62 ? 312 ARG A C   1 
ATOM   1281 O O   . ARG A 1 161 ? 23.776  5.385   -15.177 1.00 25.56 ? 312 ARG A O   1 
ATOM   1282 C CB  . ARG A 1 161 ? 24.920  5.796   -12.267 1.00 24.42 ? 312 ARG A CB  1 
ATOM   1283 C CG  . ARG A 1 161 ? 25.025  6.409   -10.894 1.00 25.49 ? 312 ARG A CG  1 
ATOM   1284 C CD  . ARG A 1 161 ? 25.337  5.380   -9.856  1.00 28.46 ? 312 ARG A CD  1 
ATOM   1285 N NE  . ARG A 1 161 ? 25.130  5.935   -8.522  1.00 28.90 ? 312 ARG A NE  1 
ATOM   1286 C CZ  . ARG A 1 161 ? 25.463  5.320   -7.394  1.00 29.69 ? 312 ARG A CZ  1 
ATOM   1287 N NH1 . ARG A 1 161 ? 26.031  4.118   -7.427  1.00 30.34 ? 312 ARG A NH1 1 
ATOM   1288 N NH2 . ARG A 1 161 ? 25.233  5.911   -6.234  1.00 28.16 ? 312 ARG A NH2 1 
ATOM   1289 N N   . GLY A 1 162 ? 25.538  6.800   -15.338 1.00 27.32 ? 313 GLY A N   1 
ATOM   1290 C CA  . GLY A 1 162 ? 25.963  6.350   -16.659 1.00 29.46 ? 313 GLY A CA  1 
ATOM   1291 C C   . GLY A 1 162 ? 26.513  4.935   -16.607 1.00 31.01 ? 313 GLY A C   1 
ATOM   1292 O O   . GLY A 1 162 ? 26.990  4.479   -15.561 1.00 30.77 ? 313 GLY A O   1 
ATOM   1293 N N   . LEU A 1 163 ? 26.439  4.239   -17.739 1.00 32.66 ? 314 LEU A N   1 
ATOM   1294 C CA  . LEU A 1 163 ? 26.887  2.846   -17.819 1.00 34.47 ? 314 LEU A CA  1 
ATOM   1295 C C   . LEU A 1 163 ? 28.407  2.726   -17.658 1.00 35.31 ? 314 LEU A C   1 
ATOM   1296 O O   . LEU A 1 163 ? 28.907  1.689   -17.216 1.00 35.72 ? 314 LEU A O   1 
ATOM   1297 C CB  . LEU A 1 163 ? 26.380  2.173   -19.110 1.00 34.54 ? 314 LEU A CB  1 
ATOM   1298 C CG  . LEU A 1 163 ? 27.050  2.292   -20.488 1.00 35.11 ? 314 LEU A CG  1 
ATOM   1299 C CD1 . LEU A 1 163 ? 26.179  1.598   -21.531 1.00 34.87 ? 314 LEU A CD1 1 
ATOM   1300 C CD2 . LEU A 1 163 ? 27.335  3.729   -20.917 1.00 36.51 ? 314 LEU A CD2 1 
ATOM   1301 N N   . GLU A 1 164 ? 29.126  3.798   -17.995 1.00 36.28 ? 315 GLU A N   1 
ATOM   1302 C CA  . GLU A 1 164 ? 30.579  3.861   -17.828 1.00 37.08 ? 315 GLU A CA  1 
ATOM   1303 C C   . GLU A 1 164 ? 30.943  4.986   -16.863 1.00 37.25 ? 315 GLU A C   1 
ATOM   1304 O O   . GLU A 1 164 ? 32.119  5.199   -16.548 1.00 37.61 ? 315 GLU A O   1 
ATOM   1305 C CB  . GLU A 1 164 ? 31.280  4.084   -19.175 1.00 37.36 ? 315 GLU A CB  1 
ATOM   1306 C CG  . GLU A 1 164 ? 30.938  3.060   -20.258 1.00 38.32 ? 315 GLU A CG  1 
ATOM   1307 C CD  . GLU A 1 164 ? 31.744  1.769   -20.181 1.00 39.65 ? 315 GLU A CD  1 
ATOM   1308 O OE1 . GLU A 1 164 ? 32.732  1.701   -19.414 1.00 39.93 ? 315 GLU A OE1 1 
ATOM   1309 O OE2 . GLU A 1 164 ? 31.385  0.815   -20.909 1.00 39.88 ? 315 GLU A OE2 1 
HETATM 1310 P P   . PO4 B 2 .   ? 3.147   4.551   -17.203 1.00 26.93 ? 401 PO4 A P   1 
HETATM 1311 O O1  . PO4 B 2 .   ? 4.457   4.082   -16.609 1.00 26.01 ? 401 PO4 A O1  1 
HETATM 1312 O O2  . PO4 B 2 .   ? 3.307   4.636   -18.705 1.00 27.26 ? 401 PO4 A O2  1 
HETATM 1313 O O3  . PO4 B 2 .   ? 2.073   3.536   -16.890 1.00 27.80 ? 401 PO4 A O3  1 
HETATM 1314 O O4  . PO4 B 2 .   ? 2.744   5.898   -16.647 1.00 23.21 ? 401 PO4 A O4  1 
HETATM 1315 O O   . HOH C 3 .   ? 13.659  -11.147 4.451   1.00 15.83 ? 501 HOH A O   1 
HETATM 1316 O O   . HOH C 3 .   ? 12.845  0.620   -2.098  1.00 18.65 ? 502 HOH A O   1 
HETATM 1317 O O   . HOH C 3 .   ? -4.099  3.129   5.467   1.00 13.64 ? 503 HOH A O   1 
HETATM 1318 O O   . HOH C 3 .   ? -13.456 -4.167  13.827  0.50 9.01  ? 504 HOH A O   1 
HETATM 1319 O O   . HOH C 3 .   ? -4.864  2.961   2.844   1.00 13.22 ? 505 HOH A O   1 
HETATM 1320 O O   . HOH C 3 .   ? 12.293  -9.034  -3.227  1.00 19.53 ? 506 HOH A O   1 
HETATM 1321 O O   . HOH C 3 .   ? -13.690 -1.500  19.099  1.00 15.37 ? 507 HOH A O   1 
HETATM 1322 O O   . HOH C 3 .   ? 16.338  15.658  -11.915 1.00 10.16 ? 508 HOH A O   1 
HETATM 1323 O O   . HOH C 3 .   ? 6.442   -4.812  -11.360 1.00 15.25 ? 509 HOH A O   1 
HETATM 1324 O O   . HOH C 3 .   ? -15.274 -5.179  16.991  1.00 14.24 ? 510 HOH A O   1 
HETATM 1325 O O   . HOH C 3 .   ? 3.964   -5.015  14.141  1.00 17.13 ? 511 HOH A O   1 
HETATM 1326 O O   . HOH C 3 .   ? -8.339  2.651   13.750  1.00 13.35 ? 512 HOH A O   1 
HETATM 1327 O O   . HOH C 3 .   ? 1.022   -9.919  -9.480  1.00 20.33 ? 513 HOH A O   1 
HETATM 1328 O O   . HOH C 3 .   ? 6.474   -5.367  11.929  1.00 15.91 ? 514 HOH A O   1 
HETATM 1329 O O   . HOH C 3 .   ? 0.392   12.804  -0.060  1.00 20.60 ? 515 HOH A O   1 
HETATM 1330 O O   . HOH C 3 .   ? -10.850 -0.943  11.874  1.00 14.16 ? 516 HOH A O   1 
HETATM 1331 O O   . HOH C 3 .   ? -6.255  0.814   13.255  1.00 19.30 ? 517 HOH A O   1 
HETATM 1332 O O   . HOH C 3 .   ? -2.205  12.957  -1.317  1.00 20.07 ? 518 HOH A O   1 
HETATM 1333 O O   . HOH C 3 .   ? -2.941  -2.751  17.018  1.00 23.53 ? 519 HOH A O   1 
HETATM 1334 O O   . HOH C 3 .   ? -2.354  -19.281 2.647   1.00 17.30 ? 520 HOH A O   1 
HETATM 1335 O O   . HOH C 3 .   ? 10.953  -4.406  -9.042  1.00 21.29 ? 521 HOH A O   1 
HETATM 1336 O O   . HOH C 3 .   ? 7.034   5.099   -16.717 1.00 20.77 ? 522 HOH A O   1 
HETATM 1337 O O   . HOH C 3 .   ? -16.037 2.399   11.503  1.00 22.04 ? 523 HOH A O   1 
HETATM 1338 O O   . HOH C 3 .   ? 14.868  16.874  -9.818  1.00 19.28 ? 524 HOH A O   1 
HETATM 1339 O O   . HOH C 3 .   ? -7.478  -2.282  13.285  1.00 20.92 ? 525 HOH A O   1 
HETATM 1340 O O   . HOH C 3 .   ? -4.122  2.400   12.628  1.00 18.88 ? 526 HOH A O   1 
HETATM 1341 O O   . HOH C 3 .   ? 2.171   -2.622  -14.729 1.00 35.44 ? 527 HOH A O   1 
HETATM 1342 O O   . HOH C 3 .   ? 10.625  -12.069 -3.254  1.00 17.32 ? 528 HOH A O   1 
HETATM 1343 O O   . HOH C 3 .   ? 7.721   -13.868 6.357   1.00 22.01 ? 529 HOH A O   1 
HETATM 1344 O O   . HOH C 3 .   ? 7.962   -1.807  13.394  1.00 24.93 ? 530 HOH A O   1 
HETATM 1345 O O   . HOH C 3 .   ? 2.132   6.909   11.550  1.00 26.26 ? 531 HOH A O   1 
HETATM 1346 O O   . HOH C 3 .   ? -3.857  6.457   12.594  1.00 25.28 ? 532 HOH A O   1 
HETATM 1347 O O   . HOH C 3 .   ? 1.140   -16.850 -2.394  1.00 20.17 ? 533 HOH A O   1 
HETATM 1348 O O   . HOH C 3 .   ? -5.479  15.834  -0.182  1.00 24.02 ? 534 HOH A O   1 
HETATM 1349 O O   . HOH C 3 .   ? 22.191  8.196   -8.732  1.00 26.35 ? 535 HOH A O   1 
HETATM 1350 O O   . HOH C 3 .   ? -15.955 2.197   18.893  1.00 16.43 ? 536 HOH A O   1 
HETATM 1351 O O   . HOH C 3 .   ? 9.636   7.551   9.070   1.00 31.29 ? 537 HOH A O   1 
HETATM 1352 O O   . HOH C 3 .   ? -15.695 -2.826  7.638   1.00 18.60 ? 538 HOH A O   1 
HETATM 1353 O O   . HOH C 3 .   ? 11.175  -15.918 0.597   1.00 30.87 ? 539 HOH A O   1 
HETATM 1354 O O   . HOH C 3 .   ? 12.912  3.898   -16.464 1.00 18.86 ? 540 HOH A O   1 
HETATM 1355 O O   . HOH C 3 .   ? -18.148 -5.974  7.653   1.00 33.77 ? 541 HOH A O   1 
HETATM 1356 O O   . HOH C 3 .   ? 9.599   11.908  -10.229 1.00 25.31 ? 542 HOH A O   1 
HETATM 1357 O O   . HOH C 3 .   ? -17.708 -2.458  9.685   1.00 22.96 ? 543 HOH A O   1 
HETATM 1358 O O   . HOH C 3 .   ? 10.078  -8.529  12.564  1.00 21.09 ? 544 HOH A O   1 
HETATM 1359 O O   . HOH C 3 .   ? 6.941   -2.892  11.062  1.00 25.75 ? 545 HOH A O   1 
HETATM 1360 O O   . HOH C 3 .   ? 8.540   -12.923 -7.304  1.00 22.38 ? 546 HOH A O   1 
HETATM 1361 O O   . HOH C 3 .   ? 1.314   5.373   15.848  1.00 28.45 ? 547 HOH A O   1 
HETATM 1362 O O   . HOH C 3 .   ? 11.136  8.742   -6.268  1.00 33.88 ? 548 HOH A O   1 
HETATM 1363 O O   . HOH C 3 .   ? 12.802  -9.658  9.790   1.00 26.35 ? 549 HOH A O   1 
HETATM 1364 O O   . HOH C 3 .   ? 6.870   0.976   14.214  1.00 37.92 ? 550 HOH A O   1 
HETATM 1365 O O   . HOH C 3 .   ? 8.262   -10.293 -11.068 1.00 28.24 ? 551 HOH A O   1 
HETATM 1366 O O   . HOH C 3 .   ? 12.497  12.640  -8.259  1.00 22.52 ? 552 HOH A O   1 
HETATM 1367 O O   . HOH C 3 .   ? -18.892 8.986   0.799   1.00 30.57 ? 553 HOH A O   1 
HETATM 1368 O O   . HOH C 3 .   ? 6.567   -6.294  -14.475 1.00 25.87 ? 554 HOH A O   1 
HETATM 1369 O O   . HOH C 3 .   ? -5.047  -11.616 -4.057  1.00 34.19 ? 555 HOH A O   1 
HETATM 1370 O O   . HOH C 3 .   ? 15.076  -5.042  -1.205  1.00 37.87 ? 556 HOH A O   1 
HETATM 1371 O O   . HOH C 3 .   ? 5.292   6.662   8.703   1.00 36.00 ? 557 HOH A O   1 
HETATM 1372 O O   . HOH C 3 .   ? -18.996 12.327  -0.221  1.00 27.24 ? 558 HOH A O   1 
HETATM 1373 O O   . HOH C 3 .   ? 2.834   -8.424  -11.408 1.00 33.02 ? 559 HOH A O   1 
HETATM 1374 O O   . HOH C 3 .   ? -8.880  2.134   -2.491  1.00 26.27 ? 560 HOH A O   1 
HETATM 1375 O O   . HOH C 3 .   ? -10.759 9.646   14.361  1.00 27.49 ? 561 HOH A O   1 
HETATM 1376 O O   . HOH C 3 .   ? 14.889  -11.059 -2.411  1.00 38.86 ? 562 HOH A O   1 
HETATM 1377 O O   . HOH C 3 .   ? -19.972 6.193   1.516   1.00 31.05 ? 563 HOH A O   1 
HETATM 1378 O O   . HOH C 3 .   ? 5.751   -14.392 -7.295  1.00 28.81 ? 564 HOH A O   1 
HETATM 1379 O O   . HOH C 3 .   ? 3.797   -5.720  -12.020 1.00 27.08 ? 565 HOH A O   1 
HETATM 1380 O O   . HOH C 3 .   ? 5.387   -4.018  16.061  1.00 34.95 ? 566 HOH A O   1 
HETATM 1381 O O   . HOH C 3 .   ? 9.179   -8.463  -14.792 1.00 26.38 ? 567 HOH A O   1 
HETATM 1382 O O   . HOH C 3 .   ? -7.451  14.461  -4.714  1.00 25.54 ? 568 HOH A O   1 
HETATM 1383 O O   . HOH C 3 .   ? -10.464 10.198  8.370   1.00 25.90 ? 569 HOH A O   1 
HETATM 1384 O O   . HOH C 3 .   ? 3.781   -5.190  17.888  1.00 27.88 ? 570 HOH A O   1 
HETATM 1385 O O   . HOH C 3 .   ? 0.401   -12.426 -10.717 1.00 37.31 ? 571 HOH A O   1 
HETATM 1386 O O   . HOH C 3 .   ? 14.615  -11.759 -5.549  1.00 42.72 ? 572 HOH A O   1 
HETATM 1387 O O   . HOH C 3 .   ? -17.128 9.316   2.852   1.00 34.27 ? 573 HOH A O   1 
HETATM 1388 O O   . HOH C 3 .   ? 3.249   -10.738 10.897  1.00 29.25 ? 574 HOH A O   1 
HETATM 1389 O O   . HOH C 3 .   ? 27.323  8.880   -14.003 1.00 28.61 ? 575 HOH A O   1 
HETATM 1390 O O   . HOH C 3 .   ? -6.700  4.818   13.064  1.00 21.84 ? 576 HOH A O   1 
HETATM 1391 O O   . HOH C 3 .   ? -0.235  -17.949 4.862   1.00 35.16 ? 577 HOH A O   1 
HETATM 1392 O O   . HOH C 3 .   ? -11.911 -2.697  15.360  1.00 25.94 ? 578 HOH A O   1 
HETATM 1393 O O   . HOH C 3 .   ? -5.075  -7.836  10.163  1.00 26.57 ? 579 HOH A O   1 
HETATM 1394 O O   . HOH C 3 .   ? -7.301  -18.352 2.562   1.00 23.35 ? 580 HOH A O   1 
HETATM 1395 O O   . HOH C 3 .   ? 0.648   -12.928 13.402  1.00 32.40 ? 581 HOH A O   1 
HETATM 1396 O O   . HOH C 3 .   ? 7.074   -9.637  -13.589 1.00 49.28 ? 582 HOH A O   1 
HETATM 1397 O O   . HOH C 3 .   ? 10.992  -13.354 10.937  1.00 53.54 ? 583 HOH A O   1 
HETATM 1398 O O   . HOH C 3 .   ? -6.329  -18.100 -5.062  1.00 45.12 ? 584 HOH A O   1 
HETATM 1399 O O   . HOH C 3 .   ? -17.890 9.422   7.573   1.00 27.02 ? 585 HOH A O   1 
HETATM 1400 O O   . HOH C 3 .   ? 0.415   15.284  0.932   1.00 32.00 ? 586 HOH A O   1 
HETATM 1401 O O   . HOH C 3 .   ? -5.873  10.056  -5.320  1.00 35.87 ? 587 HOH A O   1 
HETATM 1402 O O   . HOH C 3 .   ? 4.601   2.966   12.633  1.00 35.12 ? 588 HOH A O   1 
HETATM 1403 O O   . HOH C 3 .   ? -11.633 11.037  1.547   1.00 24.26 ? 589 HOH A O   1 
HETATM 1404 O O   . HOH C 3 .   ? -2.641  15.364  5.039   1.00 36.14 ? 590 HOH A O   1 
HETATM 1405 O O   . HOH C 3 .   ? 6.322   -16.354 11.060  1.00 31.70 ? 591 HOH A O   1 
HETATM 1406 O O   . HOH C 3 .   ? -25.175 -3.716  -6.332  1.00 35.16 ? 592 HOH A O   1 
HETATM 1407 O O   . HOH C 3 .   ? -19.671 0.898   -4.759  1.00 43.13 ? 593 HOH A O   1 
HETATM 1408 O O   . HOH C 3 .   ? 13.367  1.441   4.977   1.00 41.46 ? 594 HOH A O   1 
HETATM 1409 O O   . HOH C 3 .   ? 0.640   -5.184  -11.716 1.00 36.17 ? 595 HOH A O   1 
HETATM 1410 O O   . HOH C 3 .   ? -14.867 -6.979  -4.701  1.00 47.91 ? 596 HOH A O   1 
HETATM 1411 O O   . HOH C 3 .   ? -0.784  -19.767 0.436   1.00 26.83 ? 597 HOH A O   1 
HETATM 1412 O O   . HOH C 3 .   ? 7.173   0.285   -16.414 1.00 27.95 ? 598 HOH A O   1 
HETATM 1413 O O   . HOH C 3 .   ? -9.918  15.378  -1.930  1.00 29.17 ? 599 HOH A O   1 
HETATM 1414 O O   . HOH C 3 .   ? -5.241  -5.401  11.051  1.00 26.63 ? 600 HOH A O   1 
HETATM 1415 O O   . HOH C 3 .   ? -16.918 -0.874  -5.040  1.00 40.33 ? 601 HOH A O   1 
HETATM 1416 O O   . HOH C 3 .   ? -15.364 3.937   -5.263  1.00 34.71 ? 602 HOH A O   1 
HETATM 1417 O O   . HOH C 3 .   ? 8.755   -12.603 -9.964  1.00 44.99 ? 603 HOH A O   1 
HETATM 1418 O O   . HOH C 3 .   ? -6.186  -11.631 -7.725  1.00 45.51 ? 604 HOH A O   1 
HETATM 1419 O O   . HOH C 3 .   ? -15.929 10.975  11.940  1.00 49.99 ? 605 HOH A O   1 
HETATM 1420 O O   . HOH C 3 .   ? 14.363  6.139   -16.353 1.00 29.69 ? 606 HOH A O   1 
HETATM 1421 O O   . HOH C 3 .   ? -3.408  8.882   9.502   1.00 32.36 ? 607 HOH A O   1 
HETATM 1422 O O   . HOH C 3 .   ? 9.831   -14.357 -4.720  1.00 33.92 ? 608 HOH A O   1 
HETATM 1423 O O   . HOH C 3 .   ? -12.062 13.783  1.363   1.00 42.41 ? 609 HOH A O   1 
HETATM 1424 O O   . HOH C 3 .   ? -2.156  10.907  10.673  1.00 42.71 ? 610 HOH A O   1 
HETATM 1425 O O   . HOH C 3 .   ? -4.050  -4.734  -9.360  1.00 28.41 ? 611 HOH A O   1 
HETATM 1426 O O   . HOH C 3 .   ? 12.520  -15.424 -6.222  1.00 54.01 ? 612 HOH A O   1 
HETATM 1427 O O   . HOH C 3 .   ? -17.695 8.391   -6.133  1.00 56.33 ? 613 HOH A O   1 
HETATM 1428 O O   . HOH C 3 .   ? 14.025  -4.247  6.072   1.00 34.25 ? 614 HOH A O   1 
HETATM 1429 O O   . HOH C 3 .   ? 14.501  -10.669 7.904   1.00 36.75 ? 615 HOH A O   1 
HETATM 1430 O O   . HOH C 3 .   ? 2.945   15.671  0.138   1.00 42.60 ? 616 HOH A O   1 
HETATM 1431 O O   . HOH C 3 .   ? 5.145   -15.161 13.931  1.00 50.31 ? 617 HOH A O   1 
HETATM 1432 O O   . HOH C 3 .   ? -4.393  -19.940 -5.181  1.00 33.98 ? 618 HOH A O   1 
HETATM 1433 O O   . HOH C 3 .   ? -11.897 -3.665  17.696  1.00 33.89 ? 619 HOH A O   1 
HETATM 1434 O O   . HOH C 3 .   ? 10.652  -16.977 -2.422  1.00 49.48 ? 620 HOH A O   1 
HETATM 1435 O O   . HOH C 3 .   ? -7.632  -12.045 -0.427  1.00 35.17 ? 621 HOH A O   1 
HETATM 1436 O O   . HOH C 3 .   ? -17.564 0.654   10.636  1.00 35.50 ? 622 HOH A O   1 
HETATM 1437 O O   . HOH C 3 .   ? -2.054  8.011   11.649  1.00 36.53 ? 623 HOH A O   1 
HETATM 1438 O O   . HOH C 3 .   ? -14.655 11.090  15.018  1.00 41.43 ? 624 HOH A O   1 
HETATM 1439 O O   . HOH C 3 .   ? 7.777   -14.347 9.211   1.00 42.93 ? 625 HOH A O   1 
HETATM 1440 O O   . HOH C 3 .   ? -13.286 -8.572  -6.111  1.00 46.47 ? 626 HOH A O   1 
HETATM 1441 O O   . HOH C 3 .   ? -20.070 -0.278  -10.719 1.00 39.41 ? 627 HOH A O   1 
HETATM 1442 O O   . HOH C 3 .   ? -0.106  -5.783  -14.540 1.00 45.93 ? 628 HOH A O   1 
HETATM 1443 O O   . HOH C 3 .   ? 12.755  2.539   -18.638 1.00 44.72 ? 629 HOH A O   1 
HETATM 1444 O O   . HOH C 3 .   ? -9.340  -18.823 0.748   1.00 28.46 ? 630 HOH A O   1 
HETATM 1445 O O   . HOH C 3 .   ? -3.833  -9.654  -5.355  1.00 35.38 ? 631 HOH A O   1 
HETATM 1446 O O   . HOH C 3 .   ? -0.618  -12.959 15.956  1.00 37.26 ? 632 HOH A O   1 
HETATM 1447 O O   . HOH C 3 .   ? -8.823  9.726   10.767  1.00 29.35 ? 633 HOH A O   1 
HETATM 1448 O O   . HOH C 3 .   ? 1.666   -14.694 -9.319  1.00 33.01 ? 634 HOH A O   1 
HETATM 1449 O O   . HOH C 3 .   ? -17.370 4.099   -7.079  1.00 33.59 ? 635 HOH A O   1 
HETATM 1450 O O   . HOH C 3 .   ? 8.240   2.741   -16.776 1.00 44.33 ? 636 HOH A O   1 
HETATM 1451 O O   . HOH C 3 .   ? 2.184   -17.971 1.262   1.00 28.82 ? 637 HOH A O   1 
HETATM 1452 O O   . HOH C 3 .   ? -12.959 -4.910  19.557  1.00 27.40 ? 638 HOH A O   1 
HETATM 1453 O O   . HOH C 3 .   ? 10.078  -15.287 6.468   1.00 46.67 ? 639 HOH A O   1 
HETATM 1454 O O   . HOH C 3 .   ? -10.788 -6.641  17.054  1.00 37.75 ? 640 HOH A O   1 
HETATM 1455 O O   . HOH C 3 .   ? -13.279 -7.196  16.070  1.00 23.18 ? 641 HOH A O   1 
HETATM 1456 O O   . HOH C 3 .   ? -19.784 -13.126 -5.006  1.00 41.64 ? 642 HOH A O   1 
HETATM 1457 O O   . HOH C 3 .   ? -1.490  -5.566  -2.214  1.00 31.82 ? 643 HOH A O   1 
HETATM 1458 O O   . HOH C 3 .   ? -2.179  4.320   -14.636 1.00 31.29 ? 644 HOH A O   1 
HETATM 1459 O O   . HOH C 3 .   ? 7.092   7.230   -18.204 1.00 27.60 ? 645 HOH A O   1 
HETATM 1460 O O   . HOH C 3 .   ? 10.326  3.354   -17.992 1.00 40.16 ? 646 HOH A O   1 
HETATM 1461 O O   . HOH C 3 .   ? 3.640   12.684  -2.309  1.00 44.08 ? 647 HOH A O   1 
HETATM 1462 O O   . HOH C 3 .   ? -4.707  -9.500  -7.622  1.00 40.05 ? 648 HOH A O   1 
HETATM 1463 O O   . HOH C 3 .   ? -2.377  -10.120 -9.418  1.00 33.41 ? 649 HOH A O   1 
HETATM 1464 O O   . HOH C 3 .   ? -17.054 13.367  1.393   1.00 59.90 ? 650 HOH A O   1 
HETATM 1465 O O   . HOH C 3 .   ? -15.846 -6.713  2.057   1.00 38.78 ? 651 HOH A O   1 
HETATM 1466 O O   . HOH C 3 .   ? -2.982  15.439  -0.651  1.00 31.67 ? 652 HOH A O   1 
HETATM 1467 O O   . HOH C 3 .   ? 5.561   2.073   16.259  1.00 41.33 ? 653 HOH A O   1 
HETATM 1468 O O   . HOH C 3 .   ? -6.111  -5.450  17.692  1.00 43.40 ? 654 HOH A O   1 
HETATM 1469 O O   . HOH C 3 .   ? -3.660  -6.143  20.654  1.00 34.99 ? 655 HOH A O   1 
HETATM 1470 O O   . HOH C 3 .   ? 7.006   -17.200 5.973   1.00 41.79 ? 656 HOH A O   1 
HETATM 1471 O O   . HOH C 3 .   ? 9.004   -17.931 7.522   1.00 38.61 ? 657 HOH A O   1 
HETATM 1472 O O   . HOH C 3 .   ? 6.196   -18.002 8.961   1.00 39.39 ? 658 HOH A O   1 
HETATM 1473 O O   . HOH C 3 .   ? 0.036   -16.147 0.035   1.00 24.54 ? 659 HOH A O   1 
HETATM 1474 O O   . HOH C 3 .   ? -8.730  -11.561 1.871   1.00 26.80 ? 660 HOH A O   1 
HETATM 1475 O O   . HOH C 3 .   ? -11.684 -19.928 0.908   1.00 26.10 ? 661 HOH A O   1 
HETATM 1476 O O   . HOH C 3 .   ? 16.818  6.569   -14.328 1.00 30.06 ? 662 HOH A O   1 
HETATM 1477 O O   . HOH C 3 .   ? -6.153  8.779   9.809   1.00 43.48 ? 663 HOH A O   1 
HETATM 1478 O O   . HOH C 3 .   ? 0.396   8.576   12.618  1.00 51.98 ? 664 HOH A O   1 
HETATM 1479 O O   . HOH C 3 .   ? 16.572  -6.025  7.739   1.00 41.93 ? 665 HOH A O   1 
HETATM 1480 O O   . HOH C 3 .   ? 8.494   11.397  -5.854  1.00 34.08 ? 666 HOH A O   1 
HETATM 1481 O O   . HOH C 3 .   ? 9.427   13.175  -4.025  1.00 32.85 ? 667 HOH A O   1 
HETATM 1482 O O   . HOH C 3 .   ? 4.181   7.537   5.593   1.00 30.83 ? 668 HOH A O   1 
HETATM 1483 O O   . HOH C 3 .   ? 2.825   9.566   5.325   1.00 34.09 ? 669 HOH A O   1 
HETATM 1484 O O   . HOH C 3 .   ? 13.803  10.099  5.798   1.00 39.27 ? 670 HOH A O   1 
HETATM 1485 O O   . HOH C 3 .   ? 15.259  -1.671  4.240   1.00 42.60 ? 671 HOH A O   1 
HETATM 1486 O O   . HOH C 3 .   ? -8.204  -3.877  -7.280  1.00 44.28 ? 672 HOH A O   1 
HETATM 1487 O O   . HOH C 3 .   ? -3.207  -3.257  -13.164 1.00 46.73 ? 673 HOH A O   1 
HETATM 1488 O O   . HOH C 3 .   ? -0.709  -11.166 17.937  1.00 39.88 ? 674 HOH A O   1 
HETATM 1489 O O   . HOH C 3 .   ? -0.625  -3.160  -14.481 1.00 47.33 ? 675 HOH A O   1 
HETATM 1490 O O   . HOH C 3 .   ? -0.159  -0.340  -15.567 1.00 46.21 ? 676 HOH A O   1 
HETATM 1491 O O   . HOH C 3 .   ? -5.600  -1.023  15.436  1.00 23.11 ? 677 HOH A O   1 
HETATM 1492 O O   . HOH C 3 .   ? -5.605  -3.478  15.171  1.00 26.35 ? 678 HOH A O   1 
HETATM 1493 O O   . HOH C 3 .   ? -4.689  -5.491  13.839  1.00 26.87 ? 679 HOH A O   1 
HETATM 1494 O O   . HOH C 3 .   ? -3.550  -5.000  18.260  1.00 32.90 ? 680 HOH A O   1 
HETATM 1495 O O   . HOH C 3 .   ? -2.405  -7.683  16.952  1.00 24.54 ? 681 HOH A O   1 
HETATM 1496 O O   . HOH C 3 .   ? 2.977   5.136   13.792  1.00 26.24 ? 682 HOH A O   1 
HETATM 1497 O O   . HOH C 3 .   ? -9.600  -16.196 0.841   1.00 30.00 ? 683 HOH A O   1 
HETATM 1498 O O   . HOH C 3 .   ? -12.179 2.054   -11.527 1.00 42.58 ? 684 HOH A O   1 
# 
